data_6TGF
#
_entry.id   6TGF
#
_cell.length_a   100.179
_cell.length_b   97.196
_cell.length_c   128.949
_cell.angle_alpha   90.000
_cell.angle_beta   106.400
_cell.angle_gamma   90.000
#
_symmetry.space_group_name_H-M   'P 1 21 1'
#
loop_
_entity.id
_entity.type
_entity.pdbx_description
1 polymer 'Exopolysaccharide biosynthesis protein'
2 non-polymer 'TETRAETHYLENE GLYCOL'
3 non-polymer 1,2-ETHANEDIOL
4 water water
#
_entity_poly.entity_id   1
_entity_poly.type   'polypeptide(L)'
_entity_poly.pdbx_seq_one_letter_code
;MKRREVLQTAASALVGALSVSTFSSYAAKNTGLALKSVDATAIPKGDVPILTPENVYAMPPQFWQNFQGKLWIGRAGSDA
RQPGNQIPVFLRDANGNLAQITQPITLNKGNFDQFVKDNAALIANPSHAMALEDSNGQTVFNIPDVSQPGQAAFSQRLAQ
PAGYQLIGEIPSVDDLRKTRPLFEGAKIKLKSWHPGLEVGGGEFVGSFQPAQDDQGVIFSGDGFHWRRVVDDYNRLSLFD
FGAIADGKTDSAPAIKAMYQWSQQSDQPICVQFPAGTFFVTGCDFGEEQRRFFRISGAMVNFGYFPATTIVSDGQSPFVF
EVSARWVEISNLIFNGNTDTKPNRQGLLRNTCPGGQFFRGACLRFNNVGGTALSLLDTLDCKIDQWYASACTGDVIQAGW
SGQKKGNWDHSTAIELSNFNAQHCKGGKVLNLPRCSQSLIHNGWIEHCDNPGDISNGQWIIDALSLEDCKNPLIAWHSRL
NTRQTNLQSGSWIDNSEQGDRWLSAWEMGSTRVESYGVAIDGSLKYNYLTSRWLLENNTSQPVWYELANLYSPTVGDSWE
IEVFGQSQFNNGTDSEPLMNLIDGRNTGGRAVIHVQRKKDHAEASWSAEGSSPVLDVRYVAKTDTDTQVFIRLAGWTPSA
AIMIKSTAKDRFVTGRCARVDAKMAKATPDSGSHAAPQRFSLHNGKAGVGANEQGDLLLASRALSADNVDTRKPEGFVSV
VINGKTVALPYFAIKA
;
_entity_poly.pdbx_strand_id   F,D,E
#
# COMPACT_ATOMS: atom_id res chain seq x y z
N VAL A 38 19.36 -74.53 -19.37
CA VAL A 38 20.45 -73.60 -19.84
C VAL A 38 21.12 -72.98 -18.59
N ASP A 39 22.39 -72.61 -18.72
CA ASP A 39 23.29 -72.31 -17.56
C ASP A 39 23.45 -70.79 -17.38
N ALA A 40 24.26 -70.39 -16.39
CA ALA A 40 24.46 -69.00 -15.92
C ALA A 40 25.11 -68.14 -16.99
N THR A 41 26.32 -68.52 -17.44
CA THR A 41 27.15 -67.76 -18.41
C THR A 41 26.84 -68.25 -19.84
N ALA A 42 25.64 -68.76 -20.07
CA ALA A 42 25.04 -69.01 -21.41
C ALA A 42 24.15 -67.82 -21.80
N ILE A 43 24.13 -66.77 -20.98
CA ILE A 43 23.37 -65.50 -21.20
C ILE A 43 24.31 -64.49 -21.87
N PRO A 44 23.95 -63.93 -23.04
CA PRO A 44 24.74 -62.87 -23.66
C PRO A 44 25.07 -61.68 -22.74
N LYS A 45 26.27 -61.11 -22.91
CA LYS A 45 26.76 -59.89 -22.22
C LYS A 45 25.74 -58.75 -22.39
N GLY A 46 25.26 -58.19 -21.28
CA GLY A 46 24.41 -56.98 -21.25
C GLY A 46 22.92 -57.29 -21.31
N ASP A 47 22.54 -58.58 -21.24
CA ASP A 47 21.12 -59.00 -21.17
C ASP A 47 20.58 -58.69 -19.77
N VAL A 48 19.35 -58.18 -19.69
CA VAL A 48 18.69 -57.71 -18.44
C VAL A 48 17.25 -58.22 -18.40
N PRO A 49 16.62 -58.32 -17.20
CA PRO A 49 15.17 -58.58 -17.12
C PRO A 49 14.38 -57.49 -17.84
N ILE A 50 13.66 -57.86 -18.91
CA ILE A 50 12.86 -56.91 -19.74
C ILE A 50 11.39 -56.92 -19.29
N LEU A 51 10.94 -58.01 -18.66
CA LEU A 51 9.55 -58.17 -18.15
C LEU A 51 9.55 -58.96 -16.83
N THR A 52 8.82 -58.46 -15.84
CA THR A 52 8.67 -59.03 -14.47
C THR A 52 7.19 -59.06 -14.10
N PRO A 53 6.80 -59.66 -12.95
CA PRO A 53 5.40 -59.68 -12.53
C PRO A 53 4.73 -58.29 -12.49
N GLU A 54 5.53 -57.24 -12.21
CA GLU A 54 5.07 -55.82 -12.18
C GLU A 54 4.42 -55.44 -13.51
N ASN A 55 4.92 -55.98 -14.62
CA ASN A 55 4.40 -55.74 -15.99
C ASN A 55 3.01 -56.39 -16.14
N VAL A 56 2.76 -57.49 -15.43
CA VAL A 56 1.44 -58.19 -15.41
C VAL A 56 0.46 -57.37 -14.57
N TYR A 57 0.92 -56.84 -13.44
CA TYR A 57 0.12 -56.02 -12.49
C TYR A 57 -0.25 -54.67 -13.14
N ALA A 58 0.65 -54.11 -13.96
CA ALA A 58 0.59 -52.73 -14.48
C ALA A 58 -0.26 -52.63 -15.76
N MET A 59 -0.93 -53.72 -16.16
CA MET A 59 -1.89 -53.74 -17.30
C MET A 59 -3.29 -54.04 -16.77
N PRO A 60 -4.37 -53.59 -17.45
CA PRO A 60 -5.71 -53.65 -16.89
C PRO A 60 -6.17 -55.07 -16.54
N PRO A 61 -6.98 -55.26 -15.48
CA PRO A 61 -7.46 -56.59 -15.08
C PRO A 61 -8.11 -57.39 -16.22
N GLN A 62 -8.84 -56.71 -17.10
CA GLN A 62 -9.50 -57.29 -18.31
C GLN A 62 -8.46 -58.04 -19.16
N PHE A 63 -7.27 -57.47 -19.33
CA PHE A 63 -6.17 -58.02 -20.16
C PHE A 63 -5.63 -59.30 -19.51
N TRP A 64 -5.19 -59.22 -18.25
CA TRP A 64 -4.68 -60.38 -17.46
C TRP A 64 -5.61 -61.58 -17.66
N GLN A 65 -6.91 -61.40 -17.39
CA GLN A 65 -7.90 -62.50 -17.23
C GLN A 65 -8.35 -63.05 -18.59
N ASN A 66 -8.55 -62.19 -19.60
CA ASN A 66 -9.27 -62.53 -20.84
C ASN A 66 -8.31 -62.75 -22.02
N PHE A 67 -7.23 -61.94 -22.12
CA PHE A 67 -6.31 -61.92 -23.28
C PHE A 67 -5.70 -63.31 -23.49
N GLN A 68 -5.67 -63.75 -24.77
CA GLN A 68 -4.93 -64.94 -25.27
C GLN A 68 -4.23 -64.53 -26.57
N GLY A 69 -2.90 -64.71 -26.64
CA GLY A 69 -2.11 -64.24 -27.80
C GLY A 69 -0.69 -64.81 -27.81
N LYS A 70 0.17 -64.17 -28.62
CA LYS A 70 1.55 -64.62 -28.95
C LYS A 70 2.50 -63.43 -28.80
N LEU A 71 3.51 -63.52 -27.94
CA LEU A 71 4.51 -62.44 -27.70
C LEU A 71 5.83 -62.80 -28.39
N TRP A 72 6.39 -61.85 -29.15
CA TRP A 72 7.69 -61.96 -29.86
C TRP A 72 8.69 -60.94 -29.29
N ILE A 73 9.81 -61.41 -28.74
CA ILE A 73 10.99 -60.59 -28.39
C ILE A 73 12.03 -60.78 -29.50
N GLY A 74 12.26 -59.74 -30.30
CA GLY A 74 13.04 -59.82 -31.56
C GLY A 74 14.23 -58.88 -31.58
N ARG A 75 15.07 -59.06 -32.60
CA ARG A 75 16.25 -58.22 -32.94
C ARG A 75 15.79 -56.78 -33.17
N ALA A 76 16.54 -55.80 -32.67
CA ALA A 76 16.22 -54.35 -32.77
C ALA A 76 16.37 -53.88 -34.22
N GLY A 77 15.44 -53.03 -34.68
CA GLY A 77 15.46 -52.39 -36.01
C GLY A 77 14.74 -53.21 -37.06
N SER A 78 13.71 -53.96 -36.68
CA SER A 78 12.94 -54.86 -37.58
C SER A 78 11.72 -55.44 -36.83
N ASP A 79 10.74 -55.97 -37.59
CA ASP A 79 9.53 -56.65 -37.05
C ASP A 79 9.96 -57.98 -36.42
N ALA A 80 9.62 -58.20 -35.15
CA ALA A 80 10.07 -59.34 -34.32
C ALA A 80 9.35 -60.64 -34.73
N ARG A 81 8.22 -60.54 -35.44
CA ARG A 81 7.41 -61.70 -35.92
C ARG A 81 8.06 -62.30 -37.17
N GLN A 82 8.88 -61.52 -37.88
CA GLN A 82 9.46 -61.89 -39.20
C GLN A 82 10.53 -62.96 -38.99
N PRO A 83 10.87 -63.75 -40.05
CA PRO A 83 11.82 -64.85 -39.91
C PRO A 83 13.25 -64.42 -39.56
N GLY A 84 13.89 -65.15 -38.63
CA GLY A 84 15.26 -64.93 -38.17
C GLY A 84 15.44 -63.60 -37.46
N ASN A 85 14.39 -63.13 -36.78
CA ASN A 85 14.38 -61.85 -36.02
C ASN A 85 14.29 -62.13 -34.52
N GLN A 86 13.75 -63.29 -34.12
CA GLN A 86 13.68 -63.73 -32.69
C GLN A 86 15.10 -63.81 -32.12
N ILE A 87 15.38 -63.02 -31.06
CA ILE A 87 16.64 -63.08 -30.27
C ILE A 87 16.41 -64.03 -29.10
N PRO A 88 17.49 -64.54 -28.45
CA PRO A 88 17.33 -65.42 -27.29
C PRO A 88 16.56 -64.76 -26.13
N VAL A 89 15.60 -65.48 -25.56
CA VAL A 89 14.80 -65.09 -24.36
C VAL A 89 14.91 -66.22 -23.33
N PHE A 90 15.11 -65.86 -22.06
CA PHE A 90 15.32 -66.82 -20.94
C PHE A 90 14.30 -66.54 -19.82
N LEU A 91 13.55 -67.58 -19.43
CA LEU A 91 12.66 -67.55 -18.24
C LEU A 91 13.52 -67.79 -16.99
N ARG A 92 13.38 -66.94 -15.97
CA ARG A 92 14.12 -67.04 -14.69
C ARG A 92 13.12 -67.07 -13.52
N ASP A 93 13.07 -68.20 -12.80
CA ASP A 93 12.28 -68.40 -11.56
C ASP A 93 12.95 -67.63 -10.42
N ALA A 94 12.23 -67.37 -9.33
CA ALA A 94 12.73 -66.76 -8.08
C ALA A 94 13.84 -67.63 -7.48
N ASN A 95 13.75 -68.94 -7.67
CA ASN A 95 14.76 -69.95 -7.25
C ASN A 95 16.10 -69.64 -7.91
N GLY A 96 16.10 -69.40 -9.22
CA GLY A 96 17.31 -69.13 -10.03
C GLY A 96 17.38 -69.96 -11.29
N ASN A 97 16.28 -70.61 -11.69
CA ASN A 97 16.11 -71.26 -13.02
C ASN A 97 16.52 -70.27 -14.11
N LEU A 98 17.21 -70.75 -15.15
CA LEU A 98 17.65 -69.95 -16.33
C LEU A 98 17.47 -70.78 -17.60
N ALA A 99 16.25 -71.25 -17.86
CA ALA A 99 15.88 -72.05 -19.05
C ALA A 99 15.55 -71.10 -20.22
N GLN A 100 16.02 -71.44 -21.42
CA GLN A 100 15.68 -70.71 -22.68
C GLN A 100 14.27 -71.12 -23.09
N ILE A 101 13.48 -70.17 -23.60
CA ILE A 101 12.04 -70.33 -23.92
C ILE A 101 11.85 -70.09 -25.43
N THR A 102 11.15 -70.99 -26.10
CA THR A 102 10.92 -70.96 -27.57
C THR A 102 9.80 -69.96 -27.89
N GLN A 103 9.95 -69.20 -28.97
CA GLN A 103 9.01 -68.12 -29.39
C GLN A 103 8.18 -68.61 -30.56
N PRO A 104 6.93 -68.12 -30.74
CA PRO A 104 6.34 -67.11 -29.87
C PRO A 104 5.97 -67.59 -28.47
N ILE A 105 6.10 -66.70 -27.48
CA ILE A 105 5.71 -66.93 -26.06
C ILE A 105 4.18 -66.79 -25.97
N THR A 106 3.47 -67.88 -25.67
CA THR A 106 1.99 -67.93 -25.58
C THR A 106 1.54 -67.26 -24.27
N LEU A 107 0.67 -66.24 -24.37
CA LEU A 107 0.13 -65.48 -23.21
C LEU A 107 -1.32 -65.88 -22.98
N ASN A 108 -1.70 -66.02 -21.71
CA ASN A 108 -3.09 -66.34 -21.24
C ASN A 108 -3.10 -66.29 -19.71
N LYS A 109 -4.29 -66.20 -19.11
CA LYS A 109 -4.49 -66.09 -17.64
C LYS A 109 -3.63 -67.13 -16.91
N GLY A 110 -3.62 -68.37 -17.41
CA GLY A 110 -2.87 -69.50 -16.83
C GLY A 110 -1.38 -69.23 -16.77
N ASN A 111 -0.80 -68.74 -17.87
CA ASN A 111 0.66 -68.47 -18.00
C ASN A 111 1.03 -67.22 -17.19
N PHE A 112 0.15 -66.21 -17.18
CA PHE A 112 0.29 -64.97 -16.35
C PHE A 112 0.33 -65.36 -14.86
N ASP A 113 -0.71 -66.09 -14.41
CA ASP A 113 -0.84 -66.58 -13.01
C ASP A 113 0.44 -67.31 -12.61
N GLN A 114 0.97 -68.17 -13.48
CA GLN A 114 2.19 -68.99 -13.23
C GLN A 114 3.42 -68.07 -13.13
N PHE A 115 3.52 -67.09 -14.04
CA PHE A 115 4.64 -66.11 -14.11
C PHE A 115 4.70 -65.29 -12.81
N VAL A 116 3.53 -64.88 -12.30
CA VAL A 116 3.39 -64.07 -11.05
C VAL A 116 3.75 -64.94 -9.84
N LYS A 117 3.08 -66.09 -9.70
CA LYS A 117 3.28 -67.05 -8.56
C LYS A 117 4.77 -67.36 -8.40
N ASP A 118 5.47 -67.62 -9.50
CA ASP A 118 6.90 -68.06 -9.52
C ASP A 118 7.82 -66.86 -9.29
N ASN A 119 7.29 -65.63 -9.25
CA ASN A 119 8.07 -64.36 -9.21
C ASN A 119 9.17 -64.45 -10.27
N ALA A 120 8.79 -64.86 -11.48
CA ALA A 120 9.70 -65.14 -12.61
C ALA A 120 10.03 -63.84 -13.35
N ALA A 121 10.92 -63.91 -14.35
CA ALA A 121 11.36 -62.76 -15.17
C ALA A 121 11.78 -63.26 -16.56
N LEU A 122 11.57 -62.43 -17.59
CA LEU A 122 12.04 -62.67 -18.98
C LEU A 122 13.30 -61.85 -19.21
N ILE A 123 14.46 -62.52 -19.29
CA ILE A 123 15.79 -61.90 -19.56
C ILE A 123 16.05 -61.95 -21.07
N ALA A 124 16.51 -60.83 -21.63
CA ALA A 124 16.84 -60.66 -23.06
C ALA A 124 17.61 -59.34 -23.26
N ASN A 125 17.99 -59.05 -24.50
CA ASN A 125 18.72 -57.81 -24.89
C ASN A 125 17.82 -56.61 -24.59
N PRO A 126 18.28 -55.61 -23.79
CA PRO A 126 17.51 -54.38 -23.57
C PRO A 126 17.22 -53.65 -24.89
N SER A 127 18.18 -53.68 -25.83
CA SER A 127 18.01 -53.30 -27.25
C SER A 127 17.32 -54.46 -28.00
N HIS A 128 15.99 -54.39 -28.13
CA HIS A 128 15.17 -55.46 -28.78
C HIS A 128 13.93 -54.86 -29.44
N ALA A 129 13.40 -55.57 -30.43
CA ALA A 129 12.04 -55.37 -30.99
C ALA A 129 11.05 -56.21 -30.17
N MET A 130 9.82 -55.73 -29.99
CA MET A 130 8.74 -56.49 -29.33
C MET A 130 7.46 -56.38 -30.16
N ALA A 131 6.79 -57.52 -30.39
CA ALA A 131 5.52 -57.63 -31.15
C ALA A 131 4.57 -58.58 -30.40
N LEU A 132 3.31 -58.19 -30.28
CA LEU A 132 2.21 -58.97 -29.64
C LEU A 132 0.99 -58.97 -30.56
N GLU A 133 0.46 -60.16 -30.88
CA GLU A 133 -0.86 -60.33 -31.55
C GLU A 133 -1.71 -61.30 -30.72
N ASP A 134 -3.04 -61.19 -30.85
CA ASP A 134 -4.03 -61.95 -30.05
C ASP A 134 -4.20 -63.34 -30.64
N SER A 135 -5.14 -64.13 -30.11
CA SER A 135 -5.42 -65.54 -30.49
C SER A 135 -5.77 -65.64 -32.00
N ASN A 136 -6.27 -64.55 -32.59
CA ASN A 136 -6.72 -64.49 -34.01
C ASN A 136 -5.53 -64.23 -34.94
N GLY A 137 -4.77 -63.16 -34.69
CA GLY A 137 -3.70 -62.67 -35.57
C GLY A 137 -3.61 -61.14 -35.59
N GLN A 138 -4.65 -60.45 -35.12
CA GLN A 138 -4.68 -58.97 -34.95
C GLN A 138 -3.48 -58.53 -34.12
N THR A 139 -2.64 -57.65 -34.69
CA THR A 139 -1.44 -57.05 -34.04
C THR A 139 -1.89 -56.08 -32.94
N VAL A 140 -1.61 -56.41 -31.67
CA VAL A 140 -1.88 -55.54 -30.50
C VAL A 140 -0.91 -54.35 -30.59
N PHE A 141 0.39 -54.66 -30.70
CA PHE A 141 1.47 -53.67 -30.98
C PHE A 141 2.61 -54.35 -31.75
N ASN A 142 3.37 -53.55 -32.51
CA ASN A 142 4.51 -53.99 -33.37
C ASN A 142 5.61 -52.93 -33.28
N ILE A 143 6.53 -53.08 -32.33
CA ILE A 143 7.63 -52.11 -32.03
C ILE A 143 8.95 -52.71 -32.53
N PRO A 144 9.60 -52.10 -33.54
CA PRO A 144 10.86 -52.61 -34.07
C PRO A 144 12.08 -52.28 -33.21
N ASP A 145 11.99 -51.26 -32.35
CA ASP A 145 13.04 -50.88 -31.37
C ASP A 145 12.37 -50.18 -30.18
N VAL A 146 12.29 -50.87 -29.04
CA VAL A 146 11.61 -50.39 -27.79
C VAL A 146 12.38 -49.20 -27.22
N SER A 147 13.67 -49.08 -27.54
CA SER A 147 14.57 -47.99 -27.06
C SER A 147 14.27 -46.67 -27.80
N GLN A 148 13.63 -46.73 -28.97
CA GLN A 148 13.32 -45.55 -29.83
C GLN A 148 11.81 -45.41 -30.01
N PRO A 149 11.25 -44.19 -29.83
CA PRO A 149 9.85 -43.94 -30.17
C PRO A 149 9.61 -43.94 -31.69
N ILE A 167 -1.82 -48.77 -21.98
CA ILE A 167 -1.66 -47.81 -20.83
C ILE A 167 -1.51 -48.63 -19.54
N GLY A 168 -2.58 -48.78 -18.75
CA GLY A 168 -2.59 -49.56 -17.48
C GLY A 168 -2.26 -48.69 -16.28
N GLU A 169 -2.68 -49.12 -15.08
CA GLU A 169 -2.62 -48.32 -13.82
C GLU A 169 -1.67 -48.99 -12.82
N ILE A 170 -0.94 -48.17 -12.06
CA ILE A 170 0.03 -48.59 -10.99
C ILE A 170 -0.40 -47.93 -9.69
N PRO A 171 -0.50 -48.69 -8.58
CA PRO A 171 -1.11 -48.17 -7.35
C PRO A 171 -0.24 -47.19 -6.53
N SER A 172 1.09 -47.29 -6.61
CA SER A 172 2.04 -46.52 -5.77
C SER A 172 3.36 -46.25 -6.49
N VAL A 173 4.18 -45.35 -5.92
CA VAL A 173 5.56 -45.01 -6.36
C VAL A 173 6.46 -46.23 -6.14
N ASP A 174 6.33 -46.88 -4.97
CA ASP A 174 7.04 -48.14 -4.63
C ASP A 174 6.97 -49.10 -5.82
N ASP A 175 5.75 -49.35 -6.33
CA ASP A 175 5.47 -50.30 -7.44
C ASP A 175 5.96 -49.71 -8.77
N LEU A 176 5.85 -48.39 -8.96
CA LEU A 176 6.28 -47.66 -10.18
C LEU A 176 7.79 -47.82 -10.38
N ARG A 177 8.56 -47.73 -9.30
CA ARG A 177 10.06 -47.83 -9.31
C ARG A 177 10.50 -49.26 -9.64
N LYS A 178 9.59 -50.24 -9.56
CA LYS A 178 9.87 -51.68 -9.81
C LYS A 178 9.25 -52.14 -11.13
N THR A 179 8.50 -51.27 -11.82
CA THR A 179 7.79 -51.57 -13.10
C THR A 179 8.58 -51.00 -14.27
N ARG A 180 9.22 -51.87 -15.08
CA ARG A 180 10.00 -51.46 -16.28
C ARG A 180 9.02 -51.12 -17.41
N PRO A 181 9.20 -49.99 -18.14
CA PRO A 181 8.37 -49.70 -19.31
C PRO A 181 8.49 -50.77 -20.39
N LEU A 182 7.41 -51.00 -21.15
CA LEU A 182 7.38 -51.93 -22.31
C LEU A 182 8.24 -51.36 -23.44
N PHE A 183 8.28 -50.03 -23.58
CA PHE A 183 9.03 -49.30 -24.63
C PHE A 183 9.22 -47.83 -24.24
N GLU A 184 10.21 -47.19 -24.85
CA GLU A 184 10.51 -45.73 -24.70
C GLU A 184 9.28 -44.93 -25.15
N GLY A 185 8.57 -44.32 -24.20
CA GLY A 185 7.37 -43.50 -24.45
C GLY A 185 6.11 -44.15 -23.92
N ALA A 186 6.20 -45.39 -23.41
CA ALA A 186 5.08 -46.14 -22.79
C ALA A 186 4.44 -45.28 -21.71
N LYS A 187 3.13 -45.04 -21.80
CA LYS A 187 2.35 -44.19 -20.86
C LYS A 187 1.73 -45.08 -19.78
N ILE A 188 1.74 -44.60 -18.53
CA ILE A 188 1.14 -45.28 -17.35
C ILE A 188 0.42 -44.23 -16.50
N LYS A 189 -0.59 -44.64 -15.74
CA LYS A 189 -1.33 -43.79 -14.78
C LYS A 189 -0.98 -44.24 -13.35
N LEU A 190 -0.38 -43.33 -12.56
CA LEU A 190 -0.12 -43.54 -11.11
C LEU A 190 -1.35 -43.07 -10.33
N LYS A 191 -2.07 -44.01 -9.71
CA LYS A 191 -3.34 -43.74 -8.97
C LYS A 191 -3.08 -42.76 -7.82
N SER A 192 -1.93 -42.90 -7.14
CA SER A 192 -1.53 -42.08 -5.97
C SER A 192 -0.04 -42.30 -5.65
N TRP A 193 0.59 -41.32 -5.00
CA TRP A 193 2.00 -41.41 -4.53
C TRP A 193 2.13 -42.58 -3.55
N HIS A 194 1.33 -42.54 -2.48
CA HIS A 194 1.25 -43.59 -1.43
C HIS A 194 0.10 -44.55 -1.75
N PRO A 195 0.24 -45.85 -1.44
CA PRO A 195 -0.82 -46.84 -1.70
C PRO A 195 -2.22 -46.41 -1.24
N GLY A 196 -3.11 -46.14 -2.21
CA GLY A 196 -4.55 -45.89 -1.99
C GLY A 196 -4.80 -44.67 -1.11
N LEU A 197 -4.19 -43.53 -1.44
CA LEU A 197 -4.44 -42.21 -0.79
C LEU A 197 -5.11 -41.24 -1.77
N GLU A 198 -5.22 -41.61 -3.06
CA GLU A 198 -5.89 -40.81 -4.12
C GLU A 198 -5.27 -39.40 -4.21
N VAL A 199 -3.97 -39.26 -3.94
CA VAL A 199 -3.28 -37.93 -3.95
C VAL A 199 -1.83 -38.12 -4.42
N GLY A 200 -1.34 -37.17 -5.23
CA GLY A 200 0.01 -37.18 -5.82
C GLY A 200 0.13 -38.13 -7.00
N GLY A 201 -0.98 -38.35 -7.72
CA GLY A 201 -1.03 -39.23 -8.92
C GLY A 201 -0.87 -38.41 -10.19
N GLY A 202 -0.95 -39.08 -11.35
CA GLY A 202 -0.88 -38.43 -12.67
C GLY A 202 -0.43 -39.40 -13.76
N GLU A 203 -0.35 -38.89 -15.00
CA GLU A 203 0.16 -39.63 -16.19
C GLU A 203 1.69 -39.61 -16.14
N PHE A 204 2.32 -40.74 -16.48
CA PHE A 204 3.80 -40.92 -16.47
C PHE A 204 4.24 -41.58 -17.78
N VAL A 205 5.27 -41.02 -18.42
CA VAL A 205 5.89 -41.54 -19.67
C VAL A 205 7.19 -42.28 -19.29
N GLY A 206 7.33 -43.53 -19.75
CA GLY A 206 8.48 -44.41 -19.44
C GLY A 206 9.66 -44.13 -20.35
N SER A 207 10.88 -44.34 -19.83
CA SER A 207 12.16 -44.12 -20.56
C SER A 207 13.23 -45.08 -20.03
N PHE A 208 14.18 -45.47 -20.90
CA PHE A 208 15.35 -46.32 -20.58
C PHE A 208 16.61 -45.46 -20.40
N GLN A 209 16.53 -44.17 -20.78
CA GLN A 209 17.65 -43.19 -20.64
C GLN A 209 17.92 -42.96 -19.15
N PRO A 210 19.18 -42.72 -18.72
CA PRO A 210 19.50 -42.55 -17.31
C PRO A 210 19.04 -41.18 -16.78
N ALA A 211 18.19 -41.20 -15.75
CA ALA A 211 17.73 -40.01 -14.98
C ALA A 211 17.60 -40.40 -13.51
N GLN A 212 18.03 -39.52 -12.60
CA GLN A 212 18.06 -39.78 -11.14
C GLN A 212 16.68 -39.48 -10.54
N ASP A 213 16.24 -40.33 -9.60
CA ASP A 213 14.96 -40.19 -8.86
C ASP A 213 15.01 -38.90 -8.04
N ASP A 214 14.04 -37.99 -8.26
CA ASP A 214 13.89 -36.72 -7.49
C ASP A 214 12.66 -36.81 -6.57
N GLN A 215 11.97 -37.95 -6.58
CA GLN A 215 10.85 -38.31 -5.66
C GLN A 215 9.55 -37.57 -6.02
N GLY A 216 9.50 -36.90 -7.18
CA GLY A 216 8.35 -36.05 -7.57
C GLY A 216 8.01 -36.13 -9.04
N VAL A 217 8.97 -35.80 -9.91
CA VAL A 217 8.80 -35.76 -11.39
C VAL A 217 9.42 -37.03 -11.99
N ILE A 218 10.62 -37.39 -11.54
CA ILE A 218 11.40 -38.57 -12.02
C ILE A 218 11.38 -39.65 -10.93
N PHE A 219 10.88 -40.85 -11.27
CA PHE A 219 10.94 -42.06 -10.43
C PHE A 219 11.73 -43.13 -11.18
N SER A 220 12.93 -43.47 -10.66
CA SER A 220 13.94 -44.33 -11.33
C SER A 220 13.92 -45.73 -10.73
N GLY A 221 14.06 -46.75 -11.59
CA GLY A 221 14.28 -48.16 -11.20
C GLY A 221 15.63 -48.64 -11.69
N ASP A 222 15.76 -49.95 -11.92
CA ASP A 222 17.00 -50.60 -12.41
C ASP A 222 17.06 -50.47 -13.95
N GLY A 223 17.67 -49.38 -14.44
CA GLY A 223 17.92 -49.14 -15.87
C GLY A 223 16.72 -48.54 -16.59
N PHE A 224 15.84 -47.84 -15.86
CA PHE A 224 14.66 -47.13 -16.42
C PHE A 224 14.21 -46.03 -15.44
N HIS A 225 13.27 -45.19 -15.87
CA HIS A 225 12.60 -44.15 -15.04
C HIS A 225 11.25 -43.77 -15.66
N TRP A 226 10.40 -43.12 -14.87
CA TRP A 226 9.07 -42.59 -15.28
C TRP A 226 9.04 -41.07 -15.05
N ARG A 227 8.75 -40.30 -16.10
CA ARG A 227 8.67 -38.82 -16.04
CA ARG A 227 8.67 -38.82 -16.04
C ARG A 227 7.21 -38.38 -15.96
N ARG A 228 6.82 -37.74 -14.86
CA ARG A 228 5.46 -37.17 -14.64
C ARG A 228 5.15 -36.23 -15.81
N VAL A 229 3.97 -36.39 -16.43
CA VAL A 229 3.45 -35.47 -17.49
C VAL A 229 2.94 -34.21 -16.77
N VAL A 230 3.69 -33.10 -16.88
CA VAL A 230 3.40 -31.82 -16.18
C VAL A 230 2.95 -30.79 -17.24
N ASP A 231 1.66 -30.47 -17.28
CA ASP A 231 1.07 -29.43 -18.16
C ASP A 231 1.62 -28.07 -17.72
N ASP A 232 1.41 -27.70 -16.45
CA ASP A 232 1.90 -26.45 -15.83
C ASP A 232 2.77 -26.81 -14.62
N TYR A 233 4.07 -26.54 -14.70
CA TYR A 233 5.09 -26.78 -13.64
C TYR A 233 4.74 -25.97 -12.39
N ASN A 234 4.01 -24.86 -12.55
CA ASN A 234 3.61 -23.94 -11.45
C ASN A 234 2.32 -24.44 -10.78
N ARG A 235 1.90 -25.67 -11.06
CA ARG A 235 0.69 -26.31 -10.44
C ARG A 235 1.07 -27.64 -9.77
N LEU A 236 2.37 -27.94 -9.64
CA LEU A 236 2.88 -29.04 -8.80
C LEU A 236 2.77 -28.64 -7.33
N SER A 237 2.58 -29.62 -6.43
CA SER A 237 2.49 -29.43 -4.96
C SER A 237 3.29 -30.52 -4.25
N LEU A 238 3.37 -30.46 -2.91
CA LEU A 238 4.13 -31.42 -2.06
C LEU A 238 3.50 -32.82 -2.16
N PHE A 239 2.22 -32.92 -2.55
CA PHE A 239 1.53 -34.20 -2.83
C PHE A 239 2.31 -35.00 -3.87
N ASP A 240 2.77 -34.32 -4.92
CA ASP A 240 3.54 -34.93 -6.05
C ASP A 240 4.88 -35.46 -5.55
N PHE A 241 5.39 -34.92 -4.44
CA PHE A 241 6.69 -35.30 -3.82
C PHE A 241 6.48 -36.16 -2.57
N GLY A 242 5.25 -36.64 -2.35
CA GLY A 242 4.92 -37.70 -1.37
C GLY A 242 4.56 -37.16 0.01
N ALA A 243 4.04 -35.94 0.10
CA ALA A 243 3.51 -35.35 1.35
C ALA A 243 2.05 -35.80 1.54
N ILE A 244 1.57 -35.77 2.79
CA ILE A 244 0.17 -36.16 3.18
C ILE A 244 -0.40 -35.10 4.13
N ALA A 245 -1.60 -34.61 3.83
CA ALA A 245 -2.30 -33.56 4.60
C ALA A 245 -3.10 -34.21 5.75
N ASP A 246 -2.42 -35.00 6.60
CA ASP A 246 -3.01 -35.72 7.76
C ASP A 246 -2.55 -35.07 9.07
N GLY A 247 -1.66 -34.07 9.00
CA GLY A 247 -1.10 -33.35 10.15
C GLY A 247 -0.34 -34.26 11.10
N LYS A 248 0.21 -35.37 10.59
CA LYS A 248 0.96 -36.39 11.38
C LYS A 248 2.21 -36.84 10.62
N THR A 249 2.03 -37.39 9.41
CA THR A 249 3.13 -37.94 8.57
C THR A 249 4.10 -36.80 8.21
N ASP A 250 5.37 -36.95 8.61
CA ASP A 250 6.45 -35.95 8.39
C ASP A 250 6.59 -35.70 6.89
N SER A 251 6.31 -34.46 6.44
CA SER A 251 6.37 -34.02 5.03
C SER A 251 7.70 -33.32 4.74
N ALA A 252 8.67 -33.42 5.66
CA ALA A 252 10.04 -32.84 5.53
C ALA A 252 10.76 -33.46 4.34
N PRO A 253 10.73 -34.80 4.15
CA PRO A 253 11.37 -35.42 2.98
C PRO A 253 10.80 -34.86 1.67
N ALA A 254 9.48 -34.67 1.59
CA ALA A 254 8.75 -34.13 0.43
C ALA A 254 9.19 -32.68 0.16
N ILE A 255 9.34 -31.87 1.21
CA ILE A 255 9.74 -30.44 1.15
C ILE A 255 11.21 -30.36 0.69
N LYS A 256 12.07 -31.20 1.25
CA LYS A 256 13.51 -31.29 0.89
C LYS A 256 13.65 -31.74 -0.58
N ALA A 257 12.84 -32.72 -0.98
CA ALA A 257 12.81 -33.29 -2.36
C ALA A 257 12.37 -32.22 -3.36
N MET A 258 11.31 -31.47 -3.04
CA MET A 258 10.69 -30.46 -3.94
C MET A 258 11.62 -29.25 -4.08
N TYR A 259 12.32 -28.86 -3.01
CA TYR A 259 13.29 -27.74 -3.02
C TYR A 259 14.47 -28.11 -3.93
N GLN A 260 15.05 -29.29 -3.73
CA GLN A 260 16.22 -29.77 -4.50
C GLN A 260 15.84 -29.85 -5.98
N TRP A 261 14.63 -30.34 -6.29
CA TRP A 261 14.07 -30.41 -7.66
C TRP A 261 14.08 -29.02 -8.31
N SER A 262 13.49 -28.03 -7.62
CA SER A 262 13.33 -26.63 -8.09
C SER A 262 14.70 -25.99 -8.35
N GLN A 263 15.68 -26.27 -7.47
CA GLN A 263 17.06 -25.73 -7.57
C GLN A 263 17.76 -26.29 -8.81
N GLN A 264 17.68 -27.61 -9.02
CA GLN A 264 18.37 -28.34 -10.12
C GLN A 264 17.71 -28.01 -11.47
N SER A 265 16.38 -28.07 -11.55
CA SER A 265 15.60 -27.85 -12.80
C SER A 265 15.34 -26.36 -13.03
N ASP A 266 15.77 -25.50 -12.09
CA ASP A 266 15.69 -24.02 -12.19
C ASP A 266 14.22 -23.59 -12.33
N GLN A 267 13.32 -24.23 -11.58
CA GLN A 267 11.86 -23.92 -11.55
C GLN A 267 11.56 -23.04 -10.35
N PRO A 268 10.89 -21.87 -10.54
CA PRO A 268 10.81 -20.85 -9.50
C PRO A 268 9.75 -21.10 -8.42
N ILE A 269 8.74 -21.94 -8.70
CA ILE A 269 7.61 -22.22 -7.76
C ILE A 269 8.18 -22.74 -6.43
N CYS A 270 9.29 -23.48 -6.48
CA CYS A 270 10.06 -23.89 -5.28
C CYS A 270 9.21 -24.85 -4.43
N VAL A 271 9.06 -24.60 -3.13
CA VAL A 271 8.23 -25.42 -2.20
C VAL A 271 6.79 -24.89 -2.25
N GLN A 272 5.84 -25.71 -2.71
CA GLN A 272 4.40 -25.35 -2.82
C GLN A 272 3.56 -26.34 -2.01
N PHE A 273 2.96 -25.86 -0.90
CA PHE A 273 1.97 -26.62 -0.09
C PHE A 273 0.61 -26.55 -0.75
N PRO A 274 -0.15 -27.67 -0.81
CA PRO A 274 -1.58 -27.61 -1.13
C PRO A 274 -2.35 -27.24 0.14
N ALA A 275 -3.68 -27.17 0.05
CA ALA A 275 -4.59 -26.87 1.18
C ALA A 275 -4.50 -28.01 2.21
N GLY A 276 -4.60 -27.68 3.50
CA GLY A 276 -4.67 -28.66 4.61
C GLY A 276 -3.58 -28.43 5.65
N THR A 277 -3.48 -29.36 6.62
CA THR A 277 -2.53 -29.31 7.77
C THR A 277 -1.38 -30.28 7.50
N PHE A 278 -0.13 -29.83 7.73
CA PHE A 278 1.11 -30.59 7.44
C PHE A 278 2.02 -30.58 8.67
N PHE A 279 2.41 -31.77 9.14
CA PHE A 279 3.48 -31.98 10.15
C PHE A 279 4.82 -31.91 9.43
N VAL A 280 5.71 -31.03 9.90
CA VAL A 280 7.08 -30.79 9.32
C VAL A 280 8.08 -30.77 10.46
N THR A 281 9.06 -31.68 10.44
CA THR A 281 10.27 -31.66 11.31
C THR A 281 11.27 -30.69 10.72
N GLY A 282 12.15 -30.11 11.55
CA GLY A 282 13.15 -29.11 11.15
C GLY A 282 13.79 -29.42 9.81
N CYS A 283 13.69 -28.49 8.85
CA CYS A 283 14.31 -28.57 7.50
C CYS A 283 15.52 -27.63 7.44
N ASP A 284 16.72 -28.20 7.42
CA ASP A 284 18.00 -27.46 7.30
C ASP A 284 18.54 -27.63 5.88
N PHE A 285 18.39 -26.61 5.04
CA PHE A 285 18.99 -26.49 3.68
C PHE A 285 20.28 -25.65 3.79
N GLY A 286 20.94 -25.71 4.95
CA GLY A 286 21.88 -24.68 5.43
C GLY A 286 23.21 -24.68 4.71
N GLU A 287 24.11 -23.80 5.15
CA GLU A 287 25.51 -23.66 4.66
C GLU A 287 25.51 -23.00 3.27
N GLU A 288 25.08 -23.75 2.25
CA GLU A 288 25.16 -23.37 0.81
C GLU A 288 24.26 -22.16 0.55
N GLN A 289 24.83 -21.06 0.05
CA GLN A 289 24.10 -19.85 -0.41
C GLN A 289 23.40 -20.15 -1.73
N ARG A 290 22.05 -20.16 -1.74
CA ARG A 290 21.23 -20.24 -2.97
C ARG A 290 20.80 -18.83 -3.36
N ARG A 291 20.20 -18.69 -4.55
CA ARG A 291 19.67 -17.40 -5.07
C ARG A 291 18.22 -17.23 -4.59
N PHE A 292 17.42 -18.30 -4.63
CA PHE A 292 15.97 -18.29 -4.27
C PHE A 292 15.66 -19.34 -3.21
N PHE A 293 14.85 -18.96 -2.23
CA PHE A 293 14.01 -19.87 -1.40
C PHE A 293 12.60 -19.29 -1.31
N ARG A 294 11.67 -19.85 -2.09
CA ARG A 294 10.22 -19.53 -2.01
C ARG A 294 9.50 -20.69 -1.32
N ILE A 295 8.56 -20.38 -0.43
CA ILE A 295 7.66 -21.38 0.23
C ILE A 295 6.28 -20.72 0.39
N SER A 296 5.26 -21.30 -0.25
CA SER A 296 3.88 -20.73 -0.30
C SER A 296 2.85 -21.81 0.04
N GLY A 297 1.84 -21.45 0.82
CA GLY A 297 0.63 -22.28 1.03
C GLY A 297 -0.33 -22.14 -0.13
N ALA A 298 -1.52 -22.75 -0.01
CA ALA A 298 -2.58 -22.77 -1.05
C ALA A 298 -2.82 -21.34 -1.56
N MET A 299 -2.52 -21.10 -2.85
CA MET A 299 -2.62 -19.77 -3.51
C MET A 299 -4.10 -19.45 -3.79
N VAL A 300 -4.81 -18.99 -2.76
CA VAL A 300 -6.21 -18.48 -2.83
C VAL A 300 -6.25 -17.11 -2.16
N ASN A 301 -7.19 -16.25 -2.54
CA ASN A 301 -7.28 -14.82 -2.09
C ASN A 301 -7.95 -14.75 -0.72
N PHE A 302 -7.43 -15.49 0.28
CA PHE A 302 -7.87 -15.43 1.69
C PHE A 302 -6.96 -14.46 2.45
N GLY A 303 -7.46 -13.27 2.77
CA GLY A 303 -6.73 -12.21 3.48
C GLY A 303 -6.45 -12.59 4.93
N TYR A 304 -7.44 -13.17 5.60
CA TYR A 304 -7.42 -13.49 7.06
C TYR A 304 -6.71 -14.83 7.31
N PHE A 305 -7.35 -15.93 6.91
CA PHE A 305 -6.97 -17.31 7.27
C PHE A 305 -6.50 -18.08 6.03
N PRO A 306 -5.18 -18.29 5.86
CA PRO A 306 -4.67 -19.19 4.82
C PRO A 306 -5.23 -20.62 4.93
N ALA A 307 -5.35 -21.30 3.79
CA ALA A 307 -5.93 -22.66 3.66
C ALA A 307 -4.92 -23.73 4.07
N THR A 308 -3.66 -23.35 4.30
CA THR A 308 -2.55 -24.26 4.69
C THR A 308 -2.09 -23.94 6.13
N THR A 309 -1.91 -24.97 6.94
CA THR A 309 -1.37 -24.88 8.33
C THR A 309 -0.14 -25.80 8.44
N ILE A 310 0.92 -25.31 9.08
CA ILE A 310 2.14 -26.10 9.43
C ILE A 310 2.14 -26.35 10.94
N VAL A 311 2.44 -27.59 11.34
CA VAL A 311 2.67 -28.01 12.75
C VAL A 311 3.99 -28.80 12.80
N SER A 312 4.69 -28.78 13.93
CA SER A 312 6.01 -29.43 14.11
C SER A 312 6.10 -30.07 15.51
N ASP A 313 7.31 -30.48 15.91
CA ASP A 313 7.58 -31.21 17.18
C ASP A 313 8.34 -30.32 18.18
N GLY A 314 8.68 -29.10 17.78
CA GLY A 314 9.31 -28.08 18.66
C GLY A 314 10.76 -28.40 18.99
N GLN A 315 11.41 -29.28 18.21
CA GLN A 315 12.76 -29.84 18.52
C GLN A 315 13.84 -29.00 17.84
N SER A 316 13.59 -28.51 16.61
CA SER A 316 14.52 -27.61 15.87
C SER A 316 14.27 -26.16 16.28
N PRO A 317 15.31 -25.29 16.31
CA PRO A 317 15.12 -23.86 16.53
C PRO A 317 14.20 -23.19 15.49
N PHE A 318 14.18 -23.69 14.25
CA PHE A 318 13.30 -23.20 13.16
C PHE A 318 12.85 -24.37 12.27
N VAL A 319 11.59 -24.32 11.81
CA VAL A 319 11.00 -25.32 10.87
C VAL A 319 11.78 -25.29 9.56
N PHE A 320 12.22 -24.10 9.12
CA PHE A 320 13.00 -23.88 7.87
C PHE A 320 14.27 -23.08 8.18
N GLU A 321 15.44 -23.68 7.95
CA GLU A 321 16.79 -23.05 8.04
C GLU A 321 17.35 -22.90 6.62
N VAL A 322 17.32 -21.67 6.09
CA VAL A 322 17.70 -21.37 4.67
C VAL A 322 18.88 -20.39 4.67
N SER A 323 19.64 -20.40 3.56
CA SER A 323 20.66 -19.38 3.21
C SER A 323 20.44 -18.97 1.75
N ALA A 324 19.58 -17.96 1.53
CA ALA A 324 19.16 -17.48 0.20
C ALA A 324 19.16 -15.95 0.18
N ARG A 325 19.54 -15.36 -0.95
CA ARG A 325 19.59 -13.88 -1.15
C ARG A 325 18.16 -13.33 -1.25
N TRP A 326 17.29 -14.01 -2.00
CA TRP A 326 15.84 -13.67 -2.17
C TRP A 326 14.98 -14.75 -1.50
N VAL A 327 14.10 -14.36 -0.57
CA VAL A 327 13.15 -15.27 0.12
C VAL A 327 11.73 -14.72 -0.03
N GLU A 328 10.78 -15.62 -0.33
CA GLU A 328 9.33 -15.32 -0.40
C GLU A 328 8.56 -16.40 0.37
N ILE A 329 7.91 -16.03 1.47
CA ILE A 329 7.06 -16.94 2.30
C ILE A 329 5.67 -16.31 2.45
N SER A 330 4.61 -17.05 2.12
CA SER A 330 3.22 -16.51 2.03
C SER A 330 2.17 -17.61 2.19
N ASN A 331 0.97 -17.21 2.62
CA ASN A 331 -0.27 -18.05 2.65
C ASN A 331 -0.07 -19.25 3.58
N LEU A 332 0.52 -19.02 4.76
CA LEU A 332 0.82 -20.10 5.75
C LEU A 332 0.31 -19.70 7.14
N ILE A 333 -0.22 -20.68 7.87
CA ILE A 333 -0.43 -20.61 9.35
C ILE A 333 0.59 -21.54 9.99
N PHE A 334 1.40 -21.05 10.93
CA PHE A 334 2.30 -21.87 11.78
C PHE A 334 1.75 -21.92 13.20
N ASN A 335 1.29 -23.10 13.62
CA ASN A 335 0.85 -23.38 15.03
CA ASN A 335 0.86 -23.39 15.02
C ASN A 335 2.02 -24.04 15.75
N GLY A 336 2.75 -23.27 16.58
CA GLY A 336 3.95 -23.71 17.31
C GLY A 336 3.64 -24.65 18.46
N ASN A 337 2.40 -24.64 18.97
CA ASN A 337 1.89 -25.54 20.04
C ASN A 337 2.65 -25.32 21.35
N THR A 338 3.18 -24.12 21.57
CA THR A 338 4.01 -23.78 22.77
C THR A 338 3.11 -23.60 23.99
N ASP A 339 1.79 -23.48 23.78
CA ASP A 339 0.76 -23.39 24.85
C ASP A 339 0.63 -24.74 25.56
N THR A 340 0.71 -25.85 24.82
CA THR A 340 0.50 -27.24 25.33
C THR A 340 1.86 -27.95 25.49
N LYS A 341 2.73 -27.88 24.48
CA LYS A 341 4.12 -28.43 24.52
C LYS A 341 5.11 -27.28 24.32
N PRO A 342 5.47 -26.54 25.40
CA PRO A 342 6.37 -25.40 25.29
C PRO A 342 7.69 -25.74 24.56
N ASN A 343 8.14 -24.85 23.68
CA ASN A 343 9.32 -25.05 22.78
C ASN A 343 9.91 -23.69 22.41
N ARG A 344 11.00 -23.69 21.65
CA ARG A 344 11.70 -22.48 21.14
C ARG A 344 11.80 -22.55 19.61
N GLN A 345 10.78 -23.12 18.94
CA GLN A 345 10.79 -23.36 17.48
C GLN A 345 10.08 -22.20 16.76
N GLY A 346 10.80 -21.52 15.86
CA GLY A 346 10.27 -20.52 14.93
C GLY A 346 9.85 -21.15 13.62
N LEU A 347 9.45 -20.34 12.64
CA LEU A 347 9.02 -20.81 11.30
C LEU A 347 10.22 -20.83 10.35
N LEU A 348 10.92 -19.70 10.20
CA LEU A 348 12.01 -19.53 9.20
C LEU A 348 13.14 -18.66 9.77
N ARG A 349 14.39 -19.07 9.55
CA ARG A 349 15.61 -18.25 9.74
C ARG A 349 16.38 -18.20 8.42
N ASN A 350 16.81 -17.01 8.00
CA ASN A 350 17.69 -16.81 6.82
C ASN A 350 19.10 -16.46 7.32
N THR A 351 20.08 -17.29 6.97
CA THR A 351 21.47 -17.25 7.47
C THR A 351 22.37 -16.49 6.49
N CYS A 352 21.92 -16.30 5.25
CA CYS A 352 22.71 -15.70 4.13
C CYS A 352 23.22 -14.32 4.53
N PRO A 353 24.56 -14.11 4.61
CA PRO A 353 25.13 -12.79 4.88
C PRO A 353 25.34 -11.96 3.61
N GLY A 354 25.50 -10.64 3.78
CA GLY A 354 25.93 -9.72 2.71
C GLY A 354 24.78 -9.29 1.80
N GLY A 355 23.55 -9.24 2.33
CA GLY A 355 22.37 -8.74 1.60
C GLY A 355 21.29 -9.79 1.48
N GLN A 356 20.14 -9.57 2.13
CA GLN A 356 18.92 -10.42 2.02
C GLN A 356 17.75 -9.57 1.54
N PHE A 357 16.94 -10.13 0.64
CA PHE A 357 15.62 -9.60 0.20
C PHE A 357 14.54 -10.55 0.75
N PHE A 358 13.57 -10.02 1.50
CA PHE A 358 12.46 -10.80 2.10
C PHE A 358 11.11 -10.28 1.59
N ARG A 359 10.15 -11.20 1.43
CA ARG A 359 8.74 -10.92 1.04
C ARG A 359 7.82 -11.84 1.83
N GLY A 360 7.13 -11.30 2.84
CA GLY A 360 6.08 -11.99 3.61
C GLY A 360 4.70 -11.45 3.27
N ALA A 361 3.69 -12.31 3.22
CA ALA A 361 2.28 -11.94 2.94
C ALA A 361 1.33 -13.05 3.41
N CYS A 362 0.26 -12.68 4.12
CA CYS A 362 -0.80 -13.61 4.60
C CYS A 362 -0.17 -14.70 5.47
N LEU A 363 0.39 -14.32 6.62
CA LEU A 363 1.08 -15.21 7.57
C LEU A 363 0.40 -15.13 8.95
N ARG A 364 0.06 -16.28 9.54
CA ARG A 364 -0.49 -16.37 10.91
C ARG A 364 0.46 -17.18 11.80
N PHE A 365 0.98 -16.54 12.85
CA PHE A 365 1.81 -17.18 13.91
C PHE A 365 0.95 -17.38 15.15
N ASN A 366 0.54 -18.63 15.41
CA ASN A 366 -0.23 -19.03 16.61
C ASN A 366 0.70 -19.83 17.54
N ASN A 367 0.77 -19.45 18.82
CA ASN A 367 1.42 -20.25 19.89
C ASN A 367 2.87 -20.60 19.49
N VAL A 368 3.60 -19.63 18.94
CA VAL A 368 5.04 -19.79 18.56
C VAL A 368 5.89 -19.47 19.80
N GLY A 369 6.72 -20.43 20.22
CA GLY A 369 7.63 -20.29 21.37
C GLY A 369 9.00 -19.74 20.97
N GLY A 370 9.42 -20.02 19.73
CA GLY A 370 10.70 -19.56 19.15
C GLY A 370 10.57 -18.19 18.51
N THR A 371 11.55 -17.82 17.69
CA THR A 371 11.56 -16.59 16.86
C THR A 371 10.86 -16.92 15.54
N ALA A 372 9.65 -16.39 15.32
CA ALA A 372 8.79 -16.70 14.15
C ALA A 372 9.58 -16.48 12.85
N LEU A 373 10.12 -15.27 12.65
CA LEU A 373 10.99 -14.90 11.51
C LEU A 373 12.30 -14.30 12.04
N SER A 374 13.44 -14.82 11.59
CA SER A 374 14.80 -14.30 11.86
C SER A 374 15.51 -14.01 10.54
N LEU A 375 15.70 -12.72 10.20
CA LEU A 375 16.35 -12.26 8.95
C LEU A 375 17.71 -11.63 9.30
N LEU A 376 18.62 -11.55 8.31
CA LEU A 376 20.03 -11.13 8.50
C LEU A 376 20.47 -10.25 7.31
N ASP A 377 21.15 -9.14 7.59
CA ASP A 377 21.68 -8.19 6.56
C ASP A 377 20.59 -7.88 5.53
N THR A 378 19.40 -7.49 6.02
CA THR A 378 18.21 -7.18 5.19
C THR A 378 18.49 -5.95 4.32
N LEU A 379 18.25 -6.05 3.01
CA LEU A 379 18.34 -4.93 2.05
C LEU A 379 16.93 -4.40 1.73
N ASP A 380 15.92 -5.27 1.74
CA ASP A 380 14.49 -4.93 1.48
C ASP A 380 13.60 -6.05 2.02
N CYS A 381 12.83 -5.76 3.08
CA CYS A 381 11.92 -6.71 3.76
C CYS A 381 10.50 -6.14 3.80
N LYS A 382 9.58 -6.78 3.07
CA LYS A 382 8.14 -6.43 3.01
C LYS A 382 7.32 -7.56 3.64
N ILE A 383 6.74 -7.30 4.81
CA ILE A 383 5.83 -8.26 5.52
C ILE A 383 4.45 -7.59 5.67
N ASP A 384 3.48 -8.02 4.86
CA ASP A 384 2.11 -7.44 4.77
C ASP A 384 1.09 -8.50 5.20
N GLN A 385 0.01 -8.08 5.86
CA GLN A 385 -1.13 -8.94 6.29
C GLN A 385 -0.61 -10.14 7.10
N TRP A 386 -0.02 -9.87 8.27
CA TRP A 386 0.47 -10.94 9.19
C TRP A 386 -0.16 -10.74 10.58
N TYR A 387 -0.53 -11.86 11.23
CA TYR A 387 -1.20 -11.89 12.55
C TYR A 387 -0.41 -12.82 13.48
N ALA A 388 -0.17 -12.38 14.72
CA ALA A 388 0.52 -13.16 15.78
C ALA A 388 -0.41 -13.25 17.00
N SER A 389 -0.68 -14.47 17.46
CA SER A 389 -1.58 -14.78 18.61
C SER A 389 -0.84 -15.66 19.63
N ALA A 390 -0.70 -15.16 20.86
CA ALA A 390 -0.18 -15.90 22.04
C ALA A 390 1.21 -16.50 21.73
N CYS A 391 2.08 -15.71 21.10
CA CYS A 391 3.50 -16.06 20.82
C CYS A 391 4.37 -15.62 22.01
N THR A 392 5.18 -16.52 22.54
CA THR A 392 6.00 -16.31 23.77
C THR A 392 7.45 -15.98 23.40
N GLY A 393 7.81 -16.07 22.12
CA GLY A 393 9.13 -15.66 21.60
C GLY A 393 9.03 -14.39 20.78
N ASP A 394 10.14 -14.00 20.13
CA ASP A 394 10.17 -12.87 19.16
C ASP A 394 9.32 -13.28 17.95
N VAL A 395 8.62 -12.32 17.34
CA VAL A 395 7.79 -12.55 16.12
C VAL A 395 8.61 -12.11 14.89
N ILE A 396 8.77 -10.80 14.68
CA ILE A 396 9.59 -10.23 13.57
C ILE A 396 10.94 -9.80 14.15
N GLN A 397 12.00 -10.56 13.84
CA GLN A 397 13.39 -10.31 14.30
C GLN A 397 14.29 -10.17 13.07
N ALA A 398 15.14 -9.14 13.05
CA ALA A 398 16.16 -8.89 12.01
C ALA A 398 17.47 -8.43 12.69
N GLY A 399 18.59 -9.02 12.29
CA GLY A 399 19.94 -8.70 12.79
C GLY A 399 20.90 -8.42 11.65
N TRP A 400 22.19 -8.28 11.97
CA TRP A 400 23.28 -7.99 10.99
C TRP A 400 24.49 -8.87 11.29
N SER A 401 25.26 -9.20 10.25
CA SER A 401 26.46 -10.08 10.32
C SER A 401 27.63 -9.34 10.97
N GLY A 402 27.66 -8.01 10.82
CA GLY A 402 28.71 -7.13 11.36
C GLY A 402 29.92 -7.09 10.45
N GLN A 403 29.86 -7.81 9.31
CA GLN A 403 30.89 -7.80 8.26
C GLN A 403 31.20 -6.36 7.87
N LYS A 404 32.45 -5.93 8.02
CA LYS A 404 32.89 -4.52 7.87
C LYS A 404 32.52 -4.01 6.49
N LYS A 405 32.65 -4.88 5.49
CA LYS A 405 32.47 -4.55 4.06
C LYS A 405 30.98 -4.48 3.71
N GLY A 406 30.60 -3.54 2.85
CA GLY A 406 29.19 -3.19 2.61
C GLY A 406 28.59 -2.62 3.87
N ASN A 407 29.42 -2.52 4.92
CA ASN A 407 29.07 -1.98 6.25
C ASN A 407 27.74 -2.61 6.68
N TRP A 408 27.73 -3.93 6.81
CA TRP A 408 26.55 -4.74 7.23
C TRP A 408 26.44 -4.71 8.75
N ASP A 409 26.13 -3.53 9.30
CA ASP A 409 26.04 -3.24 10.75
C ASP A 409 24.62 -2.73 11.07
N HIS A 410 23.65 -3.05 10.21
CA HIS A 410 22.24 -2.59 10.31
C HIS A 410 21.36 -3.32 9.29
N SER A 411 20.05 -3.06 9.34
CA SER A 411 19.02 -3.55 8.38
C SER A 411 18.47 -2.36 7.59
N THR A 412 17.98 -2.59 6.38
CA THR A 412 17.54 -1.54 5.42
C THR A 412 16.17 -1.90 4.83
N ALA A 413 15.30 -0.90 4.68
CA ALA A 413 14.01 -0.95 3.96
C ALA A 413 13.12 -2.07 4.52
N ILE A 414 12.79 -2.01 5.82
CA ILE A 414 11.76 -2.86 6.48
C ILE A 414 10.40 -2.16 6.32
N GLU A 415 9.46 -2.77 5.58
CA GLU A 415 8.07 -2.27 5.46
C GLU A 415 7.13 -3.29 6.11
N LEU A 416 6.57 -2.95 7.27
CA LEU A 416 5.53 -3.73 8.00
C LEU A 416 4.19 -3.03 7.85
N SER A 417 3.18 -3.71 7.29
CA SER A 417 1.85 -3.12 7.00
C SER A 417 0.72 -4.13 7.30
N ASN A 418 -0.40 -3.63 7.81
CA ASN A 418 -1.67 -4.39 7.97
C ASN A 418 -1.42 -5.63 8.83
N PHE A 419 -1.01 -5.44 10.08
CA PHE A 419 -0.67 -6.55 11.01
C PHE A 419 -1.41 -6.38 12.33
N ASN A 420 -1.63 -7.49 13.03
CA ASN A 420 -2.28 -7.55 14.36
C ASN A 420 -1.55 -8.58 15.23
N ALA A 421 -0.89 -8.12 16.29
CA ALA A 421 -0.26 -8.96 17.34
C ALA A 421 -1.14 -8.94 18.59
N GLN A 422 -1.59 -10.11 19.04
CA GLN A 422 -2.52 -10.28 20.19
C GLN A 422 -1.86 -11.16 21.25
N HIS A 423 -1.92 -10.72 22.52
CA HIS A 423 -1.61 -11.52 23.74
C HIS A 423 -0.24 -12.20 23.63
N CYS A 424 0.75 -11.53 23.04
CA CYS A 424 2.13 -12.06 22.89
C CYS A 424 2.95 -11.68 24.13
N LYS A 425 3.28 -12.69 24.95
CA LYS A 425 3.89 -12.51 26.30
C LYS A 425 5.15 -13.37 26.41
N GLY A 426 6.31 -12.74 26.63
CA GLY A 426 7.61 -13.40 26.79
C GLY A 426 8.68 -12.74 25.95
N GLY A 427 8.49 -12.68 24.63
CA GLY A 427 9.44 -12.11 23.66
C GLY A 427 8.95 -10.79 23.09
N LYS A 428 9.63 -10.28 22.06
CA LYS A 428 9.35 -8.97 21.41
C LYS A 428 8.58 -9.21 20.10
N VAL A 429 7.49 -8.46 19.87
CA VAL A 429 6.71 -8.52 18.60
C VAL A 429 7.62 -8.03 17.47
N LEU A 430 8.29 -6.89 17.67
CA LEU A 430 9.31 -6.34 16.73
C LEU A 430 10.68 -6.34 17.42
N ASN A 431 11.58 -7.22 16.98
CA ASN A 431 13.02 -7.21 17.37
C ASN A 431 13.81 -6.63 16.19
N LEU A 432 13.72 -5.31 15.98
CA LEU A 432 14.19 -4.62 14.76
C LEU A 432 14.99 -3.38 15.13
N PRO A 433 16.16 -3.53 15.81
CA PRO A 433 17.08 -2.43 16.01
C PRO A 433 17.83 -2.09 14.71
N ARG A 434 18.29 -0.84 14.58
CA ARG A 434 19.10 -0.34 13.43
C ARG A 434 18.40 -0.66 12.10
N CYS A 435 17.12 -0.33 11.99
CA CYS A 435 16.31 -0.45 10.74
C CYS A 435 16.19 0.94 10.09
N SER A 436 17.03 1.23 9.10
CA SER A 436 17.07 2.50 8.33
C SER A 436 16.10 2.42 7.15
N GLN A 437 15.62 3.59 6.70
CA GLN A 437 14.71 3.75 5.53
C GLN A 437 13.52 2.79 5.64
N SER A 438 12.99 2.60 6.85
CA SER A 438 11.94 1.60 7.17
C SER A 438 10.58 2.29 7.37
N LEU A 439 9.49 1.51 7.33
CA LEU A 439 8.09 2.00 7.34
C LEU A 439 7.19 1.04 8.14
N ILE A 440 6.23 1.60 8.90
CA ILE A 440 5.10 0.87 9.53
C ILE A 440 3.80 1.54 9.06
N HIS A 441 2.84 0.74 8.57
CA HIS A 441 1.54 1.22 8.03
C HIS A 441 0.39 0.38 8.61
N ASN A 442 -0.47 0.99 9.43
CA ASN A 442 -1.76 0.41 9.89
C ASN A 442 -1.49 -0.91 10.64
N GLY A 443 -0.87 -0.81 11.83
CA GLY A 443 -0.52 -1.97 12.67
C GLY A 443 -1.17 -1.88 14.04
N TRP A 444 -1.61 -3.02 14.58
CA TRP A 444 -2.19 -3.14 15.94
C TRP A 444 -1.35 -4.11 16.77
N ILE A 445 -0.91 -3.69 17.95
CA ILE A 445 -0.24 -4.55 18.98
C ILE A 445 -1.03 -4.39 20.29
N GLU A 446 -1.84 -5.39 20.64
CA GLU A 446 -2.79 -5.35 21.77
C GLU A 446 -2.45 -6.47 22.78
N HIS A 447 -2.46 -6.14 24.07
CA HIS A 447 -2.33 -7.09 25.20
C HIS A 447 -0.98 -7.84 25.11
N CYS A 448 0.02 -7.23 24.48
CA CYS A 448 1.39 -7.79 24.31
C CYS A 448 2.33 -7.13 25.32
N ASP A 449 3.08 -7.93 26.08
CA ASP A 449 4.00 -7.45 27.14
C ASP A 449 5.07 -6.53 26.53
N ASN A 450 5.67 -6.96 25.43
CA ASN A 450 6.85 -6.30 24.79
C ASN A 450 6.57 -6.07 23.31
N PRO A 451 5.95 -4.93 22.92
CA PRO A 451 5.83 -4.54 21.52
C PRO A 451 7.18 -4.66 20.80
N GLY A 452 8.26 -4.31 21.49
CA GLY A 452 9.64 -4.73 21.14
C GLY A 452 10.61 -3.57 21.05
N ASP A 453 11.53 -3.66 20.08
CA ASP A 453 12.73 -2.79 19.95
C ASP A 453 12.86 -2.30 18.52
N ILE A 454 12.76 -0.98 18.31
CA ILE A 454 13.07 -0.30 17.02
C ILE A 454 14.11 0.81 17.27
N SER A 455 15.00 0.58 18.24
CA SER A 455 16.09 1.52 18.63
C SER A 455 17.01 1.79 17.45
N ASN A 456 17.53 3.02 17.36
CA ASN A 456 18.58 3.44 16.39
C ASN A 456 18.07 3.26 14.95
N GLY A 457 16.75 3.33 14.75
CA GLY A 457 16.10 3.12 13.44
C GLY A 457 15.78 4.44 12.77
N GLN A 458 15.19 4.35 11.57
CA GLN A 458 14.63 5.50 10.79
C GLN A 458 13.27 5.04 10.23
N TRP A 459 12.18 5.45 10.88
CA TRP A 459 10.82 4.86 10.69
C TRP A 459 9.81 5.94 10.35
N ILE A 460 9.11 5.77 9.22
CA ILE A 460 7.76 6.35 8.98
C ILE A 460 6.77 5.41 9.66
N ILE A 461 5.97 5.91 10.62
CA ILE A 461 4.98 5.10 11.37
C ILE A 461 3.61 5.75 11.23
N ASP A 462 2.80 5.27 10.28
CA ASP A 462 1.40 5.70 10.03
C ASP A 462 0.44 4.70 10.69
N ALA A 463 -0.44 5.20 11.57
CA ALA A 463 -1.57 4.46 12.17
C ALA A 463 -1.09 3.20 12.90
N LEU A 464 -0.04 3.33 13.72
CA LEU A 464 0.38 2.25 14.67
C LEU A 464 -0.48 2.40 15.93
N SER A 465 -1.11 1.30 16.37
CA SER A 465 -1.96 1.22 17.59
C SER A 465 -1.29 0.30 18.61
N LEU A 466 -1.01 0.83 19.81
CA LEU A 466 -0.59 0.05 21.00
C LEU A 466 -1.70 0.14 22.05
N GLU A 467 -2.26 -0.99 22.48
CA GLU A 467 -3.37 -1.05 23.47
C GLU A 467 -3.07 -2.12 24.53
N ASP A 468 -3.12 -1.73 25.80
CA ASP A 468 -3.00 -2.62 26.99
C ASP A 468 -1.68 -3.41 26.90
N CYS A 469 -0.61 -2.75 26.50
CA CYS A 469 0.78 -3.31 26.43
C CYS A 469 1.52 -2.95 27.72
N LYS A 470 2.05 -3.96 28.41
CA LYS A 470 2.68 -3.84 29.76
C LYS A 470 3.87 -2.89 29.70
N ASN A 471 4.79 -3.12 28.76
CA ASN A 471 6.06 -2.35 28.60
C ASN A 471 5.99 -1.56 27.30
N PRO A 472 6.66 -0.39 27.20
CA PRO A 472 6.60 0.43 25.99
C PRO A 472 7.36 -0.18 24.81
N LEU A 473 7.02 0.23 23.59
CA LEU A 473 7.84 -0.01 22.38
C LEU A 473 9.15 0.78 22.55
N ILE A 474 10.29 0.08 22.61
CA ILE A 474 11.62 0.71 22.81
C ILE A 474 12.07 1.29 21.46
N ALA A 475 12.25 2.61 21.40
CA ALA A 475 12.69 3.37 20.21
C ALA A 475 13.80 4.36 20.61
N TRP A 476 14.73 3.92 21.46
CA TRP A 476 15.88 4.74 21.94
C TRP A 476 16.73 5.16 20.73
N HIS A 477 16.94 6.47 20.56
CA HIS A 477 17.77 7.07 19.49
C HIS A 477 17.21 6.74 18.10
N SER A 478 15.93 6.38 18.02
CA SER A 478 15.24 6.02 16.75
C SER A 478 14.66 7.28 16.10
N ARG A 479 14.95 7.48 14.81
CA ARG A 479 14.54 8.65 14.00
C ARG A 479 13.11 8.42 13.48
N LEU A 480 12.09 8.71 14.29
CA LEU A 480 10.66 8.46 13.98
C LEU A 480 10.06 9.64 13.21
N ASN A 481 9.14 9.34 12.28
CA ASN A 481 8.37 10.32 11.47
C ASN A 481 6.93 9.81 11.39
N THR A 482 6.08 10.15 12.36
CA THR A 482 4.83 9.43 12.71
C THR A 482 3.58 10.28 12.39
N ARG A 483 2.47 9.60 12.11
CA ARG A 483 1.10 10.19 12.04
C ARG A 483 0.10 9.22 12.69
N GLN A 484 -0.79 9.76 13.53
CA GLN A 484 -1.99 9.07 14.07
C GLN A 484 -1.57 7.83 14.87
N THR A 485 -0.65 7.98 15.82
CA THR A 485 -0.26 6.93 16.79
C THR A 485 -1.37 6.82 17.84
N ASN A 486 -1.99 5.64 17.96
CA ASN A 486 -3.12 5.35 18.89
C ASN A 486 -2.60 4.57 20.10
N LEU A 487 -2.53 5.22 21.27
CA LEU A 487 -2.00 4.65 22.53
C LEU A 487 -3.13 4.62 23.59
N GLN A 488 -3.55 3.42 23.99
CA GLN A 488 -4.63 3.19 24.99
C GLN A 488 -4.10 2.31 26.13
N SER A 489 -4.76 2.37 27.29
CA SER A 489 -4.60 1.45 28.44
C SER A 489 -3.13 1.40 28.88
N GLY A 490 -2.49 2.55 29.02
CA GLY A 490 -1.14 2.70 29.61
C GLY A 490 -0.01 2.42 28.63
N SER A 491 -0.33 2.02 27.40
CA SER A 491 0.66 1.77 26.32
C SER A 491 1.33 3.10 25.92
N TRP A 492 2.59 3.06 25.49
CA TRP A 492 3.34 4.25 25.00
C TRP A 492 4.59 3.82 24.23
N ILE A 493 5.20 4.79 23.52
CA ILE A 493 6.47 4.64 22.76
C ILE A 493 7.57 5.38 23.52
N ASP A 494 8.63 4.67 23.93
CA ASP A 494 9.83 5.24 24.58
C ASP A 494 10.83 5.64 23.50
N ASN A 495 10.85 6.93 23.13
CA ASN A 495 11.73 7.51 22.07
C ASN A 495 12.82 8.35 22.73
N SER A 496 13.15 8.07 24.00
CA SER A 496 14.18 8.78 24.80
C SER A 496 15.59 8.45 24.29
N GLU A 497 16.63 8.95 24.95
CA GLU A 497 18.06 8.80 24.53
C GLU A 497 18.80 7.87 25.50
N GLN A 498 18.14 6.82 25.98
CA GLN A 498 18.75 5.79 26.87
C GLN A 498 19.55 4.81 26.00
N GLY A 499 20.50 4.09 26.61
CA GLY A 499 21.31 3.06 25.93
C GLY A 499 22.29 3.68 24.95
N ASP A 500 22.72 2.90 23.95
CA ASP A 500 23.85 3.23 23.05
C ASP A 500 23.31 3.79 21.72
N ARG A 501 23.81 4.97 21.33
CA ARG A 501 23.51 5.62 20.03
C ARG A 501 24.43 5.05 18.96
N TRP A 502 23.86 4.53 17.87
CA TRP A 502 24.60 3.89 16.74
C TRP A 502 25.14 4.99 15.81
N LEU A 503 24.31 5.97 15.45
CA LEU A 503 24.66 7.10 14.57
C LEU A 503 25.14 8.29 15.41
N SER A 504 25.61 9.35 14.76
CA SER A 504 26.12 10.59 15.39
C SER A 504 24.95 11.37 16.03
N ALA A 505 25.25 12.20 17.03
CA ALA A 505 24.28 13.09 17.72
C ALA A 505 23.56 13.98 16.70
N TRP A 506 24.24 14.32 15.61
CA TRP A 506 23.75 15.24 14.54
C TRP A 506 22.57 14.63 13.79
N GLU A 507 22.44 13.29 13.77
CA GLU A 507 21.38 12.56 13.03
C GLU A 507 20.13 12.38 13.91
N MET A 508 20.23 12.64 15.22
CA MET A 508 19.17 12.34 16.22
C MET A 508 17.99 13.30 16.04
N GLY A 509 16.83 12.89 16.57
CA GLY A 509 15.57 13.66 16.51
C GLY A 509 14.47 12.87 15.81
N SER A 510 13.22 13.17 16.15
CA SER A 510 11.99 12.57 15.56
C SER A 510 10.88 13.63 15.52
N THR A 511 9.97 13.53 14.54
CA THR A 511 8.81 14.43 14.35
C THR A 511 7.51 13.64 14.47
N ARG A 512 6.57 14.12 15.29
CA ARG A 512 5.24 13.51 15.49
C ARG A 512 4.18 14.49 14.95
N VAL A 513 3.46 14.09 13.90
CA VAL A 513 2.37 14.89 13.26
C VAL A 513 1.03 14.25 13.66
N GLU A 514 0.32 14.86 14.61
CA GLU A 514 -1.01 14.40 15.10
C GLU A 514 -2.06 15.44 14.75
N SER A 515 -3.32 15.00 14.68
CA SER A 515 -4.53 15.85 14.47
C SER A 515 -4.56 16.98 15.50
N TYR A 516 -4.15 16.68 16.74
CA TYR A 516 -4.26 17.58 17.92
C TYR A 516 -3.01 18.44 18.08
N GLY A 517 -1.96 18.24 17.26
CA GLY A 517 -0.77 19.10 17.25
C GLY A 517 0.46 18.44 16.66
N VAL A 518 1.54 19.20 16.52
CA VAL A 518 2.86 18.73 15.99
C VAL A 518 3.92 18.89 17.07
N ALA A 519 4.81 17.90 17.20
CA ALA A 519 5.99 17.92 18.08
C ALA A 519 7.24 17.63 17.24
N ILE A 520 8.12 18.62 17.10
CA ILE A 520 9.37 18.54 16.28
C ILE A 520 10.56 18.53 17.25
N ASP A 521 11.24 17.39 17.38
CA ASP A 521 12.51 17.26 18.13
C ASP A 521 13.66 17.66 17.20
N GLY A 522 13.54 18.84 16.60
CA GLY A 522 14.46 19.33 15.54
C GLY A 522 14.14 20.76 15.16
N SER A 523 14.67 21.21 14.01
CA SER A 523 14.53 22.60 13.50
C SER A 523 13.14 22.80 12.88
N LEU A 524 12.63 24.03 12.93
CA LEU A 524 11.49 24.51 12.12
C LEU A 524 11.95 25.73 11.31
N LYS A 525 11.47 25.85 10.07
CA LYS A 525 11.65 27.06 9.21
C LYS A 525 10.43 27.18 8.29
N TYR A 526 10.00 28.41 8.02
CA TYR A 526 8.85 28.71 7.12
C TYR A 526 9.10 30.05 6.40
N ASN A 527 8.39 30.27 5.29
CA ASN A 527 8.37 31.55 4.54
C ASN A 527 7.87 32.65 5.48
N TYR A 528 6.69 32.46 6.09
CA TYR A 528 6.06 33.40 7.04
C TYR A 528 5.11 32.67 8.00
N LEU A 529 4.95 33.24 9.19
CA LEU A 529 3.99 32.79 10.25
C LEU A 529 2.72 33.64 10.14
N THR A 530 1.58 33.02 9.88
CA THR A 530 0.24 33.68 9.81
C THR A 530 -0.63 33.16 10.96
N SER A 531 -1.93 33.47 10.95
CA SER A 531 -2.94 32.98 11.91
C SER A 531 -4.11 32.33 11.16
N ARG A 532 -4.76 31.36 11.81
CA ARG A 532 -6.04 30.75 11.38
C ARG A 532 -7.16 31.78 11.52
N TRP A 533 -6.95 32.81 12.35
CA TRP A 533 -7.95 33.83 12.72
C TRP A 533 -7.46 35.23 12.32
N LEU A 534 -8.02 35.79 11.24
CA LEU A 534 -7.79 37.19 10.79
C LEU A 534 -9.03 38.02 11.09
N LEU A 535 -8.90 39.02 11.98
CA LEU A 535 -10.00 39.94 12.36
C LEU A 535 -9.89 41.21 11.52
N GLU A 536 -11.05 41.81 11.20
CA GLU A 536 -11.17 42.98 10.29
C GLU A 536 -12.15 43.98 10.93
N ASN A 537 -11.78 45.28 10.92
CA ASN A 537 -12.65 46.40 11.34
C ASN A 537 -12.53 47.51 10.28
N ASN A 538 -13.24 47.36 9.16
CA ASN A 538 -13.36 48.39 8.09
C ASN A 538 -14.45 49.38 8.51
N THR A 539 -14.18 50.13 9.58
CA THR A 539 -15.14 51.02 10.29
C THR A 539 -14.31 51.96 11.18
N SER A 540 -14.71 53.23 11.27
CA SER A 540 -14.02 54.28 12.08
C SER A 540 -14.18 54.00 13.57
N GLN A 541 -15.29 53.35 13.96
CA GLN A 541 -15.64 53.02 15.36
C GLN A 541 -14.97 51.71 15.80
N PRO A 542 -14.50 51.62 17.06
CA PRO A 542 -14.02 50.36 17.62
C PRO A 542 -15.15 49.33 17.80
N VAL A 543 -14.79 48.03 17.81
CA VAL A 543 -15.75 46.88 17.91
C VAL A 543 -15.21 45.87 18.93
N TRP A 544 -16.06 45.41 19.86
CA TRP A 544 -15.72 44.38 20.86
C TRP A 544 -15.88 42.99 20.24
N TYR A 545 -14.79 42.20 20.24
CA TYR A 545 -14.75 40.77 19.85
C TYR A 545 -14.43 39.92 21.08
N GLU A 546 -15.01 38.72 21.15
CA GLU A 546 -14.53 37.62 22.03
C GLU A 546 -13.51 36.80 21.22
N LEU A 547 -12.24 36.85 21.60
CA LEU A 547 -11.16 36.08 20.91
C LEU A 547 -11.38 34.59 21.12
N ALA A 548 -11.32 34.11 22.37
CA ALA A 548 -11.42 32.67 22.70
C ALA A 548 -11.64 32.46 24.21
N ASN A 549 -12.05 31.25 24.57
CA ASN A 549 -12.01 30.70 25.95
C ASN A 549 -10.74 29.86 26.09
N LEU A 550 -9.79 30.28 26.94
CA LEU A 550 -8.53 29.54 27.22
C LEU A 550 -8.80 28.54 28.35
N TYR A 551 -8.51 27.26 28.12
CA TYR A 551 -8.52 26.19 29.16
C TYR A 551 -7.09 25.98 29.66
N SER A 552 -6.85 26.26 30.95
CA SER A 552 -5.53 26.15 31.64
C SER A 552 -5.55 24.96 32.59
N PRO A 553 -5.05 23.77 32.17
CA PRO A 553 -5.14 22.56 33.00
C PRO A 553 -4.48 22.65 34.39
N THR A 554 -3.40 23.42 34.53
CA THR A 554 -2.57 23.52 35.76
C THR A 554 -2.57 24.96 36.28
N VAL A 555 -2.63 25.13 37.61
CA VAL A 555 -2.51 26.44 38.31
C VAL A 555 -1.15 27.05 37.97
N GLY A 556 -1.13 28.29 37.48
CA GLY A 556 0.09 29.05 37.16
C GLY A 556 0.40 29.06 35.67
N ASP A 557 -0.40 28.37 34.86
CA ASP A 557 -0.26 28.32 33.38
C ASP A 557 -0.38 29.74 32.81
N SER A 558 0.48 30.08 31.85
CA SER A 558 0.67 31.43 31.26
C SER A 558 0.35 31.38 29.76
N TRP A 559 -0.49 32.30 29.28
CA TRP A 559 -0.82 32.52 27.85
C TRP A 559 -0.33 33.91 27.44
N GLU A 560 0.18 34.05 26.21
CA GLU A 560 0.46 35.36 25.56
C GLU A 560 -0.20 35.40 24.19
N ILE A 561 -1.28 36.18 24.05
CA ILE A 561 -2.00 36.39 22.76
C ILE A 561 -1.40 37.63 22.08
N GLU A 562 -0.66 37.41 20.99
CA GLU A 562 -0.16 38.49 20.09
C GLU A 562 -1.24 38.78 19.05
N VAL A 563 -1.85 39.97 19.11
CA VAL A 563 -2.72 40.53 18.04
C VAL A 563 -1.81 41.28 17.06
N PHE A 564 -1.26 40.57 16.07
CA PHE A 564 -0.28 41.10 15.10
C PHE A 564 -1.01 41.82 13.96
N GLY A 565 -0.55 43.04 13.64
CA GLY A 565 -1.20 43.98 12.71
C GLY A 565 -1.42 45.32 13.38
N GLN A 566 -1.73 46.35 12.59
CA GLN A 566 -1.90 47.75 13.09
C GLN A 566 -3.30 48.25 12.74
N SER A 567 -3.73 49.33 13.41
CA SER A 567 -4.87 50.19 13.00
C SER A 567 -4.34 51.26 12.04
N GLN A 568 -5.19 51.76 11.13
CA GLN A 568 -4.84 52.70 10.03
C GLN A 568 -4.13 51.94 8.90
N PHE A 569 -4.49 52.25 7.66
CA PHE A 569 -3.84 51.74 6.42
C PHE A 569 -3.74 52.86 5.39
N ASN A 570 -3.72 54.12 5.85
CA ASN A 570 -3.67 55.33 4.98
C ASN A 570 -2.20 55.71 4.76
N ASN A 571 -1.89 56.24 3.57
CA ASN A 571 -0.51 56.62 3.13
C ASN A 571 -0.04 57.86 3.91
N GLY A 572 1.24 58.19 3.78
CA GLY A 572 1.88 59.39 4.36
C GLY A 572 2.46 59.15 5.74
N THR A 573 2.89 57.92 6.04
CA THR A 573 3.55 57.57 7.33
C THR A 573 5.01 58.05 7.32
N ASP A 574 5.57 58.31 6.13
CA ASP A 574 6.95 58.85 5.95
C ASP A 574 6.87 60.31 5.45
N SER A 575 5.67 60.92 5.50
CA SER A 575 5.45 62.34 5.13
C SER A 575 5.98 63.25 6.24
N GLU A 576 5.76 62.87 7.50
CA GLU A 576 6.21 63.60 8.71
C GLU A 576 7.02 62.67 9.60
N PRO A 577 7.96 63.20 10.42
CA PRO A 577 8.65 62.38 11.42
C PRO A 577 7.73 62.09 12.62
N LEU A 578 7.82 60.88 13.18
CA LEU A 578 7.00 60.42 14.34
C LEU A 578 7.38 61.24 15.58
N MET A 579 6.39 61.91 16.18
CA MET A 579 6.54 62.72 17.42
C MET A 579 5.68 62.10 18.53
N ASN A 580 4.43 61.75 18.20
CA ASN A 580 3.51 60.97 19.07
C ASN A 580 3.74 59.47 18.81
N LEU A 581 4.47 58.80 19.71
CA LEU A 581 4.86 57.37 19.55
C LEU A 581 3.60 56.48 19.62
N ILE A 582 2.58 56.90 20.37
CA ILE A 582 1.29 56.14 20.55
C ILE A 582 0.36 56.42 19.37
N ASP A 583 -0.12 57.67 19.25
CA ASP A 583 -1.22 58.08 18.33
C ASP A 583 -0.66 58.69 17.04
N GLY A 584 0.62 58.44 16.72
CA GLY A 584 1.30 59.04 15.56
C GLY A 584 0.91 58.38 14.24
N ARG A 585 1.77 58.54 13.23
CA ARG A 585 1.59 57.98 11.86
C ARG A 585 2.76 57.04 11.55
N ASN A 586 2.86 55.93 12.28
CA ASN A 586 3.93 54.90 12.08
C ASN A 586 3.33 53.67 11.41
N THR A 587 4.10 53.05 10.52
CA THR A 587 3.83 51.71 9.95
C THR A 587 4.39 50.66 10.93
N GLY A 588 3.65 49.56 11.13
CA GLY A 588 3.95 48.52 12.14
C GLY A 588 3.11 48.71 13.38
N GLY A 589 2.73 47.61 14.02
CA GLY A 589 1.91 47.61 15.26
C GLY A 589 1.60 46.20 15.72
N ARG A 590 1.34 46.03 17.02
CA ARG A 590 0.82 44.78 17.63
C ARG A 590 0.24 45.09 19.00
N ALA A 591 -0.56 44.17 19.54
CA ALA A 591 -1.03 44.15 20.95
C ALA A 591 -0.66 42.80 21.56
N VAL A 592 -0.10 42.80 22.76
CA VAL A 592 0.39 41.58 23.49
C VAL A 592 -0.42 41.43 24.77
N ILE A 593 -1.40 40.52 24.76
CA ILE A 593 -2.28 40.20 25.93
C ILE A 593 -1.64 39.03 26.70
N HIS A 594 -1.31 39.26 27.97
CA HIS A 594 -0.81 38.23 28.92
C HIS A 594 -1.98 37.74 29.79
N VAL A 595 -2.14 36.42 29.90
CA VAL A 595 -3.14 35.76 30.79
C VAL A 595 -2.41 34.65 31.56
N GLN A 596 -2.65 34.55 32.87
CA GLN A 596 -2.12 33.46 33.73
C GLN A 596 -3.24 32.97 34.65
N ARG A 597 -3.47 31.65 34.68
CA ARG A 597 -4.30 30.99 35.73
C ARG A 597 -3.59 31.18 37.07
N LYS A 598 -4.23 31.90 38.00
CA LYS A 598 -3.70 32.17 39.38
C LYS A 598 -4.12 31.01 40.28
N LYS A 599 -3.85 31.12 41.59
CA LYS A 599 -4.25 30.13 42.62
C LYS A 599 -5.75 29.85 42.49
N ASP A 600 -6.56 30.92 42.42
CA ASP A 600 -8.01 30.88 42.11
C ASP A 600 -8.26 31.65 40.82
N HIS A 601 -9.00 31.07 39.88
CA HIS A 601 -9.40 31.71 38.60
C HIS A 601 -8.16 32.15 37.83
N ALA A 602 -8.23 33.24 37.06
CA ALA A 602 -7.12 33.79 36.25
C ALA A 602 -7.22 35.32 36.22
N GLU A 603 -6.13 35.98 35.84
CA GLU A 603 -6.03 37.46 35.68
C GLU A 603 -5.24 37.75 34.39
N ALA A 604 -5.35 38.98 33.88
CA ALA A 604 -4.80 39.40 32.56
C ALA A 604 -4.15 40.79 32.67
N SER A 605 -3.31 41.11 31.68
CA SER A 605 -2.58 42.40 31.51
C SER A 605 -2.09 42.47 30.06
N TRP A 606 -2.17 43.64 29.41
CA TRP A 606 -1.87 43.78 27.96
C TRP A 606 -0.99 45.01 27.69
N SER A 607 -0.07 44.87 26.73
CA SER A 607 0.81 45.94 26.20
C SER A 607 0.55 46.09 24.70
N ALA A 608 1.28 46.98 24.02
CA ALA A 608 1.16 47.22 22.56
C ALA A 608 2.45 47.82 22.00
N GLU A 609 2.50 47.96 20.67
CA GLU A 609 3.60 48.62 19.92
C GLU A 609 3.01 49.43 18.77
N GLY A 610 3.75 50.42 18.26
CA GLY A 610 3.42 51.22 17.07
C GLY A 610 1.98 51.72 17.10
N SER A 611 1.24 51.52 16.00
CA SER A 611 -0.19 51.90 15.84
C SER A 611 -1.08 50.72 16.26
N SER A 612 -1.34 50.58 17.56
CA SER A 612 -1.98 49.40 18.20
C SER A 612 -3.27 49.03 17.50
N PRO A 613 -3.52 47.73 17.25
CA PRO A 613 -4.81 47.27 16.73
C PRO A 613 -5.89 47.12 17.82
N VAL A 614 -5.52 47.23 19.09
CA VAL A 614 -6.39 47.01 20.27
C VAL A 614 -6.39 48.27 21.15
N LEU A 615 -7.57 48.77 21.51
CA LEU A 615 -7.77 49.94 22.41
C LEU A 615 -7.89 49.48 23.86
N ASP A 616 -8.56 48.35 24.07
CA ASP A 616 -8.92 47.82 25.42
C ASP A 616 -9.09 46.31 25.32
N VAL A 617 -8.89 45.59 26.43
CA VAL A 617 -9.18 44.13 26.57
C VAL A 617 -9.76 43.88 27.96
N ARG A 618 -10.88 43.16 28.03
CA ARG A 618 -11.51 42.66 29.28
C ARG A 618 -11.51 41.14 29.23
N TYR A 619 -11.58 40.49 30.40
CA TYR A 619 -11.59 39.00 30.54
C TYR A 619 -12.70 38.58 31.51
N VAL A 620 -13.15 37.35 31.38
CA VAL A 620 -14.16 36.68 32.25
C VAL A 620 -13.60 35.32 32.67
N ALA A 621 -13.28 35.17 33.96
CA ALA A 621 -12.68 33.94 34.55
C ALA A 621 -13.79 33.08 35.15
N LYS A 622 -14.58 32.42 34.29
CA LYS A 622 -15.81 31.68 34.69
C LYS A 622 -15.49 30.57 35.68
N THR A 623 -14.40 29.83 35.45
CA THR A 623 -13.94 28.71 36.31
C THR A 623 -12.45 28.91 36.64
N ASP A 624 -11.88 27.99 37.42
CA ASP A 624 -10.43 27.98 37.78
C ASP A 624 -9.60 27.71 36.51
N THR A 625 -10.16 26.97 35.54
CA THR A 625 -9.46 26.50 34.32
C THR A 625 -9.82 27.37 33.11
N ASP A 626 -11.03 27.95 33.07
CA ASP A 626 -11.61 28.62 31.87
C ASP A 626 -11.48 30.15 32.00
N THR A 627 -10.95 30.81 30.96
CA THR A 627 -10.79 32.28 30.87
C THR A 627 -11.21 32.77 29.47
N GLN A 628 -12.34 33.48 29.37
CA GLN A 628 -12.81 34.16 28.14
C GLN A 628 -12.05 35.49 28.00
N VAL A 629 -11.56 35.79 26.80
CA VAL A 629 -10.74 37.01 26.51
C VAL A 629 -11.44 37.83 25.42
N PHE A 630 -11.80 39.08 25.73
CA PHE A 630 -12.43 40.05 24.80
C PHE A 630 -11.43 41.16 24.46
N ILE A 631 -11.46 41.70 23.24
CA ILE A 631 -10.62 42.85 22.81
C ILE A 631 -11.51 43.90 22.12
N ARG A 632 -11.30 45.18 22.45
CA ARG A 632 -11.89 46.35 21.75
C ARG A 632 -11.06 46.62 20.50
N LEU A 633 -11.43 46.01 19.38
CA LEU A 633 -10.69 46.09 18.09
C LEU A 633 -10.78 47.53 17.56
N ALA A 634 -9.64 48.21 17.48
CA ALA A 634 -9.50 49.63 17.10
C ALA A 634 -10.18 49.90 15.76
N GLY A 635 -10.64 51.13 15.54
CA GLY A 635 -11.19 51.60 14.26
C GLY A 635 -10.15 51.51 13.15
N TRP A 636 -10.59 51.17 11.93
CA TRP A 636 -9.75 51.05 10.71
C TRP A 636 -8.61 50.06 10.95
N THR A 637 -8.95 48.87 11.47
CA THR A 637 -8.02 47.71 11.63
C THR A 637 -8.32 46.74 10.49
N PRO A 638 -7.54 46.77 9.38
CA PRO A 638 -7.91 46.05 8.16
C PRO A 638 -7.69 44.54 8.24
N SER A 639 -6.65 44.11 8.96
CA SER A 639 -6.27 42.69 9.17
C SER A 639 -5.37 42.56 10.39
N ALA A 640 -5.84 41.88 11.43
CA ALA A 640 -5.11 41.58 12.68
C ALA A 640 -5.08 40.06 12.90
N ALA A 641 -3.87 39.48 12.95
CA ALA A 641 -3.63 38.03 13.08
C ALA A 641 -3.44 37.66 14.55
N ILE A 642 -4.13 36.60 15.00
CA ILE A 642 -4.08 36.08 16.41
C ILE A 642 -3.07 34.93 16.48
N MET A 643 -1.95 35.17 17.18
CA MET A 643 -0.84 34.20 17.36
C MET A 643 -0.55 34.08 18.87
N ILE A 644 -0.48 32.84 19.37
CA ILE A 644 -0.50 32.53 20.83
C ILE A 644 0.77 31.77 21.22
N LYS A 645 1.35 32.12 22.37
CA LYS A 645 2.35 31.32 23.12
C LYS A 645 1.73 30.88 24.44
N SER A 646 2.02 29.66 24.89
CA SER A 646 1.47 29.04 26.12
C SER A 646 2.53 28.19 26.82
N THR A 647 2.50 28.13 28.15
CA THR A 647 3.36 27.25 28.99
C THR A 647 2.56 26.03 29.43
N ALA A 648 1.27 25.95 29.07
CA ALA A 648 0.33 24.88 29.47
C ALA A 648 0.72 23.57 28.79
N LYS A 649 0.41 22.44 29.44
CA LYS A 649 0.65 21.07 28.92
C LYS A 649 -0.30 20.81 27.74
N ASP A 650 0.23 20.30 26.62
CA ASP A 650 -0.55 19.99 25.39
C ASP A 650 -0.96 18.52 25.42
N ARG A 651 -1.63 18.04 24.36
CA ARG A 651 -2.31 16.72 24.31
C ARG A 651 -1.27 15.58 24.28
N PHE A 652 -0.06 15.85 23.77
CA PHE A 652 1.08 14.90 23.75
C PHE A 652 1.47 14.52 25.19
N VAL A 653 1.23 15.41 26.15
CA VAL A 653 1.68 15.29 27.57
C VAL A 653 0.54 14.74 28.44
N THR A 654 -0.66 15.32 28.35
CA THR A 654 -1.83 14.95 29.20
C THR A 654 -3.11 14.86 28.34
N GLY A 655 -4.13 14.16 28.86
CA GLY A 655 -5.45 14.02 28.24
C GLY A 655 -6.30 15.26 28.45
N ARG A 656 -6.39 15.72 29.71
CA ARG A 656 -7.09 16.97 30.11
C ARG A 656 -6.13 18.15 29.88
N CYS A 657 -5.86 18.46 28.60
CA CYS A 657 -4.76 19.34 28.13
C CYS A 657 -5.24 20.78 27.90
N ALA A 658 -4.35 21.65 27.44
CA ALA A 658 -4.62 23.07 27.09
C ALA A 658 -5.49 23.13 25.83
N ARG A 659 -6.45 24.05 25.82
CA ARG A 659 -7.33 24.35 24.65
C ARG A 659 -7.31 25.86 24.38
N VAL A 660 -7.45 26.24 23.12
CA VAL A 660 -7.92 27.59 22.68
C VAL A 660 -9.27 27.38 22.00
N ASP A 661 -10.37 27.58 22.74
CA ASP A 661 -11.76 27.51 22.23
C ASP A 661 -12.02 28.80 21.46
N ALA A 662 -11.56 28.86 20.21
CA ALA A 662 -11.65 30.04 19.33
C ALA A 662 -13.13 30.39 19.09
N LYS A 663 -13.50 31.64 19.37
CA LYS A 663 -14.85 32.21 19.09
C LYS A 663 -14.70 33.23 17.96
N MET A 664 -13.81 34.21 18.14
CA MET A 664 -13.45 35.25 17.13
C MET A 664 -14.73 35.91 16.58
N ALA A 665 -15.73 36.10 17.45
CA ALA A 665 -17.08 36.60 17.12
C ALA A 665 -17.33 37.95 17.79
N LYS A 666 -18.04 38.86 17.12
CA LYS A 666 -18.46 40.17 17.66
C LYS A 666 -19.30 39.93 18.92
N ALA A 667 -18.82 40.41 20.07
CA ALA A 667 -19.43 40.16 21.40
C ALA A 667 -18.94 41.22 22.40
N THR A 668 -19.86 41.98 22.99
CA THR A 668 -19.58 42.99 24.04
C THR A 668 -19.35 42.27 25.37
N PRO A 669 -18.23 42.53 26.07
CA PRO A 669 -17.96 41.88 27.36
C PRO A 669 -19.05 42.24 28.38
N ASP A 670 -19.65 41.21 28.99
CA ASP A 670 -20.81 41.30 29.91
C ASP A 670 -20.41 42.06 31.18
N SER A 671 -21.39 42.65 31.88
CA SER A 671 -21.24 43.20 33.25
C SER A 671 -20.63 42.11 34.15
N GLY A 672 -19.63 42.47 34.95
CA GLY A 672 -18.87 41.52 35.79
C GLY A 672 -17.56 41.09 35.13
N SER A 673 -17.39 41.40 33.84
CA SER A 673 -16.08 41.31 33.12
C SER A 673 -15.09 42.27 33.77
N HIS A 674 -13.81 41.90 33.82
CA HIS A 674 -12.73 42.67 34.49
C HIS A 674 -11.80 43.27 33.43
N ALA A 675 -11.52 44.57 33.54
CA ALA A 675 -10.57 45.31 32.67
C ALA A 675 -9.16 44.77 32.90
N ALA A 676 -8.54 44.23 31.84
CA ALA A 676 -7.10 43.85 31.81
C ALA A 676 -6.28 45.13 31.84
N PRO A 677 -5.50 45.40 32.92
CA PRO A 677 -4.74 46.65 33.02
C PRO A 677 -3.70 46.78 31.90
N GLN A 678 -3.62 47.97 31.29
CA GLN A 678 -2.69 48.27 30.17
C GLN A 678 -1.34 48.66 30.77
N ARG A 679 -0.39 47.72 30.77
CA ARG A 679 0.99 47.89 31.32
C ARG A 679 2.00 47.22 30.36
N PHE A 680 3.24 47.69 30.36
CA PHE A 680 4.42 46.98 29.79
C PHE A 680 5.59 47.15 30.78
N SER A 681 6.62 46.31 30.62
CA SER A 681 7.75 46.16 31.57
C SER A 681 8.94 45.48 30.88
N LEU A 682 9.90 46.28 30.42
CA LEU A 682 11.15 45.81 29.76
C LEU A 682 12.35 46.21 30.62
N HIS A 683 13.04 45.22 31.20
CA HIS A 683 14.13 45.42 32.21
C HIS A 683 15.17 44.31 32.09
N ASN A 684 16.17 44.32 32.99
CA ASN A 684 17.23 43.29 33.12
C ASN A 684 17.28 42.77 34.56
N GLY A 685 16.23 43.03 35.36
CA GLY A 685 16.12 42.59 36.76
C GLY A 685 16.74 43.58 37.73
N LYS A 686 17.30 44.68 37.22
CA LYS A 686 17.95 45.75 38.02
C LYS A 686 17.36 47.12 37.62
N ALA A 687 17.47 47.47 36.34
CA ALA A 687 16.97 48.74 35.75
C ALA A 687 16.12 48.44 34.51
N GLY A 688 15.21 49.36 34.14
CA GLY A 688 14.37 49.24 32.94
C GLY A 688 13.31 50.32 32.83
N VAL A 689 12.43 50.17 31.83
CA VAL A 689 11.34 51.14 31.49
C VAL A 689 10.02 50.38 31.36
N GLY A 690 8.92 51.00 31.77
CA GLY A 690 7.55 50.44 31.70
C GLY A 690 6.49 51.53 31.61
N ALA A 691 5.22 51.14 31.67
CA ALA A 691 4.04 52.04 31.76
C ALA A 691 2.96 51.34 32.59
N ASN A 692 2.07 52.10 33.21
CA ASN A 692 0.99 51.58 34.10
C ASN A 692 -0.38 52.04 33.59
N GLU A 693 -1.44 51.50 34.19
CA GLU A 693 -2.86 51.68 33.76
C GLU A 693 -3.32 53.13 34.03
N GLN A 694 -2.71 53.81 35.01
CA GLN A 694 -3.01 55.23 35.35
C GLN A 694 -2.51 56.15 34.23
N GLY A 695 -1.53 55.70 33.44
CA GLY A 695 -0.98 56.41 32.26
C GLY A 695 0.34 57.09 32.56
N ASP A 696 1.11 56.57 33.52
CA ASP A 696 2.44 57.11 33.93
C ASP A 696 3.54 56.19 33.39
N LEU A 697 4.51 56.77 32.69
CA LEU A 697 5.79 56.10 32.31
C LEU A 697 6.48 55.64 33.61
N LEU A 698 6.83 54.36 33.69
CA LEU A 698 7.60 53.76 34.82
C LEU A 698 9.08 53.74 34.44
N LEU A 699 9.96 54.16 35.37
CA LEU A 699 11.43 54.08 35.21
C LEU A 699 12.03 53.43 36.46
N ALA A 700 13.13 52.69 36.28
CA ALA A 700 13.89 52.00 37.35
C ALA A 700 15.39 52.09 37.06
N SER A 701 16.16 52.52 38.05
CA SER A 701 17.64 52.68 37.99
C SER A 701 18.19 52.92 39.40
N ARG A 702 19.50 52.77 39.59
CA ARG A 702 20.20 53.00 40.88
C ARG A 702 19.84 54.39 41.40
N ALA A 703 19.12 54.45 42.53
CA ALA A 703 18.80 55.70 43.27
C ALA A 703 20.11 56.34 43.73
N LEU A 704 20.17 57.68 43.76
CA LEU A 704 21.41 58.45 44.01
C LEU A 704 21.25 59.30 45.27
N SER A 705 22.33 59.44 46.05
CA SER A 705 22.45 60.38 47.18
C SER A 705 22.79 61.76 46.63
N ALA A 706 22.00 62.78 46.99
CA ALA A 706 22.16 64.20 46.57
C ALA A 706 23.59 64.68 46.89
N ASP A 707 24.23 64.10 47.91
CA ASP A 707 25.59 64.42 48.38
C ASP A 707 26.64 64.13 47.30
N ASN A 708 26.35 63.21 46.36
CA ASN A 708 27.27 62.80 45.27
C ASN A 708 26.90 63.50 43.96
N VAL A 709 26.09 64.57 44.02
CA VAL A 709 25.60 65.32 42.83
C VAL A 709 25.96 66.80 42.98
N ASP A 710 26.61 67.37 41.95
CA ASP A 710 26.79 68.84 41.79
C ASP A 710 25.43 69.44 41.45
N THR A 711 24.66 69.82 42.46
CA THR A 711 23.22 70.23 42.37
C THR A 711 23.10 71.69 41.89
N ARG A 712 24.23 72.38 41.69
CA ARG A 712 24.28 73.84 41.41
C ARG A 712 23.47 74.17 40.15
N LYS A 713 23.69 73.45 39.04
CA LYS A 713 22.90 73.61 37.79
C LYS A 713 23.15 72.43 36.84
N PRO A 714 22.18 72.10 35.95
CA PRO A 714 22.34 70.99 35.01
C PRO A 714 23.65 71.03 34.23
N GLU A 715 24.32 69.88 34.08
CA GLU A 715 25.63 69.74 33.39
C GLU A 715 25.42 69.90 31.87
N GLY A 716 24.40 69.25 31.33
CA GLY A 716 24.05 69.31 29.89
C GLY A 716 22.60 68.95 29.64
N PHE A 717 22.24 68.72 28.37
CA PHE A 717 20.87 68.39 27.90
C PHE A 717 20.94 67.43 26.71
N VAL A 718 19.83 66.74 26.44
CA VAL A 718 19.62 65.88 25.23
C VAL A 718 18.20 66.12 24.70
N SER A 719 18.05 66.17 23.37
CA SER A 719 16.75 66.41 22.67
C SER A 719 15.84 65.18 22.87
N VAL A 720 14.75 65.36 23.62
CA VAL A 720 13.69 64.33 23.84
C VAL A 720 12.34 64.93 23.42
N VAL A 721 11.55 64.18 22.66
CA VAL A 721 10.18 64.58 22.20
C VAL A 721 9.17 64.06 23.22
N ILE A 722 9.04 64.75 24.37
CA ILE A 722 8.11 64.37 25.47
C ILE A 722 6.69 64.72 25.01
N ASN A 723 5.82 63.71 24.95
CA ASN A 723 4.44 63.80 24.40
C ASN A 723 4.52 64.23 22.93
N GLY A 724 4.17 65.48 22.61
CA GLY A 724 4.11 66.00 21.23
C GLY A 724 5.27 66.91 20.88
N LYS A 725 5.98 67.43 21.89
CA LYS A 725 6.92 68.58 21.76
C LYS A 725 8.37 68.14 21.96
N THR A 726 9.27 68.63 21.10
CA THR A 726 10.74 68.51 21.26
C THR A 726 11.20 69.43 22.39
N VAL A 727 11.63 68.87 23.51
CA VAL A 727 12.12 69.60 24.72
C VAL A 727 13.57 69.18 24.99
N ALA A 728 14.20 69.75 26.02
CA ALA A 728 15.58 69.46 26.44
C ALA A 728 15.56 68.77 27.81
N LEU A 729 15.92 67.49 27.87
CA LEU A 729 15.96 66.68 29.11
C LEU A 729 17.24 67.02 29.86
N PRO A 730 17.16 67.53 31.11
CA PRO A 730 18.34 67.93 31.88
C PRO A 730 19.01 66.74 32.60
N TYR A 731 20.30 66.85 32.85
CA TYR A 731 21.09 65.92 33.71
C TYR A 731 22.16 66.74 34.45
N PHE A 732 22.52 66.29 35.65
CA PHE A 732 23.50 66.96 36.55
C PHE A 732 24.80 66.15 36.60
N ALA A 733 25.91 66.80 36.94
CA ALA A 733 27.24 66.18 37.07
C ALA A 733 27.27 65.32 38.35
N ILE A 734 28.05 64.24 38.31
CA ILE A 734 28.27 63.31 39.46
C ILE A 734 29.56 63.73 40.16
N LYS A 735 29.48 64.10 41.44
CA LYS A 735 30.67 64.40 42.28
C LYS A 735 31.58 63.17 42.28
N ALA A 736 32.88 63.35 42.02
CA ALA A 736 33.90 62.28 42.04
C ALA A 736 33.93 61.64 43.43
N ALA B 34 -38.88 -67.33 -17.21
CA ALA B 34 -38.93 -66.12 -18.09
C ALA B 34 -40.27 -65.39 -17.94
N LEU B 35 -41.38 -66.15 -17.95
CA LEU B 35 -42.78 -65.62 -17.94
C LEU B 35 -43.54 -66.18 -16.72
N LYS B 36 -43.09 -65.87 -15.50
CA LYS B 36 -43.78 -66.27 -14.24
C LYS B 36 -44.36 -65.03 -13.57
N SER B 37 -45.63 -64.71 -13.86
CA SER B 37 -46.38 -63.56 -13.30
C SER B 37 -46.36 -63.60 -11.78
N VAL B 38 -45.90 -62.51 -11.15
CA VAL B 38 -45.76 -62.35 -9.67
C VAL B 38 -46.49 -61.08 -9.25
N ASP B 39 -47.20 -61.12 -8.12
CA ASP B 39 -47.90 -59.94 -7.53
C ASP B 39 -46.88 -59.05 -6.82
N ALA B 40 -47.11 -57.74 -6.82
CA ALA B 40 -46.25 -56.72 -6.16
C ALA B 40 -46.10 -57.07 -4.67
N THR B 41 -47.18 -57.54 -4.05
CA THR B 41 -47.26 -57.88 -2.60
C THR B 41 -46.52 -59.20 -2.30
N ALA B 42 -46.14 -59.97 -3.33
CA ALA B 42 -45.45 -61.28 -3.21
C ALA B 42 -43.94 -61.11 -3.45
N ILE B 43 -43.46 -59.88 -3.70
CA ILE B 43 -42.01 -59.57 -3.92
C ILE B 43 -41.34 -59.43 -2.55
N PRO B 44 -40.20 -60.10 -2.31
CA PRO B 44 -39.52 -60.05 -1.01
C PRO B 44 -39.34 -58.62 -0.48
N LYS B 45 -39.64 -58.41 0.80
CA LYS B 45 -39.52 -57.10 1.51
C LYS B 45 -38.08 -56.59 1.36
N GLY B 46 -37.91 -55.32 1.00
CA GLY B 46 -36.59 -54.66 0.89
C GLY B 46 -36.04 -54.71 -0.53
N ASP B 47 -36.65 -55.48 -1.44
CA ASP B 47 -36.26 -55.54 -2.87
C ASP B 47 -36.60 -54.20 -3.53
N VAL B 48 -35.73 -53.73 -4.43
CA VAL B 48 -35.82 -52.38 -5.09
C VAL B 48 -35.48 -52.53 -6.58
N PRO B 49 -35.79 -51.53 -7.42
CA PRO B 49 -35.25 -51.46 -8.77
C PRO B 49 -33.72 -51.27 -8.74
N ILE B 50 -32.97 -52.32 -9.12
CA ILE B 50 -31.47 -52.32 -9.11
C ILE B 50 -30.95 -51.83 -10.46
N LEU B 51 -31.74 -52.00 -11.53
CA LEU B 51 -31.40 -51.56 -12.91
C LEU B 51 -32.66 -51.03 -13.60
N THR B 52 -32.55 -49.84 -14.23
CA THR B 52 -33.65 -49.11 -14.90
C THR B 52 -33.17 -48.72 -16.31
N PRO B 53 -34.03 -48.11 -17.17
CA PRO B 53 -33.61 -47.67 -18.50
C PRO B 53 -32.39 -46.73 -18.44
N GLU B 54 -32.31 -45.91 -17.38
CA GLU B 54 -31.20 -44.95 -17.12
C GLU B 54 -29.84 -45.68 -17.11
N ASN B 55 -29.82 -46.95 -16.69
CA ASN B 55 -28.59 -47.79 -16.64
C ASN B 55 -28.15 -48.18 -18.07
N VAL B 56 -29.11 -48.29 -19.00
CA VAL B 56 -28.85 -48.61 -20.44
C VAL B 56 -28.32 -47.34 -21.13
N TYR B 57 -29.00 -46.20 -20.91
CA TYR B 57 -28.62 -44.86 -21.40
C TYR B 57 -27.23 -44.47 -20.85
N ALA B 58 -26.92 -44.91 -19.63
CA ALA B 58 -25.68 -44.57 -18.89
C ALA B 58 -24.48 -45.33 -19.44
N MET B 59 -24.68 -46.42 -20.18
CA MET B 59 -23.58 -47.21 -20.80
C MET B 59 -23.03 -46.42 -21.99
N PRO B 60 -21.78 -46.69 -22.43
CA PRO B 60 -21.28 -46.10 -23.68
C PRO B 60 -22.12 -46.54 -24.87
N PRO B 61 -22.40 -45.66 -25.86
CA PRO B 61 -23.25 -46.01 -26.99
C PRO B 61 -22.81 -47.27 -27.76
N GLN B 62 -21.50 -47.53 -27.81
CA GLN B 62 -20.88 -48.69 -28.51
C GLN B 62 -21.32 -49.99 -27.84
N PHE B 63 -21.45 -49.97 -26.51
CA PHE B 63 -21.85 -51.13 -25.66
C PHE B 63 -23.31 -51.52 -25.99
N TRP B 64 -24.23 -50.55 -25.92
CA TRP B 64 -25.66 -50.69 -26.28
C TRP B 64 -25.77 -51.43 -27.62
N GLN B 65 -25.12 -50.89 -28.66
CA GLN B 65 -25.24 -51.31 -30.08
C GLN B 65 -24.64 -52.71 -30.29
N ASN B 66 -23.51 -53.02 -29.65
CA ASN B 66 -22.63 -54.15 -30.05
C ASN B 66 -22.69 -55.28 -29.02
N PHE B 67 -22.58 -54.99 -27.71
CA PHE B 67 -22.39 -56.00 -26.64
C PHE B 67 -23.48 -57.08 -26.72
N GLN B 68 -23.05 -58.34 -26.70
CA GLN B 68 -23.91 -59.54 -26.48
C GLN B 68 -23.29 -60.38 -25.37
N GLY B 69 -24.10 -60.86 -24.43
CA GLY B 69 -23.60 -61.65 -23.28
C GLY B 69 -24.71 -62.06 -22.32
N LYS B 70 -24.33 -62.32 -21.06
CA LYS B 70 -25.20 -62.91 -20.01
C LYS B 70 -24.98 -62.19 -18.68
N LEU B 71 -26.07 -61.77 -18.03
CA LEU B 71 -26.05 -61.05 -16.72
C LEU B 71 -26.55 -62.00 -15.61
N TRP B 72 -25.81 -62.06 -14.50
CA TRP B 72 -26.16 -62.85 -13.27
C TRP B 72 -26.36 -61.88 -12.11
N ILE B 73 -27.43 -62.07 -11.33
CA ILE B 73 -27.69 -61.40 -10.03
C ILE B 73 -27.73 -62.47 -8.95
N GLY B 74 -26.69 -62.53 -8.11
CA GLY B 74 -26.51 -63.60 -7.09
C GLY B 74 -26.49 -63.05 -5.68
N ARG B 75 -26.43 -63.94 -4.69
CA ARG B 75 -26.38 -63.60 -3.24
C ARG B 75 -25.10 -62.82 -2.96
N ALA B 76 -25.19 -61.79 -2.10
CA ALA B 76 -24.05 -60.97 -1.64
C ALA B 76 -23.02 -61.88 -0.96
N GLY B 77 -21.78 -61.86 -1.46
CA GLY B 77 -20.62 -62.60 -0.91
C GLY B 77 -20.26 -63.83 -1.73
N SER B 78 -20.87 -64.00 -2.92
CA SER B 78 -20.69 -65.20 -3.80
C SER B 78 -20.40 -64.77 -5.24
N ASP B 79 -19.85 -65.68 -6.05
CA ASP B 79 -19.83 -65.57 -7.53
C ASP B 79 -21.24 -65.92 -8.02
N ALA B 80 -21.94 -64.94 -8.61
CA ALA B 80 -23.37 -65.02 -9.00
C ALA B 80 -23.59 -66.05 -10.12
N ARG B 81 -22.52 -66.45 -10.82
CA ARG B 81 -22.58 -67.37 -12.00
C ARG B 81 -22.70 -68.82 -11.52
N GLN B 82 -22.17 -69.14 -10.33
CA GLN B 82 -21.99 -70.52 -9.84
C GLN B 82 -23.32 -71.11 -9.40
N PRO B 83 -23.50 -72.45 -9.49
CA PRO B 83 -24.74 -73.12 -9.09
C PRO B 83 -25.17 -72.84 -7.63
N GLY B 84 -26.44 -72.46 -7.44
CA GLY B 84 -27.06 -72.24 -6.12
C GLY B 84 -26.71 -70.87 -5.54
N ASN B 85 -26.31 -69.92 -6.38
CA ASN B 85 -25.90 -68.54 -5.96
C ASN B 85 -26.85 -67.49 -6.54
N GLN B 86 -27.68 -67.84 -7.54
CA GLN B 86 -28.64 -66.91 -8.20
C GLN B 86 -29.79 -66.62 -7.24
N ILE B 87 -30.11 -65.33 -7.03
CA ILE B 87 -31.27 -64.87 -6.21
C ILE B 87 -32.40 -64.46 -7.16
N PRO B 88 -33.67 -64.43 -6.70
CA PRO B 88 -34.79 -64.07 -7.57
C PRO B 88 -34.69 -62.63 -8.10
N VAL B 89 -34.85 -62.45 -9.41
CA VAL B 89 -34.91 -61.15 -10.12
C VAL B 89 -36.26 -61.06 -10.83
N PHE B 90 -36.96 -59.93 -10.69
CA PHE B 90 -38.30 -59.68 -11.27
C PHE B 90 -38.20 -58.55 -12.30
N LEU B 91 -38.67 -58.83 -13.52
CA LEU B 91 -38.79 -57.82 -14.62
C LEU B 91 -40.14 -57.12 -14.48
N ARG B 92 -40.12 -55.81 -14.24
CA ARG B 92 -41.32 -54.92 -14.26
C ARG B 92 -41.51 -54.39 -15.67
N ASP B 93 -42.74 -54.45 -16.21
CA ASP B 93 -43.07 -54.02 -17.59
C ASP B 93 -43.70 -52.62 -17.55
N ALA B 94 -44.05 -52.08 -18.72
CA ALA B 94 -44.61 -50.73 -18.94
C ALA B 94 -45.86 -50.52 -18.06
N ASN B 95 -46.77 -51.49 -18.06
CA ASN B 95 -48.11 -51.40 -17.40
C ASN B 95 -47.95 -51.65 -15.90
N GLY B 96 -46.74 -52.01 -15.44
CA GLY B 96 -46.39 -52.11 -14.01
C GLY B 96 -46.42 -53.54 -13.49
N ASN B 97 -46.71 -54.52 -14.36
CA ASN B 97 -46.82 -55.96 -13.99
C ASN B 97 -45.42 -56.52 -13.71
N LEU B 98 -45.34 -57.55 -12.88
CA LEU B 98 -44.09 -58.21 -12.45
C LEU B 98 -44.10 -59.68 -12.88
N ALA B 99 -43.01 -60.15 -13.48
CA ALA B 99 -42.73 -61.57 -13.77
C ALA B 99 -41.30 -61.89 -13.33
N GLN B 100 -41.09 -63.03 -12.66
CA GLN B 100 -39.73 -63.50 -12.28
C GLN B 100 -39.06 -64.08 -13.52
N ILE B 101 -37.91 -63.53 -13.90
CA ILE B 101 -37.16 -63.92 -15.13
C ILE B 101 -36.13 -65.00 -14.75
N THR B 102 -35.83 -65.90 -15.70
CA THR B 102 -34.84 -67.00 -15.55
C THR B 102 -33.43 -66.46 -15.84
N GLN B 103 -32.47 -66.76 -14.97
CA GLN B 103 -31.05 -66.37 -15.13
C GLN B 103 -30.29 -67.51 -15.82
N PRO B 104 -29.19 -67.23 -16.55
CA PRO B 104 -28.67 -65.87 -16.72
C PRO B 104 -29.55 -65.00 -17.64
N ILE B 105 -29.53 -63.69 -17.43
CA ILE B 105 -30.29 -62.69 -18.23
C ILE B 105 -29.49 -62.37 -19.49
N THR B 106 -30.06 -62.66 -20.66
CA THR B 106 -29.45 -62.42 -21.99
C THR B 106 -29.48 -60.92 -22.29
N LEU B 107 -28.31 -60.34 -22.60
CA LEU B 107 -28.15 -58.91 -22.98
C LEU B 107 -27.74 -58.82 -24.46
N ASN B 108 -28.46 -58.01 -25.23
CA ASN B 108 -28.19 -57.70 -26.67
C ASN B 108 -29.03 -56.47 -27.04
N LYS B 109 -28.71 -55.83 -28.17
CA LYS B 109 -29.36 -54.55 -28.59
C LYS B 109 -30.88 -54.70 -28.52
N GLY B 110 -31.43 -55.77 -29.10
CA GLY B 110 -32.87 -56.08 -29.12
C GLY B 110 -33.47 -56.03 -27.72
N ASN B 111 -32.84 -56.72 -26.76
CA ASN B 111 -33.27 -56.79 -25.34
C ASN B 111 -33.12 -55.41 -24.68
N PHE B 112 -32.00 -54.71 -24.95
CA PHE B 112 -31.73 -53.34 -24.44
C PHE B 112 -32.84 -52.39 -24.91
N ASP B 113 -33.23 -52.49 -26.19
CA ASP B 113 -34.27 -51.64 -26.83
C ASP B 113 -35.61 -51.91 -26.15
N GLN B 114 -36.00 -53.19 -26.04
CA GLN B 114 -37.29 -53.63 -25.42
C GLN B 114 -37.38 -53.11 -23.98
N PHE B 115 -36.29 -53.24 -23.22
CA PHE B 115 -36.17 -52.82 -21.80
C PHE B 115 -36.46 -51.32 -21.67
N VAL B 116 -35.80 -50.52 -22.51
CA VAL B 116 -35.95 -49.03 -22.57
C VAL B 116 -37.35 -48.70 -23.09
N LYS B 117 -37.78 -49.33 -24.18
CA LYS B 117 -39.09 -49.10 -24.86
C LYS B 117 -40.24 -49.32 -23.87
N ASP B 118 -40.13 -50.36 -23.02
CA ASP B 118 -41.17 -50.76 -22.04
C ASP B 118 -41.02 -49.98 -20.73
N ASN B 119 -40.06 -49.05 -20.65
CA ASN B 119 -39.72 -48.33 -19.39
C ASN B 119 -39.64 -49.36 -18.26
N ALA B 120 -38.95 -50.48 -18.51
CA ALA B 120 -38.90 -51.68 -17.65
C ALA B 120 -37.87 -51.47 -16.52
N ALA B 121 -37.91 -52.32 -15.50
CA ALA B 121 -36.95 -52.34 -14.38
C ALA B 121 -36.70 -53.79 -13.93
N LEU B 122 -35.48 -54.08 -13.48
CA LEU B 122 -35.12 -55.35 -12.80
C LEU B 122 -35.12 -55.11 -11.29
N ILE B 123 -36.11 -55.67 -10.58
CA ILE B 123 -36.22 -55.60 -9.09
C ILE B 123 -35.53 -56.83 -8.49
N ALA B 124 -34.72 -56.62 -7.46
CA ALA B 124 -34.02 -57.66 -6.67
C ALA B 124 -33.51 -57.06 -5.36
N ASN B 125 -32.86 -57.87 -4.53
CA ASN B 125 -32.23 -57.44 -3.24
C ASN B 125 -31.17 -56.39 -3.56
N PRO B 126 -31.21 -55.19 -2.95
CA PRO B 126 -30.15 -54.19 -3.15
C PRO B 126 -28.77 -54.75 -2.78
N SER B 127 -28.73 -55.63 -1.77
CA SER B 127 -27.55 -56.45 -1.41
C SER B 127 -27.52 -57.69 -2.32
N HIS B 128 -26.60 -57.70 -3.31
CA HIS B 128 -26.47 -58.79 -4.30
C HIS B 128 -25.06 -58.80 -4.91
N ALA B 129 -24.59 -59.98 -5.31
CA ALA B 129 -23.45 -60.19 -6.22
C ALA B 129 -23.95 -59.98 -7.66
N MET B 130 -23.08 -59.48 -8.54
CA MET B 130 -23.41 -59.24 -9.98
C MET B 130 -22.23 -59.69 -10.84
N ALA B 131 -22.50 -60.48 -11.88
CA ALA B 131 -21.52 -61.01 -12.84
C ALA B 131 -22.01 -60.78 -14.27
N LEU B 132 -21.15 -60.26 -15.14
CA LEU B 132 -21.41 -60.05 -16.58
C LEU B 132 -20.35 -60.79 -17.39
N GLU B 133 -20.79 -61.69 -18.28
CA GLU B 133 -19.94 -62.34 -19.33
C GLU B 133 -20.42 -61.84 -20.70
N ASP B 134 -19.52 -61.81 -21.68
CA ASP B 134 -19.86 -61.60 -23.12
C ASP B 134 -20.32 -62.96 -23.69
N SER B 135 -20.78 -62.99 -24.94
CA SER B 135 -21.31 -64.19 -25.63
C SER B 135 -20.22 -65.26 -25.76
N ASN B 136 -18.94 -64.87 -25.65
CA ASN B 136 -17.76 -65.77 -25.72
C ASN B 136 -17.54 -66.52 -24.41
N GLY B 137 -17.97 -65.94 -23.28
CA GLY B 137 -17.78 -66.51 -21.92
C GLY B 137 -16.69 -65.80 -21.15
N GLN B 138 -16.12 -64.72 -21.71
CA GLN B 138 -15.14 -63.83 -21.04
C GLN B 138 -15.87 -62.93 -20.04
N THR B 139 -15.44 -62.90 -18.78
CA THR B 139 -16.06 -62.10 -17.69
C THR B 139 -15.67 -60.62 -17.87
N VAL B 140 -16.66 -59.73 -17.84
CA VAL B 140 -16.48 -58.25 -17.85
C VAL B 140 -16.36 -57.79 -16.39
N PHE B 141 -17.37 -58.13 -15.56
CA PHE B 141 -17.35 -58.00 -14.08
C PHE B 141 -17.43 -59.39 -13.44
N ASN B 142 -16.97 -59.48 -12.19
CA ASN B 142 -17.31 -60.57 -11.22
C ASN B 142 -17.26 -59.98 -9.81
N ILE B 143 -18.35 -59.32 -9.40
CA ILE B 143 -18.44 -58.55 -8.13
C ILE B 143 -19.25 -59.37 -7.12
N PRO B 144 -18.63 -59.80 -6.00
CA PRO B 144 -19.32 -60.64 -5.02
C PRO B 144 -20.33 -59.87 -4.15
N ASP B 145 -20.13 -58.55 -4.02
CA ASP B 145 -21.06 -57.64 -3.29
C ASP B 145 -20.92 -56.24 -3.87
N VAL B 146 -21.97 -55.72 -4.52
CA VAL B 146 -21.99 -54.39 -5.20
C VAL B 146 -22.00 -53.27 -4.15
N SER B 147 -22.18 -53.61 -2.86
CA SER B 147 -22.20 -52.66 -1.72
C SER B 147 -20.78 -52.44 -1.18
N GLN B 148 -19.79 -53.24 -1.61
CA GLN B 148 -18.37 -53.12 -1.18
C GLN B 148 -17.48 -52.80 -2.37
N PRO B 149 -16.48 -51.91 -2.22
CA PRO B 149 -15.52 -51.62 -3.29
C PRO B 149 -14.45 -52.71 -3.44
N LEU B 166 -18.23 -50.41 -19.07
CA LEU B 166 -17.11 -49.59 -18.51
C LEU B 166 -17.68 -48.27 -17.97
N ILE B 167 -17.01 -47.14 -18.24
CA ILE B 167 -17.37 -45.79 -17.72
C ILE B 167 -18.34 -45.14 -18.71
N GLY B 168 -19.55 -44.79 -18.25
CA GLY B 168 -20.62 -44.20 -19.07
C GLY B 168 -20.65 -42.68 -18.98
N GLU B 169 -21.53 -42.05 -19.76
CA GLU B 169 -21.76 -40.58 -19.78
C GLU B 169 -23.24 -40.28 -19.51
N ILE B 170 -23.51 -39.20 -18.78
CA ILE B 170 -24.88 -38.77 -18.37
C ILE B 170 -25.02 -37.28 -18.69
N PRO B 171 -26.11 -36.85 -19.37
CA PRO B 171 -26.22 -35.48 -19.87
C PRO B 171 -26.51 -34.38 -18.82
N SER B 172 -27.26 -34.70 -17.76
CA SER B 172 -27.72 -33.72 -16.73
C SER B 172 -27.77 -34.36 -15.34
N VAL B 173 -27.86 -33.56 -14.28
CA VAL B 173 -27.99 -34.05 -12.87
C VAL B 173 -29.38 -34.66 -12.70
N ASP B 174 -30.38 -34.10 -13.38
CA ASP B 174 -31.77 -34.65 -13.47
C ASP B 174 -31.67 -36.15 -13.80
N ASP B 175 -30.89 -36.50 -14.81
CA ASP B 175 -30.68 -37.89 -15.28
C ASP B 175 -29.76 -38.64 -14.29
N LEU B 176 -28.78 -37.94 -13.70
CA LEU B 176 -27.82 -38.52 -12.73
C LEU B 176 -28.57 -38.98 -11.47
N ARG B 177 -29.54 -38.19 -10.99
CA ARG B 177 -30.34 -38.48 -9.77
C ARG B 177 -31.29 -39.67 -10.02
N LYS B 178 -31.49 -40.05 -11.28
CA LYS B 178 -32.41 -41.15 -11.70
C LYS B 178 -31.60 -42.41 -12.05
N THR B 179 -30.27 -42.31 -12.17
CA THR B 179 -29.37 -43.42 -12.56
C THR B 179 -28.77 -44.06 -11.31
N ARG B 180 -29.23 -45.26 -10.94
CA ARG B 180 -28.65 -46.07 -9.84
C ARG B 180 -27.27 -46.57 -10.28
N PRO B 181 -26.21 -46.39 -9.45
CA PRO B 181 -24.90 -46.97 -9.76
C PRO B 181 -24.98 -48.50 -9.90
N LEU B 182 -24.15 -49.07 -10.79
CA LEU B 182 -24.04 -50.55 -10.99
C LEU B 182 -23.52 -51.19 -9.71
N PHE B 183 -22.53 -50.56 -9.06
CA PHE B 183 -21.87 -51.05 -7.82
C PHE B 183 -21.25 -49.87 -7.06
N GLU B 184 -20.86 -50.12 -5.81
CA GLU B 184 -20.18 -49.13 -4.92
C GLU B 184 -18.83 -48.77 -5.54
N GLY B 185 -18.64 -47.50 -5.90
CA GLY B 185 -17.39 -46.96 -6.47
C GLY B 185 -17.42 -46.90 -7.99
N ALA B 186 -18.57 -47.24 -8.60
CA ALA B 186 -18.80 -47.16 -10.06
C ALA B 186 -18.60 -45.71 -10.53
N LYS B 187 -17.78 -45.51 -11.57
CA LYS B 187 -17.42 -44.17 -12.09
C LYS B 187 -18.34 -43.83 -13.26
N ILE B 188 -18.79 -42.56 -13.31
CA ILE B 188 -19.65 -42.00 -14.40
C ILE B 188 -19.12 -40.61 -14.74
N LYS B 189 -19.44 -40.13 -15.95
CA LYS B 189 -18.98 -38.83 -16.49
C LYS B 189 -20.19 -37.96 -16.80
N LEU B 190 -20.44 -36.91 -16.00
CA LEU B 190 -21.54 -35.94 -16.22
C LEU B 190 -21.08 -34.88 -17.22
N LYS B 191 -21.72 -34.82 -18.39
CA LYS B 191 -21.39 -33.86 -19.49
C LYS B 191 -21.54 -32.43 -18.97
N SER B 192 -22.63 -32.14 -18.27
CA SER B 192 -22.92 -30.82 -17.67
C SER B 192 -24.02 -30.95 -16.61
N TRP B 193 -24.16 -29.91 -15.77
CA TRP B 193 -25.21 -29.81 -14.73
C TRP B 193 -26.58 -29.80 -15.41
N HIS B 194 -26.83 -28.80 -16.26
CA HIS B 194 -28.08 -28.61 -17.05
C HIS B 194 -27.91 -29.23 -18.44
N PRO B 195 -28.99 -29.79 -19.05
CA PRO B 195 -28.89 -30.40 -20.37
C PRO B 195 -28.35 -29.44 -21.45
N GLY B 196 -27.20 -29.79 -22.04
CA GLY B 196 -26.68 -29.18 -23.29
C GLY B 196 -25.98 -27.85 -23.08
N LEU B 197 -25.54 -27.52 -21.86
CA LEU B 197 -24.82 -26.25 -21.54
C LEU B 197 -23.31 -26.50 -21.40
N GLU B 198 -22.89 -27.76 -21.26
CA GLU B 198 -21.48 -28.20 -21.02
C GLU B 198 -20.76 -27.23 -20.07
N VAL B 199 -21.41 -26.87 -18.95
CA VAL B 199 -20.78 -26.29 -17.73
C VAL B 199 -21.30 -27.05 -16.51
N GLY B 200 -20.48 -27.15 -15.47
CA GLY B 200 -20.83 -27.81 -14.19
C GLY B 200 -20.80 -29.33 -14.30
N GLY B 201 -20.15 -29.87 -15.34
CA GLY B 201 -19.94 -31.31 -15.53
C GLY B 201 -18.72 -31.79 -14.77
N GLY B 202 -18.42 -33.10 -14.84
CA GLY B 202 -17.25 -33.70 -14.18
C GLY B 202 -17.38 -35.21 -14.02
N GLU B 203 -16.45 -35.81 -13.27
CA GLU B 203 -16.38 -37.26 -12.99
C GLU B 203 -17.01 -37.52 -11.61
N PHE B 204 -17.88 -38.54 -11.53
CA PHE B 204 -18.64 -38.89 -10.30
C PHE B 204 -18.45 -40.37 -9.98
N VAL B 205 -18.38 -40.68 -8.68
CA VAL B 205 -18.17 -42.05 -8.13
C VAL B 205 -19.42 -42.41 -7.30
N GLY B 206 -20.07 -43.53 -7.65
CA GLY B 206 -21.39 -43.91 -7.10
C GLY B 206 -21.28 -44.58 -5.74
N SER B 207 -22.34 -44.52 -4.94
CA SER B 207 -22.45 -45.14 -3.60
C SER B 207 -23.92 -45.43 -3.26
N PHE B 208 -24.16 -46.47 -2.47
CA PHE B 208 -25.48 -46.83 -1.88
C PHE B 208 -25.53 -46.37 -0.42
N GLN B 209 -24.40 -45.87 0.11
CA GLN B 209 -24.31 -45.25 1.47
C GLN B 209 -25.15 -43.98 1.47
N PRO B 210 -25.88 -43.67 2.56
CA PRO B 210 -26.78 -42.52 2.58
C PRO B 210 -26.01 -41.19 2.65
N ALA B 211 -26.38 -40.22 1.80
CA ALA B 211 -25.81 -38.86 1.76
C ALA B 211 -26.86 -37.88 1.20
N GLN B 212 -27.03 -36.73 1.85
CA GLN B 212 -28.01 -35.68 1.46
C GLN B 212 -27.49 -34.95 0.22
N ASP B 213 -28.38 -34.71 -0.74
CA ASP B 213 -28.11 -33.91 -1.98
C ASP B 213 -27.75 -32.48 -1.56
N ASP B 214 -26.57 -32.00 -1.96
CA ASP B 214 -26.10 -30.60 -1.70
C ASP B 214 -26.08 -29.80 -3.01
N GLN B 215 -26.59 -30.39 -4.11
CA GLN B 215 -26.87 -29.72 -5.41
C GLN B 215 -25.58 -29.31 -6.13
N GLY B 216 -24.41 -29.84 -5.73
CA GLY B 216 -23.10 -29.44 -6.27
C GLY B 216 -22.08 -30.56 -6.26
N VAL B 217 -21.83 -31.15 -5.09
CA VAL B 217 -20.79 -32.21 -4.87
C VAL B 217 -21.50 -33.57 -4.72
N ILE B 218 -22.65 -33.61 -4.04
CA ILE B 218 -23.48 -34.84 -3.82
C ILE B 218 -24.81 -34.67 -4.56
N PHE B 219 -25.10 -35.56 -5.51
CA PHE B 219 -26.41 -35.70 -6.20
C PHE B 219 -26.99 -37.08 -5.87
N SER B 220 -28.09 -37.13 -5.12
CA SER B 220 -28.67 -38.37 -4.54
C SER B 220 -30.01 -38.70 -5.19
N GLY B 221 -30.33 -39.99 -5.28
CA GLY B 221 -31.63 -40.53 -5.71
C GLY B 221 -32.24 -41.40 -4.62
N ASP B 222 -33.07 -42.37 -4.99
CA ASP B 222 -33.79 -43.26 -4.06
C ASP B 222 -32.86 -44.42 -3.68
N GLY B 223 -32.09 -44.26 -2.59
CA GLY B 223 -31.23 -45.31 -2.00
C GLY B 223 -29.84 -45.32 -2.60
N PHE B 224 -29.40 -44.21 -3.18
CA PHE B 224 -28.04 -44.05 -3.77
C PHE B 224 -27.72 -42.55 -3.94
N HIS B 225 -26.45 -42.26 -4.23
CA HIS B 225 -25.96 -40.89 -4.57
C HIS B 225 -24.68 -41.00 -5.41
N TRP B 226 -24.28 -39.89 -6.02
CA TRP B 226 -23.01 -39.72 -6.76
C TRP B 226 -22.22 -38.59 -6.12
N ARG B 227 -20.94 -38.85 -5.80
CA ARG B 227 -20.01 -37.86 -5.19
C ARG B 227 -19.05 -37.37 -6.27
N ARG B 228 -18.99 -36.05 -6.46
CA ARG B 228 -18.09 -35.38 -7.45
C ARG B 228 -16.63 -35.67 -7.04
N VAL B 229 -15.79 -36.04 -8.01
CA VAL B 229 -14.31 -36.19 -7.83
C VAL B 229 -13.70 -34.80 -7.90
N VAL B 230 -13.28 -34.25 -6.75
CA VAL B 230 -12.73 -32.88 -6.60
C VAL B 230 -11.27 -33.00 -6.10
N ASP B 231 -10.30 -32.76 -6.99
CA ASP B 231 -8.86 -32.75 -6.65
C ASP B 231 -8.56 -31.53 -5.77
N ASP B 232 -9.07 -30.36 -6.15
CA ASP B 232 -8.87 -29.06 -5.45
C ASP B 232 -10.23 -28.39 -5.27
N TYR B 233 -10.73 -28.33 -4.03
CA TYR B 233 -12.04 -27.74 -3.65
C TYR B 233 -12.05 -26.24 -3.95
N ASN B 234 -10.88 -25.63 -4.17
CA ASN B 234 -10.73 -24.18 -4.46
C ASN B 234 -10.98 -23.89 -5.94
N ARG B 235 -11.15 -24.92 -6.78
CA ARG B 235 -11.40 -24.78 -8.25
C ARG B 235 -12.89 -24.98 -8.55
N LEU B 236 -13.71 -25.32 -7.55
CA LEU B 236 -15.20 -25.38 -7.68
C LEU B 236 -15.73 -23.97 -7.96
N SER B 237 -16.82 -23.88 -8.74
CA SER B 237 -17.56 -22.62 -9.04
C SER B 237 -19.07 -22.88 -8.94
N LEU B 238 -19.88 -21.82 -9.08
CA LEU B 238 -21.36 -21.89 -8.99
C LEU B 238 -21.93 -22.70 -10.15
N PHE B 239 -21.17 -22.86 -11.25
CA PHE B 239 -21.53 -23.75 -12.40
C PHE B 239 -21.75 -25.17 -11.88
N ASP B 240 -20.92 -25.61 -10.92
CA ASP B 240 -20.97 -26.97 -10.31
C ASP B 240 -22.24 -27.11 -9.45
N PHE B 241 -22.82 -25.99 -9.00
CA PHE B 241 -24.04 -25.94 -8.15
C PHE B 241 -25.26 -25.53 -8.98
N GLY B 242 -25.09 -25.45 -10.32
CA GLY B 242 -26.21 -25.35 -11.29
C GLY B 242 -26.48 -23.93 -11.77
N ALA B 243 -25.56 -22.99 -11.52
CA ALA B 243 -25.66 -21.59 -11.99
C ALA B 243 -25.45 -21.54 -13.51
N ILE B 244 -26.12 -20.62 -14.20
CA ILE B 244 -26.00 -20.39 -15.67
C ILE B 244 -25.60 -18.93 -15.89
N ALA B 245 -24.50 -18.69 -16.62
CA ALA B 245 -23.95 -17.35 -16.93
C ALA B 245 -24.68 -16.74 -18.13
N ASP B 246 -26.01 -16.59 -18.03
CA ASP B 246 -26.89 -16.04 -19.10
C ASP B 246 -27.53 -14.72 -18.64
N GLY B 247 -27.34 -14.31 -17.38
CA GLY B 247 -27.82 -13.03 -16.82
C GLY B 247 -29.34 -12.97 -16.71
N LYS B 248 -30.03 -14.10 -16.91
CA LYS B 248 -31.52 -14.21 -16.89
C LYS B 248 -31.95 -15.19 -15.79
N THR B 249 -31.43 -16.43 -15.84
CA THR B 249 -31.77 -17.53 -14.90
C THR B 249 -31.29 -17.17 -13.50
N ASP B 250 -32.19 -17.22 -12.51
CA ASP B 250 -31.90 -16.94 -11.08
C ASP B 250 -30.87 -17.97 -10.59
N SER B 251 -29.69 -17.49 -10.17
CA SER B 251 -28.57 -18.32 -9.64
C SER B 251 -28.53 -18.23 -8.12
N ALA B 252 -29.60 -17.73 -7.49
CA ALA B 252 -29.76 -17.65 -6.01
C ALA B 252 -29.74 -19.06 -5.43
N PRO B 253 -30.49 -20.04 -5.99
CA PRO B 253 -30.46 -21.41 -5.48
C PRO B 253 -29.04 -22.00 -5.44
N ALA B 254 -28.25 -21.78 -6.50
CA ALA B 254 -26.85 -22.25 -6.64
C ALA B 254 -25.98 -21.59 -5.55
N ILE B 255 -26.12 -20.27 -5.39
CA ILE B 255 -25.37 -19.45 -4.39
C ILE B 255 -25.70 -19.96 -2.97
N LYS B 256 -26.98 -20.22 -2.69
CA LYS B 256 -27.46 -20.75 -1.39
C LYS B 256 -26.91 -22.18 -1.18
N ALA B 257 -26.91 -23.00 -2.24
CA ALA B 257 -26.44 -24.41 -2.22
C ALA B 257 -24.93 -24.45 -1.93
N MET B 258 -24.15 -23.68 -2.70
CA MET B 258 -22.66 -23.63 -2.57
C MET B 258 -22.28 -23.07 -1.21
N TYR B 259 -23.03 -22.08 -0.71
CA TYR B 259 -22.81 -21.46 0.62
C TYR B 259 -22.99 -22.52 1.71
N GLN B 260 -24.17 -23.16 1.74
CA GLN B 260 -24.55 -24.14 2.78
C GLN B 260 -23.58 -25.32 2.74
N TRP B 261 -23.13 -25.73 1.55
CA TRP B 261 -22.09 -26.78 1.35
C TRP B 261 -20.80 -26.36 2.06
N SER B 262 -20.29 -25.17 1.76
CA SER B 262 -19.02 -24.61 2.28
C SER B 262 -19.08 -24.48 3.81
N GLN B 263 -20.25 -24.12 4.36
CA GLN B 263 -20.49 -24.00 5.82
C GLN B 263 -20.44 -25.38 6.47
N GLN B 264 -21.23 -26.33 5.94
CA GLN B 264 -21.33 -27.73 6.45
C GLN B 264 -19.99 -28.45 6.30
N SER B 265 -19.25 -28.16 5.23
CA SER B 265 -17.96 -28.81 4.86
C SER B 265 -16.76 -28.04 5.44
N ASP B 266 -17.00 -26.84 5.98
CA ASP B 266 -15.95 -25.92 6.52
C ASP B 266 -14.87 -25.73 5.45
N GLN B 267 -15.27 -25.35 4.24
CA GLN B 267 -14.37 -25.01 3.11
C GLN B 267 -14.38 -23.49 2.93
N PRO B 268 -13.23 -22.80 3.13
CA PRO B 268 -13.20 -21.34 3.13
C PRO B 268 -13.54 -20.65 1.80
N ILE B 269 -13.46 -21.35 0.66
CA ILE B 269 -13.74 -20.77 -0.69
C ILE B 269 -15.16 -20.18 -0.70
N CYS B 270 -16.09 -20.80 0.03
CA CYS B 270 -17.46 -20.29 0.25
C CYS B 270 -18.17 -20.17 -1.10
N VAL B 271 -18.43 -18.96 -1.61
CA VAL B 271 -19.19 -18.72 -2.87
C VAL B 271 -18.22 -18.17 -3.93
N GLN B 272 -17.97 -18.96 -4.99
CA GLN B 272 -17.07 -18.60 -6.11
C GLN B 272 -17.88 -18.55 -7.41
N PHE B 273 -18.04 -17.36 -7.99
CA PHE B 273 -18.61 -17.14 -9.34
C PHE B 273 -17.55 -17.43 -10.40
N PRO B 274 -17.91 -18.08 -11.53
CA PRO B 274 -17.06 -18.06 -12.72
C PRO B 274 -17.28 -16.72 -13.44
N ALA B 275 -16.50 -16.44 -14.50
CA ALA B 275 -16.62 -15.23 -15.32
C ALA B 275 -18.00 -15.23 -16.01
N GLY B 276 -18.61 -14.05 -16.15
CA GLY B 276 -19.90 -13.85 -16.87
C GLY B 276 -20.88 -13.00 -16.08
N THR B 277 -22.07 -12.78 -16.65
CA THR B 277 -23.19 -12.03 -16.03
C THR B 277 -24.17 -13.01 -15.39
N PHE B 278 -24.52 -12.81 -14.11
CA PHE B 278 -25.39 -13.71 -13.30
C PHE B 278 -26.56 -12.91 -12.73
N PHE B 279 -27.77 -13.48 -12.82
CA PHE B 279 -29.01 -12.95 -12.19
C PHE B 279 -29.16 -13.58 -10.80
N VAL B 280 -29.27 -12.74 -9.76
CA VAL B 280 -29.33 -13.17 -8.34
C VAL B 280 -30.48 -12.40 -7.65
N THR B 281 -31.51 -13.12 -7.19
CA THR B 281 -32.56 -12.60 -6.29
C THR B 281 -32.00 -12.54 -4.86
N GLY B 282 -32.57 -11.69 -4.01
CA GLY B 282 -32.16 -11.48 -2.61
C GLY B 282 -31.87 -12.79 -1.89
N CYS B 283 -30.61 -13.00 -1.50
CA CYS B 283 -30.14 -14.18 -0.72
C CYS B 283 -30.03 -13.78 0.76
N ASP B 284 -30.82 -14.42 1.63
CA ASP B 284 -30.86 -14.15 3.09
C ASP B 284 -30.14 -15.29 3.83
N PHE B 285 -28.91 -15.03 4.28
CA PHE B 285 -28.12 -15.89 5.21
C PHE B 285 -28.12 -15.26 6.60
N GLY B 286 -29.27 -14.68 6.99
CA GLY B 286 -29.38 -13.76 8.14
C GLY B 286 -29.69 -14.47 9.44
N GLU B 287 -29.75 -13.69 10.54
CA GLU B 287 -30.10 -14.11 11.92
C GLU B 287 -28.99 -14.99 12.50
N GLU B 288 -28.80 -16.21 11.99
CA GLU B 288 -27.75 -17.15 12.46
C GLU B 288 -26.37 -16.50 12.31
N GLN B 289 -25.65 -16.35 13.42
CA GLN B 289 -24.30 -15.72 13.50
C GLN B 289 -23.25 -16.77 13.10
N ARG B 290 -22.46 -16.51 12.07
CA ARG B 290 -21.42 -17.44 11.53
C ARG B 290 -20.04 -16.80 11.67
N ARG B 291 -18.99 -17.56 11.36
CA ARG B 291 -17.57 -17.12 11.39
C ARG B 291 -17.23 -16.41 10.08
N PHE B 292 -17.46 -17.09 8.95
CA PHE B 292 -16.97 -16.70 7.61
C PHE B 292 -18.13 -16.49 6.62
N PHE B 293 -18.01 -15.45 5.80
CA PHE B 293 -18.72 -15.30 4.50
C PHE B 293 -17.76 -14.71 3.47
N ARG B 294 -17.29 -15.54 2.54
CA ARG B 294 -16.48 -15.11 1.37
C ARG B 294 -17.36 -15.20 0.12
N ILE B 295 -17.22 -14.22 -0.78
CA ILE B 295 -17.89 -14.20 -2.11
C ILE B 295 -16.96 -13.47 -3.09
N SER B 296 -16.65 -14.10 -4.23
CA SER B 296 -15.63 -13.62 -5.20
C SER B 296 -16.05 -13.95 -6.63
N GLY B 297 -15.78 -13.03 -7.57
CA GLY B 297 -15.90 -13.25 -9.01
C GLY B 297 -14.63 -13.87 -9.58
N ALA B 298 -14.61 -14.17 -10.88
CA ALA B 298 -13.51 -14.86 -11.60
C ALA B 298 -12.15 -14.36 -11.10
N MET B 299 -11.38 -15.23 -10.45
CA MET B 299 -10.04 -14.92 -9.88
C MET B 299 -9.00 -14.90 -11.02
N VAL B 300 -8.97 -13.81 -11.78
CA VAL B 300 -7.93 -13.50 -12.80
C VAL B 300 -7.59 -12.01 -12.68
N ASN B 301 -6.30 -11.66 -12.72
CA ASN B 301 -5.78 -10.30 -12.39
C ASN B 301 -6.18 -9.31 -13.49
N PHE B 302 -7.45 -8.85 -13.48
CA PHE B 302 -7.94 -7.68 -14.24
C PHE B 302 -8.00 -6.50 -13.26
N GLY B 303 -7.11 -5.51 -13.45
CA GLY B 303 -6.98 -4.33 -12.59
C GLY B 303 -8.26 -3.51 -12.50
N TYR B 304 -8.90 -3.24 -13.65
CA TYR B 304 -9.99 -2.25 -13.80
C TYR B 304 -11.36 -2.92 -13.68
N PHE B 305 -11.68 -3.81 -14.63
CA PHE B 305 -13.04 -4.39 -14.81
C PHE B 305 -13.04 -5.87 -14.45
N PRO B 306 -13.68 -6.26 -13.33
CA PRO B 306 -13.92 -7.68 -13.02
C PRO B 306 -14.65 -8.42 -14.15
N ALA B 307 -14.39 -9.72 -14.29
CA ALA B 307 -14.95 -10.59 -15.34
C ALA B 307 -16.29 -11.20 -14.90
N THR B 308 -16.77 -10.86 -13.70
CA THR B 308 -18.07 -11.31 -13.14
C THR B 308 -18.95 -10.08 -12.84
N THR B 309 -20.16 -10.04 -13.42
CA THR B 309 -21.19 -9.02 -13.15
C THR B 309 -22.39 -9.68 -12.47
N ILE B 310 -22.81 -9.15 -11.31
CA ILE B 310 -24.08 -9.51 -10.63
C ILE B 310 -25.14 -8.50 -11.08
N VAL B 311 -26.36 -8.99 -11.32
CA VAL B 311 -27.55 -8.18 -11.72
C VAL B 311 -28.78 -8.82 -11.08
N SER B 312 -29.72 -8.01 -10.59
CA SER B 312 -30.85 -8.47 -9.74
C SER B 312 -32.15 -7.79 -10.17
N ASP B 313 -33.22 -7.94 -9.36
CA ASP B 313 -34.61 -7.53 -9.68
C ASP B 313 -35.00 -6.28 -8.86
N GLY B 314 -34.22 -5.93 -7.83
CA GLY B 314 -34.43 -4.72 -7.00
C GLY B 314 -35.45 -4.94 -5.89
N GLN B 315 -35.92 -6.17 -5.69
CA GLN B 315 -37.07 -6.51 -4.80
C GLN B 315 -36.59 -6.63 -3.35
N SER B 316 -35.34 -7.04 -3.13
CA SER B 316 -34.71 -7.15 -1.78
C SER B 316 -33.89 -5.89 -1.50
N PRO B 317 -33.82 -5.43 -0.22
CA PRO B 317 -32.98 -4.27 0.13
C PRO B 317 -31.48 -4.51 -0.11
N PHE B 318 -31.02 -5.78 -0.06
CA PHE B 318 -29.63 -6.19 -0.37
C PHE B 318 -29.65 -7.54 -1.10
N VAL B 319 -28.75 -7.71 -2.09
CA VAL B 319 -28.60 -8.97 -2.87
C VAL B 319 -28.12 -10.07 -1.92
N PHE B 320 -27.27 -9.72 -0.93
CA PHE B 320 -26.72 -10.63 0.10
C PHE B 320 -26.98 -10.06 1.50
N GLU B 321 -27.76 -10.78 2.31
CA GLU B 321 -28.02 -10.48 3.74
C GLU B 321 -27.21 -11.45 4.60
N VAL B 322 -25.97 -11.10 4.95
CA VAL B 322 -25.01 -11.98 5.67
C VAL B 322 -24.96 -11.55 7.14
N SER B 323 -24.50 -12.47 8.01
CA SER B 323 -24.23 -12.24 9.45
C SER B 323 -23.01 -13.08 9.86
N ALA B 324 -21.81 -12.57 9.56
CA ALA B 324 -20.51 -13.24 9.79
C ALA B 324 -19.51 -12.27 10.43
N ARG B 325 -18.58 -12.79 11.24
CA ARG B 325 -17.49 -12.01 11.88
C ARG B 325 -16.48 -11.57 10.82
N TRP B 326 -16.11 -12.46 9.91
CA TRP B 326 -15.16 -12.21 8.79
C TRP B 326 -15.92 -12.27 7.46
N VAL B 327 -15.74 -11.23 6.62
CA VAL B 327 -16.40 -11.09 5.29
C VAL B 327 -15.35 -10.64 4.27
N GLU B 328 -15.32 -11.31 3.11
CA GLU B 328 -14.45 -10.96 1.95
C GLU B 328 -15.31 -10.89 0.68
N ILE B 329 -15.40 -9.71 0.06
CA ILE B 329 -16.03 -9.48 -1.27
C ILE B 329 -14.95 -9.00 -2.23
N SER B 330 -14.81 -9.63 -3.41
CA SER B 330 -13.77 -9.27 -4.40
C SER B 330 -14.18 -9.67 -5.82
N ASN B 331 -13.74 -8.88 -6.81
CA ASN B 331 -13.82 -9.18 -8.27
C ASN B 331 -15.28 -9.25 -8.71
N LEU B 332 -16.11 -8.31 -8.30
CA LEU B 332 -17.56 -8.26 -8.67
C LEU B 332 -17.93 -6.88 -9.19
N ILE B 333 -18.62 -6.84 -10.35
CA ILE B 333 -19.43 -5.67 -10.81
C ILE B 333 -20.88 -5.95 -10.38
N PHE B 334 -21.51 -5.01 -9.65
CA PHE B 334 -22.95 -5.03 -9.33
C PHE B 334 -23.66 -3.88 -10.05
N ASN B 335 -24.45 -4.21 -11.07
CA ASN B 335 -25.30 -3.27 -11.83
C ASN B 335 -26.71 -3.28 -11.22
N GLY B 336 -27.02 -2.28 -10.38
CA GLY B 336 -28.29 -2.16 -9.65
C GLY B 336 -29.48 -1.85 -10.57
N ASN B 337 -29.21 -1.31 -11.76
CA ASN B 337 -30.21 -1.00 -12.81
C ASN B 337 -31.25 0.00 -12.29
N THR B 338 -30.87 0.92 -11.39
CA THR B 338 -31.76 1.93 -10.79
C THR B 338 -32.07 3.02 -11.83
N ASP B 339 -31.22 3.18 -12.84
CA ASP B 339 -31.37 4.19 -13.92
C ASP B 339 -32.61 3.89 -14.76
N THR B 340 -32.89 2.61 -15.03
CA THR B 340 -34.01 2.15 -15.92
C THR B 340 -35.17 1.58 -15.09
N LYS B 341 -34.88 0.95 -13.95
CA LYS B 341 -35.90 0.38 -13.02
C LYS B 341 -35.56 0.79 -11.59
N PRO B 342 -35.90 2.04 -11.18
CA PRO B 342 -35.55 2.54 -9.85
C PRO B 342 -35.88 1.58 -8.70
N ASN B 343 -34.98 1.48 -7.72
CA ASN B 343 -35.07 0.54 -6.57
C ASN B 343 -34.14 1.03 -5.45
N ARG B 344 -34.09 0.29 -4.33
CA ARG B 344 -33.20 0.55 -3.17
C ARG B 344 -32.45 -0.72 -2.78
N GLN B 345 -31.98 -1.49 -3.77
CA GLN B 345 -31.25 -2.77 -3.56
C GLN B 345 -29.74 -2.48 -3.52
N GLY B 346 -29.09 -2.82 -2.40
CA GLY B 346 -27.62 -2.80 -2.25
C GLY B 346 -27.03 -4.14 -2.66
N LEU B 347 -25.70 -4.30 -2.54
CA LEU B 347 -25.00 -5.56 -2.87
C LEU B 347 -24.96 -6.48 -1.64
N LEU B 348 -24.42 -5.99 -0.52
CA LEU B 348 -24.27 -6.79 0.73
C LEU B 348 -24.54 -5.92 1.96
N ARG B 349 -25.25 -6.49 2.94
CA ARG B 349 -25.33 -5.97 4.34
C ARG B 349 -24.89 -7.08 5.29
N ASN B 350 -23.98 -6.76 6.22
CA ASN B 350 -23.55 -7.65 7.32
C ASN B 350 -24.19 -7.13 8.62
N THR B 351 -24.98 -7.97 9.30
CA THR B 351 -25.77 -7.60 10.52
C THR B 351 -25.23 -8.33 11.76
N CYS B 352 -24.11 -9.06 11.63
CA CYS B 352 -23.44 -9.76 12.77
C CYS B 352 -23.00 -8.73 13.80
N PRO B 353 -23.55 -8.76 15.04
CA PRO B 353 -23.14 -7.82 16.08
C PRO B 353 -21.94 -8.34 16.89
N GLY B 354 -21.29 -7.44 17.63
CA GLY B 354 -20.14 -7.75 18.50
C GLY B 354 -18.86 -7.95 17.71
N GLY B 355 -18.63 -7.10 16.70
CA GLY B 355 -17.37 -7.04 15.93
C GLY B 355 -17.52 -7.64 14.54
N GLN B 356 -17.23 -6.84 13.50
CA GLN B 356 -17.18 -7.27 12.08
C GLN B 356 -15.82 -6.93 11.48
N PHE B 357 -15.23 -7.89 10.77
CA PHE B 357 -14.03 -7.71 9.90
C PHE B 357 -14.50 -7.73 8.44
N PHE B 358 -13.98 -6.83 7.61
CA PHE B 358 -14.36 -6.70 6.18
C PHE B 358 -13.12 -6.43 5.32
N ARG B 359 -12.97 -7.21 4.24
CA ARG B 359 -11.97 -7.00 3.16
C ARG B 359 -12.72 -6.91 1.82
N GLY B 360 -12.59 -5.79 1.12
CA GLY B 360 -13.12 -5.55 -0.23
C GLY B 360 -12.00 -5.19 -1.20
N ALA B 361 -12.03 -5.75 -2.41
CA ALA B 361 -11.02 -5.52 -3.48
C ALA B 361 -11.66 -5.69 -4.85
N CYS B 362 -11.37 -4.77 -5.78
CA CYS B 362 -11.82 -4.81 -7.20
C CYS B 362 -13.35 -4.92 -7.26
N LEU B 363 -14.04 -3.89 -6.80
CA LEU B 363 -15.54 -3.81 -6.77
C LEU B 363 -16.00 -2.59 -7.59
N ARG B 364 -16.90 -2.80 -8.55
CA ARG B 364 -17.56 -1.72 -9.32
C ARG B 364 -19.05 -1.68 -8.95
N PHE B 365 -19.54 -0.50 -8.53
CA PHE B 365 -20.97 -0.24 -8.22
C PHE B 365 -21.55 0.68 -9.30
N ASN B 366 -22.31 0.10 -10.24
CA ASN B 366 -22.97 0.81 -11.36
C ASN B 366 -24.47 0.89 -11.10
N ASN B 367 -25.03 2.10 -11.02
CA ASN B 367 -26.49 2.37 -10.97
C ASN B 367 -27.11 1.63 -9.78
N VAL B 368 -26.47 1.71 -8.61
CA VAL B 368 -26.97 1.09 -7.34
C VAL B 368 -27.94 2.07 -6.68
N GLY B 369 -29.19 1.64 -6.47
CA GLY B 369 -30.27 2.44 -5.88
C GLY B 369 -30.23 2.42 -4.36
N GLY B 370 -29.87 1.27 -3.77
CA GLY B 370 -29.77 1.08 -2.31
C GLY B 370 -28.41 1.42 -1.76
N THR B 371 -28.11 1.00 -0.53
CA THR B 371 -26.77 1.13 0.12
C THR B 371 -25.88 0.01 -0.41
N ALA B 372 -24.86 0.33 -1.19
CA ALA B 372 -23.97 -0.65 -1.87
C ALA B 372 -23.37 -1.61 -0.83
N LEU B 373 -22.73 -1.08 0.22
CA LEU B 373 -22.14 -1.86 1.34
C LEU B 373 -22.63 -1.28 2.67
N SER B 374 -23.16 -2.13 3.55
CA SER B 374 -23.65 -1.77 4.91
C SER B 374 -22.96 -2.66 5.96
N LEU B 375 -22.14 -2.06 6.83
CA LEU B 375 -21.35 -2.77 7.87
C LEU B 375 -21.80 -2.29 9.27
N LEU B 376 -21.60 -3.13 10.28
CA LEU B 376 -22.04 -2.88 11.68
C LEU B 376 -20.91 -3.24 12.65
N ASP B 377 -20.65 -2.37 13.63
CA ASP B 377 -19.64 -2.57 14.71
C ASP B 377 -18.32 -3.06 14.08
N THR B 378 -17.84 -2.34 13.08
CA THR B 378 -16.60 -2.66 12.31
C THR B 378 -15.39 -2.59 13.25
N LEU B 379 -14.56 -3.65 13.26
CA LEU B 379 -13.27 -3.72 13.99
C LEU B 379 -12.11 -3.45 13.04
N ASP B 380 -12.27 -3.78 11.75
CA ASP B 380 -11.26 -3.60 10.69
C ASP B 380 -11.94 -3.72 9.33
N CYS B 381 -11.82 -2.70 8.48
CA CYS B 381 -12.44 -2.63 7.13
C CYS B 381 -11.42 -2.11 6.11
N LYS B 382 -11.01 -2.99 5.18
CA LYS B 382 -10.12 -2.65 4.04
C LYS B 382 -10.93 -2.77 2.74
N ILE B 383 -11.15 -1.64 2.07
CA ILE B 383 -11.81 -1.57 0.73
C ILE B 383 -10.84 -0.88 -0.23
N ASP B 384 -10.15 -1.68 -1.06
CA ASP B 384 -9.13 -1.23 -2.04
C ASP B 384 -9.69 -1.40 -3.45
N GLN B 385 -9.27 -0.55 -4.39
CA GLN B 385 -9.64 -0.60 -5.83
C GLN B 385 -11.16 -0.80 -5.96
N TRP B 386 -11.96 0.17 -5.54
CA TRP B 386 -13.44 0.15 -5.70
C TRP B 386 -13.89 1.40 -6.47
N TYR B 387 -14.90 1.24 -7.32
CA TYR B 387 -15.41 2.29 -8.25
C TYR B 387 -16.94 2.32 -8.13
N ALA B 388 -17.51 3.53 -8.02
CA ALA B 388 -18.97 3.78 -7.94
C ALA B 388 -19.37 4.76 -9.05
N SER B 389 -20.30 4.37 -9.93
CA SER B 389 -20.80 5.18 -11.07
C SER B 389 -22.33 5.31 -10.98
N ALA B 390 -22.81 6.56 -10.88
CA ALA B 390 -24.25 6.93 -11.01
C ALA B 390 -25.10 6.14 -10.01
N CYS B 391 -24.64 6.05 -8.75
CA CYS B 391 -25.38 5.42 -7.62
C CYS B 391 -26.15 6.49 -6.85
N THR B 392 -27.43 6.24 -6.56
CA THR B 392 -28.37 7.22 -5.96
C THR B 392 -28.48 7.00 -4.44
N GLY B 393 -28.10 5.82 -3.94
CA GLY B 393 -28.06 5.50 -2.51
C GLY B 393 -26.67 5.73 -1.94
N ASP B 394 -26.46 5.33 -0.67
CA ASP B 394 -25.12 5.33 -0.01
C ASP B 394 -24.27 4.24 -0.67
N VAL B 395 -22.96 4.47 -0.79
CA VAL B 395 -22.00 3.48 -1.37
C VAL B 395 -21.35 2.71 -0.20
N ILE B 396 -20.39 3.34 0.50
CA ILE B 396 -19.71 2.73 1.69
C ILE B 396 -20.39 3.26 2.96
N GLN B 397 -21.18 2.43 3.62
CA GLN B 397 -21.94 2.77 4.86
C GLN B 397 -21.49 1.83 5.98
N ALA B 398 -21.25 2.39 7.18
CA ALA B 398 -20.91 1.64 8.41
C ALA B 398 -21.55 2.33 9.62
N GLY B 399 -22.29 1.57 10.43
CA GLY B 399 -22.95 2.04 11.66
C GLY B 399 -22.58 1.20 12.86
N TRP B 400 -23.28 1.38 13.98
CA TRP B 400 -23.00 0.70 15.28
C TRP B 400 -24.32 0.32 15.95
N SER B 401 -24.27 -0.58 16.94
CA SER B 401 -25.45 -1.20 17.61
C SER B 401 -25.79 -0.48 18.92
N GLY B 402 -24.78 -0.14 19.73
CA GLY B 402 -24.95 0.41 21.09
C GLY B 402 -25.56 1.79 21.08
N GLN B 403 -26.68 1.96 21.78
CA GLN B 403 -27.40 3.25 21.93
C GLN B 403 -26.62 4.17 22.87
N LYS B 404 -26.11 3.61 23.97
CA LYS B 404 -25.36 4.38 25.01
C LYS B 404 -23.93 4.61 24.54
N LYS B 405 -23.24 5.56 25.17
CA LYS B 405 -21.87 6.01 24.78
C LYS B 405 -20.83 5.08 25.42
N GLY B 406 -20.83 3.82 25.01
CA GLY B 406 -19.88 2.80 25.48
C GLY B 406 -20.00 1.54 24.64
N ASN B 407 -19.05 0.63 24.78
CA ASN B 407 -19.03 -0.69 24.09
C ASN B 407 -19.02 -0.44 22.57
N TRP B 408 -20.15 -0.62 21.88
CA TRP B 408 -20.27 -0.56 20.39
C TRP B 408 -20.98 0.73 19.98
N ASP B 409 -20.24 1.85 19.96
CA ASP B 409 -20.77 3.20 19.63
C ASP B 409 -19.90 3.87 18.57
N HIS B 410 -19.10 3.11 17.81
CA HIS B 410 -18.21 3.64 16.74
C HIS B 410 -17.72 2.53 15.81
N SER B 411 -16.99 2.91 14.76
CA SER B 411 -16.30 2.02 13.80
C SER B 411 -14.78 2.17 13.97
N THR B 412 -14.01 1.13 13.65
CA THR B 412 -12.54 1.07 13.91
C THR B 412 -11.81 0.58 12.65
N ALA B 413 -10.62 1.15 12.39
CA ALA B 413 -9.64 0.70 11.38
C ALA B 413 -10.30 0.54 10.01
N ILE B 414 -10.96 1.60 9.53
CA ILE B 414 -11.51 1.69 8.13
C ILE B 414 -10.38 2.21 7.24
N GLU B 415 -10.00 1.45 6.22
CA GLU B 415 -8.94 1.85 5.25
C GLU B 415 -9.51 1.78 3.82
N LEU B 416 -9.90 2.93 3.28
CA LEU B 416 -10.38 3.09 1.87
C LEU B 416 -9.21 3.60 1.03
N SER B 417 -8.87 2.89 -0.05
CA SER B 417 -7.69 3.21 -0.91
C SER B 417 -8.01 2.96 -2.39
N ASN B 418 -7.41 3.80 -3.26
CA ASN B 418 -7.42 3.63 -4.75
C ASN B 418 -8.86 3.50 -5.24
N PHE B 419 -9.72 4.49 -4.95
CA PHE B 419 -11.15 4.48 -5.32
C PHE B 419 -11.49 5.69 -6.18
N ASN B 420 -12.62 5.60 -6.90
CA ASN B 420 -13.11 6.66 -7.81
C ASN B 420 -14.65 6.60 -7.85
N ALA B 421 -15.32 7.62 -7.30
CA ALA B 421 -16.79 7.78 -7.31
C ALA B 421 -17.17 8.88 -8.30
N GLN B 422 -18.01 8.54 -9.30
CA GLN B 422 -18.43 9.46 -10.39
C GLN B 422 -19.96 9.59 -10.41
N HIS B 423 -20.46 10.82 -10.49
CA HIS B 423 -21.86 11.18 -10.82
C HIS B 423 -22.86 10.49 -9.89
N CYS B 424 -22.51 10.34 -8.60
CA CYS B 424 -23.39 9.76 -7.55
C CYS B 424 -24.26 10.87 -6.94
N LYS B 425 -25.59 10.71 -7.00
CA LYS B 425 -26.57 11.77 -6.65
C LYS B 425 -27.74 11.19 -5.84
N GLY B 426 -27.92 11.69 -4.61
CA GLY B 426 -29.07 11.38 -3.75
C GLY B 426 -28.68 10.68 -2.45
N GLY B 427 -27.42 10.24 -2.34
CA GLY B 427 -26.90 9.52 -1.16
C GLY B 427 -25.45 9.86 -0.89
N LYS B 428 -24.92 9.40 0.25
CA LYS B 428 -23.54 9.69 0.71
C LYS B 428 -22.59 8.62 0.14
N VAL B 429 -21.56 9.03 -0.60
CA VAL B 429 -20.51 8.13 -1.14
C VAL B 429 -19.84 7.41 0.03
N LEU B 430 -19.47 8.16 1.07
CA LEU B 430 -18.99 7.64 2.37
C LEU B 430 -19.97 8.03 3.47
N ASN B 431 -20.70 7.05 4.02
CA ASN B 431 -21.57 7.21 5.22
C ASN B 431 -20.86 6.55 6.39
N LEU B 432 -19.82 7.19 6.92
CA LEU B 432 -18.86 6.60 7.89
C LEU B 432 -18.63 7.54 9.07
N PRO B 433 -19.68 7.88 9.86
CA PRO B 433 -19.50 8.63 11.10
C PRO B 433 -18.78 7.80 12.18
N ARG B 434 -18.05 8.47 13.06
CA ARG B 434 -17.36 7.88 14.24
C ARG B 434 -16.44 6.73 13.78
N CYS B 435 -15.60 6.97 12.78
CA CYS B 435 -14.55 6.03 12.31
C CYS B 435 -13.21 6.42 12.94
N SER B 436 -12.70 5.59 13.85
CA SER B 436 -11.43 5.81 14.61
C SER B 436 -10.29 5.01 13.98
N GLN B 437 -9.06 5.49 14.11
CA GLN B 437 -7.81 4.84 13.59
C GLN B 437 -7.99 4.47 12.11
N SER B 438 -8.57 5.38 11.31
CA SER B 438 -8.98 5.12 9.90
C SER B 438 -8.10 5.89 8.91
N LEU B 439 -8.06 5.45 7.65
CA LEU B 439 -7.17 5.99 6.59
C LEU B 439 -7.91 6.09 5.24
N ILE B 440 -7.64 7.16 4.48
CA ILE B 440 -7.99 7.32 3.05
C ILE B 440 -6.69 7.53 2.27
N HIS B 441 -6.43 6.73 1.23
CA HIS B 441 -5.22 6.80 0.38
C HIS B 441 -5.62 6.83 -1.11
N ASN B 442 -5.39 7.97 -1.77
CA ASN B 442 -5.44 8.12 -3.24
C ASN B 442 -6.86 7.81 -3.73
N GLY B 443 -7.82 8.72 -3.46
CA GLY B 443 -9.24 8.57 -3.83
C GLY B 443 -9.76 9.79 -4.55
N TRP B 444 -10.63 9.59 -5.54
CA TRP B 444 -11.30 10.65 -6.34
C TRP B 444 -12.82 10.54 -6.17
N ILE B 445 -13.47 11.65 -5.82
CA ILE B 445 -14.96 11.79 -5.81
C ILE B 445 -15.32 12.99 -6.70
N GLU B 446 -15.84 12.73 -7.90
CA GLU B 446 -16.10 13.76 -8.94
C GLU B 446 -17.59 13.78 -9.28
N HIS B 447 -18.18 14.97 -9.34
CA HIS B 447 -19.56 15.23 -9.81
C HIS B 447 -20.58 14.49 -8.93
N CYS B 448 -20.24 14.23 -7.66
CA CYS B 448 -21.10 13.55 -6.66
C CYS B 448 -21.70 14.59 -5.72
N ASP B 449 -23.02 14.56 -5.52
CA ASP B 449 -23.78 15.58 -4.74
C ASP B 449 -23.28 15.60 -3.29
N ASN B 450 -23.09 14.41 -2.69
CA ASN B 450 -22.75 14.24 -1.25
C ASN B 450 -21.55 13.31 -1.12
N PRO B 451 -20.30 13.85 -1.18
CA PRO B 451 -19.11 13.09 -0.81
C PRO B 451 -19.30 12.27 0.47
N GLY B 452 -20.09 12.80 1.41
CA GLY B 452 -20.70 12.03 2.52
C GLY B 452 -20.31 12.56 3.89
N ASP B 453 -20.27 11.66 4.88
CA ASP B 453 -20.12 11.99 6.32
C ASP B 453 -18.97 11.16 6.92
N ILE B 454 -17.91 11.83 7.36
CA ILE B 454 -16.79 11.24 8.15
C ILE B 454 -16.64 12.06 9.45
N SER B 455 -17.75 12.59 9.97
CA SER B 455 -17.81 13.43 11.19
C SER B 455 -17.44 12.60 12.42
N ASN B 456 -16.92 13.24 13.47
CA ASN B 456 -16.58 12.63 14.78
C ASN B 456 -15.58 11.48 14.58
N GLY B 457 -14.76 11.55 13.53
CA GLY B 457 -13.84 10.48 13.11
C GLY B 457 -12.40 10.78 13.49
N GLN B 458 -11.49 9.90 13.07
CA GLN B 458 -10.00 10.05 13.17
C GLN B 458 -9.39 9.46 11.91
N TRP B 459 -8.98 10.32 10.97
CA TRP B 459 -8.60 9.93 9.58
C TRP B 459 -7.22 10.47 9.23
N ILE B 460 -6.35 9.60 8.69
CA ILE B 460 -5.23 9.98 7.77
C ILE B 460 -5.83 10.04 6.37
N ILE B 461 -5.68 11.17 5.68
CA ILE B 461 -6.22 11.38 4.30
C ILE B 461 -5.09 11.88 3.39
N ASP B 462 -4.49 10.97 2.62
CA ASP B 462 -3.47 11.27 1.57
C ASP B 462 -4.12 11.20 0.20
N ALA B 463 -3.94 12.25 -0.62
CA ALA B 463 -4.30 12.31 -2.05
C ALA B 463 -5.80 12.04 -2.23
N LEU B 464 -6.66 12.70 -1.43
CA LEU B 464 -8.12 12.75 -1.67
C LEU B 464 -8.39 13.92 -2.64
N SER B 465 -9.17 13.66 -3.70
CA SER B 465 -9.60 14.65 -4.70
C SER B 465 -11.12 14.74 -4.71
N LEU B 466 -11.68 15.91 -4.38
CA LEU B 466 -13.11 16.27 -4.57
C LEU B 466 -13.18 17.31 -5.69
N GLU B 467 -13.86 16.99 -6.79
CA GLU B 467 -14.00 17.89 -7.98
C GLU B 467 -15.48 18.01 -8.36
N ASP B 468 -16.00 19.24 -8.40
CA ASP B 468 -17.36 19.59 -8.87
C ASP B 468 -18.42 18.84 -8.05
N CYS B 469 -18.20 18.73 -6.74
CA CYS B 469 -19.14 18.10 -5.77
C CYS B 469 -20.05 19.18 -5.18
N LYS B 470 -21.36 19.01 -5.34
CA LYS B 470 -22.40 20.02 -4.99
C LYS B 470 -22.22 20.46 -3.53
N ASN B 471 -22.07 19.50 -2.61
CA ASN B 471 -22.01 19.73 -1.15
C ASN B 471 -20.61 19.37 -0.63
N PRO B 472 -20.21 19.88 0.55
CA PRO B 472 -18.95 19.49 1.15
C PRO B 472 -18.99 18.06 1.73
N LEU B 473 -17.81 17.43 1.82
CA LEU B 473 -17.60 16.23 2.68
C LEU B 473 -17.77 16.69 4.13
N ILE B 474 -18.78 16.15 4.83
CA ILE B 474 -19.11 16.53 6.24
C ILE B 474 -18.10 15.83 7.15
N ALA B 475 -17.24 16.61 7.84
CA ALA B 475 -16.18 16.13 8.75
C ALA B 475 -16.25 16.90 10.08
N TRP B 476 -17.47 17.09 10.61
CA TRP B 476 -17.73 17.85 11.86
C TRP B 476 -17.06 17.14 13.04
N HIS B 477 -16.27 17.87 13.83
CA HIS B 477 -15.53 17.37 15.03
C HIS B 477 -14.57 16.25 14.66
N SER B 478 -14.23 16.10 13.37
CA SER B 478 -13.42 14.97 12.84
C SER B 478 -11.93 15.30 12.97
N ARG B 479 -11.14 14.39 13.54
CA ARG B 479 -9.68 14.54 13.80
C ARG B 479 -8.92 14.15 12.53
N LEU B 480 -8.67 15.11 11.63
CA LEU B 480 -8.07 14.87 10.29
C LEU B 480 -6.55 15.07 10.35
N ASN B 481 -5.81 14.27 9.58
CA ASN B 481 -4.34 14.33 9.42
C ASN B 481 -4.04 14.14 7.93
N THR B 482 -3.95 15.23 7.16
CA THR B 482 -4.14 15.21 5.68
C THR B 482 -2.88 15.69 4.96
N ARG B 483 -2.67 15.18 3.74
CA ARG B 483 -1.64 15.67 2.77
C ARG B 483 -2.23 15.68 1.36
N GLN B 484 -1.92 16.73 0.59
CA GLN B 484 -2.21 16.84 -0.86
C GLN B 484 -3.71 16.62 -1.13
N THR B 485 -4.57 17.33 -0.40
CA THR B 485 -6.03 17.38 -0.65
C THR B 485 -6.27 18.28 -1.86
N ASN B 486 -6.93 17.75 -2.91
CA ASN B 486 -7.18 18.44 -4.19
C ASN B 486 -8.67 18.77 -4.30
N LEU B 487 -9.03 20.04 -4.07
CA LEU B 487 -10.42 20.55 -4.16
C LEU B 487 -10.54 21.46 -5.39
N GLN B 488 -11.39 21.07 -6.36
CA GLN B 488 -11.67 21.83 -7.60
C GLN B 488 -13.18 22.09 -7.70
N SER B 489 -13.56 23.14 -8.45
CA SER B 489 -14.95 23.45 -8.88
C SER B 489 -15.88 23.57 -7.66
N GLY B 490 -15.43 24.25 -6.60
CA GLY B 490 -16.27 24.61 -5.43
C GLY B 490 -16.49 23.44 -4.47
N SER B 491 -15.81 22.32 -4.67
CA SER B 491 -15.77 21.18 -3.72
C SER B 491 -14.97 21.60 -2.48
N TRP B 492 -15.35 21.14 -1.29
CA TRP B 492 -14.59 21.41 -0.04
C TRP B 492 -14.93 20.38 1.06
N ILE B 493 -14.14 20.41 2.13
CA ILE B 493 -14.32 19.56 3.35
C ILE B 493 -14.71 20.48 4.50
N ASP B 494 -15.93 20.28 5.05
CA ASP B 494 -16.44 21.03 6.22
C ASP B 494 -15.92 20.34 7.49
N ASN B 495 -14.85 20.85 8.07
CA ASN B 495 -14.20 20.32 9.31
C ASN B 495 -14.54 21.23 10.49
N SER B 496 -15.75 21.80 10.50
CA SER B 496 -16.25 22.76 11.53
C SER B 496 -16.74 21.99 12.76
N GLU B 497 -17.34 22.68 13.73
CA GLU B 497 -17.82 22.11 15.02
C GLU B 497 -19.36 22.18 15.07
N GLN B 498 -20.03 21.84 13.97
CA GLN B 498 -21.52 21.71 13.90
C GLN B 498 -21.93 20.34 14.44
N GLY B 499 -23.18 20.23 14.91
CA GLY B 499 -23.78 18.96 15.37
C GLY B 499 -23.17 18.46 16.67
N ASP B 500 -23.49 17.23 17.06
CA ASP B 500 -23.06 16.60 18.33
C ASP B 500 -21.59 16.16 18.23
N ARG B 501 -20.77 16.60 19.18
CA ARG B 501 -19.37 16.14 19.35
C ARG B 501 -19.38 14.82 20.13
N TRP B 502 -18.86 13.75 19.53
CA TRP B 502 -18.87 12.38 20.11
C TRP B 502 -17.86 12.31 21.28
N LEU B 503 -16.60 12.66 21.02
CA LEU B 503 -15.48 12.62 22.01
C LEU B 503 -15.40 13.95 22.75
N SER B 504 -14.48 14.06 23.72
CA SER B 504 -14.27 15.26 24.57
C SER B 504 -13.64 16.38 23.74
N ALA B 505 -13.79 17.62 24.20
CA ALA B 505 -13.22 18.84 23.58
C ALA B 505 -11.69 18.71 23.45
N TRP B 506 -11.06 17.99 24.39
CA TRP B 506 -9.59 17.83 24.49
C TRP B 506 -9.05 16.98 23.33
N GLU B 507 -9.89 16.11 22.74
CA GLU B 507 -9.49 15.21 21.63
C GLU B 507 -9.56 15.93 20.28
N MET B 508 -10.17 17.12 20.24
CA MET B 508 -10.50 17.84 18.98
C MET B 508 -9.25 18.45 18.35
N GLY B 509 -9.31 18.71 17.04
CA GLY B 509 -8.23 19.33 16.24
C GLY B 509 -7.95 18.53 14.98
N SER B 510 -7.54 19.21 13.92
CA SER B 510 -7.02 18.63 12.65
C SER B 510 -5.69 19.30 12.30
N THR B 511 -4.80 18.56 11.60
CA THR B 511 -3.54 19.06 11.02
C THR B 511 -3.58 18.81 9.51
N ARG B 512 -3.37 19.88 8.72
CA ARG B 512 -3.34 19.82 7.24
C ARG B 512 -1.92 20.20 6.79
N VAL B 513 -1.16 19.22 6.29
CA VAL B 513 0.20 19.40 5.73
C VAL B 513 0.06 19.47 4.20
N GLU B 514 0.27 20.65 3.62
CA GLU B 514 0.24 20.88 2.15
C GLU B 514 1.62 21.37 1.70
N SER B 515 1.89 21.25 0.40
CA SER B 515 3.12 21.75 -0.28
C SER B 515 3.27 23.25 -0.06
N TYR B 516 2.16 23.99 -0.05
CA TYR B 516 2.09 25.47 -0.04
C TYR B 516 2.02 26.01 1.40
N GLY B 517 1.78 25.15 2.39
CA GLY B 517 1.76 25.56 3.81
C GLY B 517 1.26 24.47 4.74
N VAL B 518 1.36 24.73 6.05
CA VAL B 518 0.92 23.81 7.15
C VAL B 518 -0.12 24.56 8.00
N ALA B 519 -1.21 23.89 8.36
CA ALA B 519 -2.29 24.42 9.23
C ALA B 519 -2.52 23.45 10.39
N ILE B 520 -2.19 23.87 11.61
CA ILE B 520 -2.33 23.06 12.86
C ILE B 520 -3.46 23.66 13.71
N ASP B 521 -4.59 22.96 13.81
CA ASP B 521 -5.69 23.30 14.75
C ASP B 521 -5.37 22.65 16.10
N GLY B 522 -4.23 23.05 16.70
CA GLY B 522 -3.69 22.44 17.93
C GLY B 522 -2.31 22.96 18.26
N SER B 523 -1.61 22.28 19.16
CA SER B 523 -0.30 22.71 19.74
C SER B 523 0.80 22.57 18.69
N LEU B 524 1.81 23.44 18.77
CA LEU B 524 3.12 23.27 18.08
C LEU B 524 4.24 23.40 19.11
N LYS B 525 5.28 22.59 18.98
CA LYS B 525 6.54 22.70 19.76
C LYS B 525 7.71 22.24 18.87
N TYR B 526 8.88 22.86 19.04
CA TYR B 526 10.12 22.52 18.29
C TYR B 526 11.34 22.81 19.16
N ASN B 527 12.50 22.23 18.81
CA ASN B 527 13.79 22.45 19.51
C ASN B 527 14.21 23.91 19.35
N TYR B 528 14.21 24.42 18.11
CA TYR B 528 14.56 25.83 17.80
C TYR B 528 13.99 26.22 16.43
N LEU B 529 13.63 27.51 16.30
CA LEU B 529 13.23 28.15 15.02
C LEU B 529 14.50 28.64 14.31
N THR B 530 14.61 28.36 13.00
CA THR B 530 15.69 28.87 12.12
C THR B 530 15.02 29.45 10.86
N SER B 531 15.82 29.80 9.86
CA SER B 531 15.36 30.43 8.59
C SER B 531 15.83 29.61 7.38
N ARG B 532 14.97 29.55 6.36
CA ARG B 532 15.30 29.08 4.99
C ARG B 532 16.45 29.91 4.43
N TRP B 533 16.62 31.15 4.94
CA TRP B 533 17.55 32.18 4.42
C TRP B 533 18.47 32.69 5.54
N LEU B 534 19.75 32.33 5.49
CA LEU B 534 20.82 32.84 6.39
C LEU B 534 21.78 33.70 5.58
N LEU B 535 21.82 35.01 5.84
CA LEU B 535 22.66 36.01 5.13
C LEU B 535 23.98 36.20 5.88
N GLU B 536 25.10 36.24 5.15
CA GLU B 536 26.48 36.36 5.69
C GLU B 536 27.16 37.61 5.10
N ASN B 537 27.91 38.33 5.94
CA ASN B 537 28.78 39.46 5.53
C ASN B 537 30.07 39.41 6.36
N ASN B 538 31.00 38.52 5.97
CA ASN B 538 32.37 38.44 6.54
C ASN B 538 33.23 39.50 5.85
N THR B 539 33.01 40.77 6.22
CA THR B 539 33.54 41.98 5.54
C THR B 539 33.30 43.18 6.46
N SER B 540 34.29 44.07 6.59
CA SER B 540 34.24 45.26 7.48
C SER B 540 33.22 46.29 6.94
N GLN B 541 32.99 46.28 5.63
CA GLN B 541 32.06 47.19 4.91
C GLN B 541 30.63 46.66 4.97
N PRO B 542 29.61 47.53 5.15
CA PRO B 542 28.21 47.15 4.98
C PRO B 542 27.90 46.77 3.51
N VAL B 543 26.98 45.84 3.30
CA VAL B 543 26.60 45.31 1.96
C VAL B 543 25.08 45.36 1.80
N TRP B 544 24.60 45.82 0.65
CA TRP B 544 23.17 45.88 0.28
C TRP B 544 22.70 44.52 -0.22
N TYR B 545 21.59 44.01 0.31
CA TYR B 545 20.87 42.80 -0.15
C TYR B 545 19.43 43.17 -0.49
N GLU B 546 18.87 42.55 -1.54
CA GLU B 546 17.40 42.47 -1.76
C GLU B 546 16.90 41.21 -1.05
N LEU B 547 16.09 41.37 -0.01
CA LEU B 547 15.52 40.23 0.78
C LEU B 547 14.52 39.48 -0.10
N ALA B 548 13.42 40.12 -0.49
CA ALA B 548 12.32 39.50 -1.26
C ALA B 548 11.40 40.56 -1.84
N ASN B 549 10.52 40.14 -2.76
CA ASN B 549 9.30 40.88 -3.17
C ASN B 549 8.11 40.32 -2.38
N LEU B 550 7.47 41.15 -1.56
CA LEU B 550 6.25 40.79 -0.78
C LEU B 550 5.01 41.08 -1.63
N TYR B 551 4.21 40.04 -1.92
CA TYR B 551 2.88 40.17 -2.58
C TYR B 551 1.79 40.22 -1.50
N SER B 552 1.18 41.39 -1.33
CA SER B 552 0.06 41.66 -0.38
C SER B 552 -1.26 41.66 -1.15
N PRO B 553 -2.09 40.60 -1.05
CA PRO B 553 -3.32 40.51 -1.84
C PRO B 553 -4.43 41.50 -1.46
N THR B 554 -4.42 42.01 -0.23
CA THR B 554 -5.48 42.92 0.33
C THR B 554 -4.85 44.22 0.84
N VAL B 555 -5.55 45.35 0.65
CA VAL B 555 -5.19 46.68 1.23
C VAL B 555 -5.19 46.55 2.76
N GLY B 556 -4.11 46.98 3.42
CA GLY B 556 -3.97 46.97 4.88
C GLY B 556 -3.22 45.76 5.40
N ASP B 557 -2.81 44.84 4.51
CA ASP B 557 -2.02 43.63 4.85
C ASP B 557 -0.69 44.06 5.46
N SER B 558 -0.37 43.55 6.65
CA SER B 558 0.86 43.88 7.41
C SER B 558 1.88 42.73 7.31
N TRP B 559 3.15 43.07 7.07
CA TRP B 559 4.32 42.17 7.13
C TRP B 559 5.29 42.68 8.22
N GLU B 560 5.90 41.76 8.97
CA GLU B 560 7.04 42.06 9.88
C GLU B 560 8.18 41.08 9.54
N ILE B 561 9.24 41.58 8.91
CA ILE B 561 10.48 40.81 8.60
C ILE B 561 11.46 41.00 9.76
N GLU B 562 11.66 39.96 10.58
CA GLU B 562 12.67 39.91 11.66
C GLU B 562 14.00 39.43 11.07
N VAL B 563 15.00 40.32 11.05
CA VAL B 563 16.42 39.96 10.75
C VAL B 563 17.08 39.56 12.07
N PHE B 564 17.00 38.28 12.42
CA PHE B 564 17.57 37.70 13.68
C PHE B 564 19.07 37.47 13.49
N GLY B 565 19.85 37.75 14.55
CA GLY B 565 21.32 37.74 14.53
C GLY B 565 21.88 39.13 14.80
N GLN B 566 23.20 39.28 14.86
CA GLN B 566 23.86 40.54 15.28
C GLN B 566 25.07 40.87 14.40
N SER B 567 25.54 42.12 14.47
CA SER B 567 26.81 42.61 13.89
C SER B 567 27.94 42.40 14.91
N GLN B 568 29.16 42.16 14.43
CA GLN B 568 30.38 41.83 15.23
C GLN B 568 30.25 40.41 15.78
N PHE B 569 31.39 39.75 16.01
CA PHE B 569 31.50 38.45 16.73
C PHE B 569 32.86 38.37 17.44
N ASN B 570 33.43 39.53 17.80
CA ASN B 570 34.72 39.64 18.55
C ASN B 570 34.43 39.37 20.03
N ASN B 571 35.40 38.78 20.74
CA ASN B 571 35.31 38.44 22.18
C ASN B 571 35.34 39.72 23.02
N GLY B 572 35.14 39.59 24.34
CA GLY B 572 35.23 40.68 25.32
C GLY B 572 33.97 41.53 25.36
N THR B 573 32.80 40.92 25.17
CA THR B 573 31.46 41.57 25.36
C THR B 573 31.09 41.49 26.85
N ASP B 574 31.79 40.65 27.63
CA ASP B 574 31.60 40.49 29.09
C ASP B 574 32.72 41.22 29.84
N SER B 575 33.60 41.93 29.13
CA SER B 575 34.72 42.71 29.71
C SER B 575 34.18 44.02 30.31
N GLU B 576 33.70 44.93 29.47
CA GLU B 576 33.19 46.27 29.87
C GLU B 576 31.73 46.16 30.28
N PRO B 577 31.25 46.99 31.23
CA PRO B 577 29.82 47.21 31.39
C PRO B 577 29.30 47.98 30.17
N LEU B 578 28.13 47.59 29.63
CA LEU B 578 27.49 48.27 28.47
C LEU B 578 27.13 49.70 28.89
N MET B 579 27.63 50.69 28.14
CA MET B 579 27.38 52.14 28.38
C MET B 579 26.65 52.72 27.16
N ASN B 580 27.16 52.46 25.96
CA ASN B 580 26.53 52.82 24.66
C ASN B 580 25.60 51.67 24.24
N LEU B 581 24.28 51.85 24.38
CA LEU B 581 23.27 50.77 24.16
C LEU B 581 23.21 50.38 22.68
N ILE B 582 23.56 51.29 21.76
CA ILE B 582 23.50 51.07 20.29
C ILE B 582 24.81 50.41 19.81
N ASP B 583 25.94 51.11 19.96
CA ASP B 583 27.24 50.74 19.32
C ASP B 583 28.16 49.99 20.29
N GLY B 584 27.72 49.78 21.54
CA GLY B 584 28.53 49.13 22.60
C GLY B 584 28.76 47.65 22.32
N ARG B 585 29.74 47.05 23.00
CA ARG B 585 30.06 45.60 22.93
C ARG B 585 28.93 44.82 23.59
N ASN B 586 28.09 44.16 22.78
CA ASN B 586 26.86 43.45 23.24
C ASN B 586 26.80 42.07 22.58
N THR B 587 26.20 41.09 23.27
CA THR B 587 25.78 39.78 22.70
C THR B 587 24.25 39.81 22.50
N GLY B 588 23.78 39.23 21.38
CA GLY B 588 22.37 39.28 20.96
C GLY B 588 22.10 40.50 20.09
N GLY B 589 20.93 40.54 19.47
CA GLY B 589 20.48 41.66 18.61
C GLY B 589 19.59 41.19 17.48
N ARG B 590 19.01 42.13 16.73
CA ARG B 590 18.10 41.89 15.59
C ARG B 590 17.66 43.23 14.99
N ALA B 591 17.16 43.21 13.75
CA ALA B 591 16.45 44.32 13.09
C ALA B 591 15.02 43.87 12.77
N VAL B 592 14.02 44.67 13.13
CA VAL B 592 12.57 44.37 12.92
C VAL B 592 12.02 45.36 11.88
N ILE B 593 11.71 44.84 10.67
CA ILE B 593 11.22 45.65 9.51
C ILE B 593 9.70 45.45 9.38
N HIS B 594 8.94 46.54 9.48
CA HIS B 594 7.47 46.58 9.29
C HIS B 594 7.15 47.07 7.87
N VAL B 595 6.24 46.37 7.18
CA VAL B 595 5.73 46.74 5.83
C VAL B 595 4.21 46.50 5.84
N GLN B 596 3.42 47.53 5.51
CA GLN B 596 1.95 47.43 5.35
C GLN B 596 1.57 47.97 3.97
N ARG B 597 0.75 47.24 3.22
CA ARG B 597 0.10 47.73 1.98
C ARG B 597 -0.92 48.80 2.39
N LYS B 598 -0.75 50.02 1.89
CA LYS B 598 -1.65 51.18 2.17
C LYS B 598 -2.78 51.20 1.13
N LYS B 599 -3.60 52.25 1.12
CA LYS B 599 -4.67 52.46 0.12
C LYS B 599 -4.04 52.43 -1.28
N ASP B 600 -2.88 53.08 -1.43
CA ASP B 600 -2.03 53.04 -2.65
C ASP B 600 -0.61 52.61 -2.25
N HIS B 601 -0.05 51.60 -2.92
CA HIS B 601 1.32 51.08 -2.67
C HIS B 601 1.43 50.59 -1.22
N ALA B 602 2.66 50.44 -0.73
CA ALA B 602 2.99 50.09 0.68
C ALA B 602 4.03 51.10 1.20
N GLU B 603 4.10 51.25 2.52
CA GLU B 603 5.15 52.05 3.23
C GLU B 603 5.79 51.15 4.29
N ALA B 604 6.99 51.49 4.74
CA ALA B 604 7.81 50.67 5.68
C ALA B 604 8.29 51.51 6.85
N SER B 605 8.90 50.86 7.85
CA SER B 605 9.48 51.43 9.08
C SER B 605 10.14 50.31 9.86
N TRP B 606 11.34 50.54 10.42
CA TRP B 606 12.15 49.46 11.05
C TRP B 606 12.81 49.92 12.35
N SER B 607 12.84 49.03 13.34
CA SER B 607 13.51 49.17 14.66
C SER B 607 14.64 48.14 14.76
N ALA B 608 15.41 48.18 15.84
CA ALA B 608 16.57 47.27 16.08
C ALA B 608 16.68 46.91 17.56
N GLU B 609 17.50 45.89 17.86
CA GLU B 609 17.88 45.47 19.24
C GLU B 609 19.38 45.17 19.28
N GLY B 610 20.00 45.33 20.45
CA GLY B 610 21.41 45.01 20.72
C GLY B 610 22.33 45.51 19.61
N SER B 611 23.26 44.66 19.15
CA SER B 611 24.21 44.94 18.06
C SER B 611 23.55 44.65 16.71
N SER B 612 22.78 45.62 16.19
CA SER B 612 21.90 45.47 14.99
C SER B 612 22.67 44.87 13.83
N PRO B 613 22.10 43.88 13.10
CA PRO B 613 22.69 43.38 11.86
C PRO B 613 22.42 44.28 10.65
N VAL B 614 21.52 45.26 10.79
CA VAL B 614 21.05 46.16 9.69
C VAL B 614 21.37 47.62 10.07
N LEU B 615 21.87 48.40 9.10
CA LEU B 615 22.20 49.84 9.24
C LEU B 615 21.11 50.70 8.58
N ASP B 616 20.64 50.29 7.39
CA ASP B 616 19.66 51.03 6.56
C ASP B 616 18.64 50.05 5.98
N VAL B 617 17.44 50.56 5.66
CA VAL B 617 16.36 49.81 4.96
C VAL B 617 15.76 50.73 3.89
N ARG B 618 15.69 50.26 2.64
CA ARG B 618 14.98 50.93 1.51
C ARG B 618 14.02 49.90 0.89
N TYR B 619 12.95 50.39 0.25
CA TYR B 619 11.92 49.54 -0.41
C TYR B 619 11.50 50.18 -1.74
N VAL B 620 10.84 49.37 -2.58
CA VAL B 620 10.30 49.77 -3.91
C VAL B 620 8.87 49.24 -4.03
N ALA B 621 7.89 50.12 -3.87
CA ALA B 621 6.44 49.82 -4.03
C ALA B 621 5.94 50.45 -5.34
N LYS B 622 6.11 49.74 -6.46
CA LYS B 622 5.79 50.23 -7.83
C LYS B 622 4.44 49.69 -8.31
N THR B 623 3.81 48.80 -7.54
CA THR B 623 2.40 48.36 -7.73
C THR B 623 1.69 48.38 -6.38
N ASP B 624 0.35 48.26 -6.38
CA ASP B 624 -0.48 48.23 -5.15
C ASP B 624 -0.17 46.96 -4.35
N THR B 625 0.15 45.85 -5.04
CA THR B 625 0.29 44.49 -4.45
C THR B 625 1.75 44.18 -4.09
N ASP B 626 2.71 44.65 -4.90
CA ASP B 626 4.13 44.19 -4.85
C ASP B 626 5.00 45.22 -4.12
N THR B 627 5.85 44.76 -3.19
CA THR B 627 6.82 45.57 -2.41
C THR B 627 8.16 44.82 -2.32
N GLN B 628 9.21 45.32 -2.97
CA GLN B 628 10.60 44.84 -2.81
C GLN B 628 11.23 45.50 -1.58
N VAL B 629 11.86 44.72 -0.72
CA VAL B 629 12.54 45.19 0.53
C VAL B 629 14.04 44.95 0.40
N PHE B 630 14.85 46.00 0.56
CA PHE B 630 16.33 45.97 0.59
C PHE B 630 16.81 46.29 2.01
N ILE B 631 17.89 45.66 2.46
CA ILE B 631 18.55 45.93 3.77
C ILE B 631 20.06 46.13 3.53
N ARG B 632 20.63 47.16 4.15
CA ARG B 632 22.10 47.40 4.19
C ARG B 632 22.67 46.57 5.35
N LEU B 633 23.08 45.34 5.05
CA LEU B 633 23.60 44.36 6.05
C LEU B 633 24.91 44.92 6.63
N ALA B 634 24.99 45.01 7.96
CA ALA B 634 26.10 45.64 8.72
C ALA B 634 27.43 44.95 8.39
N GLY B 635 28.55 45.61 8.72
CA GLY B 635 29.90 45.02 8.65
C GLY B 635 30.09 43.97 9.74
N TRP B 636 30.70 42.83 9.40
CA TRP B 636 31.02 41.71 10.32
C TRP B 636 29.75 41.17 10.99
N THR B 637 28.66 41.02 10.23
CA THR B 637 27.46 40.23 10.64
C THR B 637 27.59 38.86 10.01
N PRO B 638 27.99 37.83 10.80
CA PRO B 638 28.42 36.54 10.25
C PRO B 638 27.26 35.63 9.78
N SER B 639 26.07 35.80 10.36
CA SER B 639 24.87 34.97 10.07
C SER B 639 23.61 35.67 10.58
N ALA B 640 22.72 36.07 9.67
CA ALA B 640 21.44 36.75 9.96
C ALA B 640 20.28 35.92 9.36
N ALA B 641 19.39 35.42 10.21
CA ALA B 641 18.23 34.58 9.84
C ALA B 641 17.02 35.49 9.58
N ILE B 642 16.39 35.37 8.40
CA ILE B 642 15.18 36.13 8.00
C ILE B 642 13.95 35.31 8.45
N MET B 643 13.13 35.89 9.32
CA MET B 643 11.89 35.26 9.86
C MET B 643 10.76 36.28 9.80
N ILE B 644 9.58 35.86 9.31
CA ILE B 644 8.50 36.77 8.84
C ILE B 644 7.18 36.41 9.53
N LYS B 645 6.41 37.44 9.92
CA LYS B 645 4.99 37.35 10.34
C LYS B 645 4.15 38.16 9.35
N SER B 646 2.89 37.76 9.12
CA SER B 646 2.00 38.37 8.10
C SER B 646 0.53 38.24 8.51
N THR B 647 -0.27 39.27 8.18
CA THR B 647 -1.75 39.29 8.30
C THR B 647 -2.40 38.88 6.97
N ALA B 648 -1.58 38.75 5.92
CA ALA B 648 -2.02 38.44 4.53
C ALA B 648 -2.62 37.05 4.47
N LYS B 649 -3.62 36.85 3.59
CA LYS B 649 -4.35 35.57 3.40
C LYS B 649 -3.43 34.60 2.65
N ASP B 650 -3.26 33.38 3.19
CA ASP B 650 -2.38 32.33 2.61
C ASP B 650 -3.19 31.48 1.63
N ARG B 651 -2.59 30.42 1.08
CA ARG B 651 -3.15 29.61 -0.04
C ARG B 651 -4.35 28.79 0.45
N PHE B 652 -4.44 28.49 1.74
CA PHE B 652 -5.58 27.77 2.37
C PHE B 652 -6.86 28.62 2.26
N VAL B 653 -6.72 29.95 2.18
CA VAL B 653 -7.83 30.94 2.27
C VAL B 653 -8.26 31.38 0.87
N THR B 654 -7.31 31.62 -0.04
CA THR B 654 -7.58 32.20 -1.40
C THR B 654 -6.53 31.69 -2.40
N GLY B 655 -6.92 31.60 -3.68
CA GLY B 655 -6.03 31.23 -4.80
C GLY B 655 -4.99 32.30 -5.06
N ARG B 656 -5.41 33.57 -5.08
CA ARG B 656 -4.52 34.75 -5.21
C ARG B 656 -4.04 35.17 -3.82
N CYS B 657 -3.13 34.39 -3.24
CA CYS B 657 -2.72 34.44 -1.81
C CYS B 657 -1.45 35.29 -1.63
N ALA B 658 -0.99 35.40 -0.38
CA ALA B 658 0.29 36.05 0.01
C ALA B 658 1.47 35.27 -0.58
N ARG B 659 2.56 35.98 -0.88
CA ARG B 659 3.82 35.39 -1.40
C ARG B 659 5.01 36.12 -0.78
N VAL B 660 6.08 35.38 -0.47
CA VAL B 660 7.46 35.91 -0.26
C VAL B 660 8.31 35.43 -1.43
N ASP B 661 8.46 36.26 -2.46
CA ASP B 661 9.34 35.99 -3.62
C ASP B 661 10.78 36.24 -3.18
N ALA B 662 11.36 35.26 -2.51
CA ALA B 662 12.71 35.33 -1.90
C ALA B 662 13.76 35.55 -3.00
N LYS B 663 14.55 36.62 -2.88
CA LYS B 663 15.72 36.92 -3.75
C LYS B 663 17.00 36.69 -2.94
N MET B 664 17.11 37.35 -1.78
CA MET B 664 18.16 37.12 -0.75
C MET B 664 19.55 37.17 -1.42
N ALA B 665 19.77 38.19 -2.26
CA ALA B 665 20.96 38.34 -3.15
C ALA B 665 21.54 39.74 -3.01
N LYS B 666 22.86 39.88 -3.21
CA LYS B 666 23.58 41.18 -3.22
C LYS B 666 23.03 42.05 -4.34
N ALA B 667 22.42 43.18 -3.98
CA ALA B 667 21.77 44.14 -4.92
C ALA B 667 21.62 45.51 -4.22
N THR B 668 22.19 46.56 -4.81
CA THR B 668 22.03 47.96 -4.35
C THR B 668 20.69 48.48 -4.84
N PRO B 669 19.82 49.04 -3.96
CA PRO B 669 18.51 49.52 -4.39
C PRO B 669 18.65 50.73 -5.32
N ASP B 670 17.79 50.81 -6.34
CA ASP B 670 17.74 51.91 -7.33
C ASP B 670 17.64 53.24 -6.58
N SER B 671 18.37 54.27 -7.04
CA SER B 671 18.44 55.63 -6.43
C SER B 671 17.03 56.17 -6.12
N GLY B 672 16.02 55.76 -6.91
CA GLY B 672 14.61 56.16 -6.73
C GLY B 672 13.87 55.35 -5.69
N SER B 673 14.54 54.39 -5.03
CA SER B 673 13.99 53.57 -3.92
C SER B 673 13.67 54.46 -2.72
N HIS B 674 12.62 54.12 -1.96
CA HIS B 674 12.14 54.89 -0.78
C HIS B 674 12.83 54.36 0.49
N ALA B 675 13.49 55.23 1.25
CA ALA B 675 14.16 54.90 2.52
C ALA B 675 13.10 54.67 3.63
N ALA B 676 13.21 53.56 4.35
CA ALA B 676 12.33 53.21 5.49
C ALA B 676 12.75 54.00 6.73
N PRO B 677 11.83 54.80 7.33
CA PRO B 677 12.16 55.56 8.54
C PRO B 677 12.55 54.67 9.72
N GLN B 678 13.63 55.04 10.42
CA GLN B 678 14.14 54.34 11.63
C GLN B 678 13.30 54.77 12.83
N ARG B 679 12.42 53.89 13.33
CA ARG B 679 11.49 54.17 14.45
C ARG B 679 11.26 52.90 15.27
N PHE B 680 11.01 53.06 16.58
CA PHE B 680 10.35 52.04 17.44
C PHE B 680 9.31 52.76 18.30
N SER B 681 8.49 51.98 19.03
CA SER B 681 7.31 52.47 19.78
C SER B 681 6.79 51.36 20.71
N LEU B 682 7.23 51.36 21.96
CA LEU B 682 6.77 50.43 23.04
C LEU B 682 5.93 51.23 24.04
N HIS B 683 4.63 50.94 24.12
CA HIS B 683 3.65 51.69 24.95
C HIS B 683 2.55 50.75 25.46
N ASN B 684 1.54 51.33 26.13
CA ASN B 684 0.33 50.61 26.63
C ASN B 684 -0.94 51.34 26.18
N GLY B 685 -0.82 52.35 25.30
CA GLY B 685 -1.95 53.13 24.75
C GLY B 685 -2.13 54.45 25.48
N LYS B 686 -1.42 54.65 26.59
CA LYS B 686 -1.48 55.86 27.46
C LYS B 686 -0.08 56.50 27.55
N ALA B 687 0.90 55.72 28.01
CA ALA B 687 2.31 56.13 28.21
C ALA B 687 3.25 55.11 27.55
N GLY B 688 4.51 55.48 27.33
CA GLY B 688 5.54 54.58 26.78
C GLY B 688 6.77 55.33 26.29
N VAL B 689 7.56 54.65 25.44
CA VAL B 689 8.88 55.12 24.95
C VAL B 689 8.98 54.77 23.45
N GLY B 690 9.79 55.53 22.70
CA GLY B 690 10.06 55.30 21.26
C GLY B 690 11.31 56.03 20.80
N ALA B 691 11.54 56.07 19.49
CA ALA B 691 12.62 56.84 18.82
C ALA B 691 12.16 57.20 17.40
N ASN B 692 12.58 58.36 16.89
CA ASN B 692 12.19 58.85 15.53
C ASN B 692 13.42 58.86 14.62
N GLU B 693 13.20 59.10 13.32
CA GLU B 693 14.24 59.01 12.25
C GLU B 693 15.19 60.21 12.33
N GLN B 694 14.78 61.28 13.04
CA GLN B 694 15.64 62.47 13.31
C GLN B 694 16.69 62.11 14.37
N GLY B 695 16.46 61.03 15.12
CA GLY B 695 17.41 60.47 16.10
C GLY B 695 17.15 60.99 17.51
N ASP B 696 15.89 61.31 17.81
CA ASP B 696 15.44 61.77 19.15
C ASP B 696 14.67 60.64 19.84
N LEU B 697 15.01 60.36 21.10
CA LEU B 697 14.22 59.52 22.03
C LEU B 697 12.83 60.14 22.17
N LEU B 698 11.77 59.33 22.05
CA LEU B 698 10.36 59.72 22.29
C LEU B 698 9.92 59.18 23.66
N LEU B 699 9.30 60.01 24.48
CA LEU B 699 8.65 59.62 25.76
C LEU B 699 7.20 60.12 25.76
N ALA B 700 6.30 59.36 26.36
CA ALA B 700 4.87 59.70 26.55
C ALA B 700 4.45 59.34 27.97
N SER B 701 3.76 60.25 28.65
CA SER B 701 3.28 60.13 30.05
C SER B 701 2.33 61.28 30.36
N ARG B 702 1.60 61.19 31.49
CA ARG B 702 0.63 62.22 31.94
C ARG B 702 1.36 63.56 32.13
N ALA B 703 0.84 64.63 31.50
CA ALA B 703 1.34 66.02 31.64
C ALA B 703 1.09 66.48 33.09
N LEU B 704 2.01 67.29 33.64
CA LEU B 704 1.91 67.85 35.01
C LEU B 704 1.87 69.38 34.94
N SER B 705 0.94 69.98 35.68
CA SER B 705 0.83 71.45 35.90
C SER B 705 1.89 71.89 36.92
N ALA B 706 2.56 73.02 36.65
CA ALA B 706 3.65 73.59 37.47
C ALA B 706 3.17 73.87 38.89
N ASP B 707 1.88 74.18 39.06
CA ASP B 707 1.24 74.59 40.34
C ASP B 707 1.27 73.44 41.36
N ASN B 708 1.23 72.19 40.89
CA ASN B 708 1.21 70.96 41.73
C ASN B 708 2.62 70.38 41.88
N VAL B 709 3.64 71.10 41.40
CA VAL B 709 5.08 70.68 41.46
C VAL B 709 5.85 71.69 42.32
N ASP B 710 6.65 71.21 43.27
CA ASP B 710 7.60 72.02 44.08
C ASP B 710 8.83 72.34 43.20
N THR B 711 8.80 73.48 42.52
CA THR B 711 9.82 73.91 41.51
C THR B 711 11.12 74.34 42.21
N ARG B 712 11.09 74.55 43.52
CA ARG B 712 12.22 75.05 44.34
C ARG B 712 13.49 74.23 44.04
N LYS B 713 13.49 72.95 44.42
CA LYS B 713 14.64 72.01 44.26
C LYS B 713 14.19 70.69 43.64
N PRO B 714 15.05 70.02 42.84
CA PRO B 714 14.92 68.59 42.59
C PRO B 714 14.88 67.82 43.93
N GLU B 715 13.87 66.97 44.12
CA GLU B 715 13.69 66.13 45.34
C GLU B 715 14.88 65.19 45.48
N GLY B 716 15.27 64.53 44.39
CA GLY B 716 16.41 63.58 44.33
C GLY B 716 16.89 63.36 42.91
N PHE B 717 17.74 62.34 42.72
CA PHE B 717 18.35 61.96 41.42
C PHE B 717 18.37 60.44 41.28
N VAL B 718 18.56 59.95 40.05
CA VAL B 718 18.84 58.52 39.73
C VAL B 718 19.98 58.47 38.71
N SER B 719 20.90 57.51 38.86
CA SER B 719 22.05 57.28 37.96
C SER B 719 21.54 56.74 36.62
N VAL B 720 21.80 57.46 35.53
CA VAL B 720 21.40 57.09 34.14
C VAL B 720 22.60 57.32 33.22
N VAL B 721 22.87 56.37 32.32
CA VAL B 721 23.99 56.42 31.33
C VAL B 721 23.45 57.01 30.03
N ILE B 722 23.50 58.35 29.90
CA ILE B 722 22.96 59.10 28.73
C ILE B 722 24.10 59.35 27.73
N ASN B 723 24.00 58.77 26.53
CA ASN B 723 24.98 58.89 25.43
C ASN B 723 26.37 58.45 25.93
N GLY B 724 26.42 57.37 26.70
CA GLY B 724 27.68 56.72 27.13
C GLY B 724 28.14 57.17 28.50
N LYS B 725 27.88 58.43 28.88
CA LYS B 725 28.39 59.06 30.12
C LYS B 725 27.37 58.87 31.26
N THR B 726 27.84 58.39 32.42
CA THR B 726 27.01 58.19 33.65
C THR B 726 26.75 59.56 34.27
N VAL B 727 25.48 59.97 34.33
CA VAL B 727 25.03 61.29 34.86
C VAL B 727 23.86 61.08 35.84
N ALA B 728 23.42 62.15 36.49
CA ALA B 728 22.30 62.17 37.47
C ALA B 728 21.05 62.78 36.80
N LEU B 729 20.02 61.95 36.58
CA LEU B 729 18.70 62.41 36.05
C LEU B 729 17.89 62.99 37.21
N PRO B 730 17.59 64.30 37.21
CA PRO B 730 16.89 64.94 38.33
C PRO B 730 15.38 64.66 38.28
N TYR B 731 14.70 64.89 39.40
CA TYR B 731 13.22 64.75 39.53
C TYR B 731 12.73 65.61 40.70
N PHE B 732 11.56 66.23 40.53
CA PHE B 732 10.91 67.16 41.50
C PHE B 732 9.76 66.44 42.20
N ALA B 733 9.42 66.87 43.41
CA ALA B 733 8.32 66.32 44.25
C ALA B 733 6.99 66.93 43.80
N ILE B 734 5.88 66.25 44.10
CA ILE B 734 4.49 66.66 43.75
C ILE B 734 3.77 67.08 45.04
N LYS B 735 3.20 68.29 45.07
CA LYS B 735 2.46 68.86 46.22
C LYS B 735 1.25 67.96 46.53
N ALA B 736 0.98 67.72 47.81
CA ALA B 736 -0.14 66.88 48.29
C ALA B 736 -1.48 67.61 48.01
N GLY C 46 -20.61 -29.84 -57.66
CA GLY C 46 -19.66 -29.23 -56.69
C GLY C 46 -19.08 -30.25 -55.73
N ASP C 47 -18.55 -31.37 -56.26
CA ASP C 47 -17.95 -32.47 -55.46
C ASP C 47 -16.56 -32.04 -54.98
N VAL C 48 -16.18 -32.45 -53.76
CA VAL C 48 -14.89 -32.09 -53.10
C VAL C 48 -14.21 -33.37 -52.60
N PRO C 49 -12.88 -33.36 -52.34
CA PRO C 49 -12.22 -34.46 -51.65
C PRO C 49 -12.71 -34.58 -50.19
N ILE C 50 -13.35 -35.72 -49.86
CA ILE C 50 -13.98 -35.96 -48.52
C ILE C 50 -13.00 -36.70 -47.61
N LEU C 51 -12.07 -37.48 -48.17
CA LEU C 51 -11.04 -38.25 -47.41
C LEU C 51 -9.67 -38.10 -48.11
N THR C 52 -8.59 -38.05 -47.31
CA THR C 52 -7.20 -37.80 -47.75
C THR C 52 -6.26 -38.68 -46.91
N PRO C 53 -4.94 -38.74 -47.24
CA PRO C 53 -3.98 -39.49 -46.42
C PRO C 53 -3.97 -39.07 -44.94
N GLU C 54 -4.29 -37.80 -44.67
CA GLU C 54 -4.32 -37.19 -43.30
C GLU C 54 -5.43 -37.84 -42.46
N ASN C 55 -6.49 -38.35 -43.10
CA ASN C 55 -7.62 -39.04 -42.43
C ASN C 55 -7.15 -40.42 -41.92
N VAL C 56 -6.29 -41.09 -42.69
CA VAL C 56 -5.67 -42.40 -42.32
C VAL C 56 -4.71 -42.19 -41.15
N TYR C 57 -4.02 -41.04 -41.10
CA TYR C 57 -3.04 -40.67 -40.05
C TYR C 57 -3.77 -40.36 -38.73
N ALA C 58 -4.91 -39.67 -38.81
CA ALA C 58 -5.68 -39.15 -37.65
C ALA C 58 -6.08 -40.29 -36.70
N MET C 59 -6.73 -41.32 -37.23
CA MET C 59 -7.30 -42.48 -36.46
C MET C 59 -6.18 -43.21 -35.73
N PRO C 60 -6.49 -43.96 -34.64
CA PRO C 60 -5.48 -44.69 -33.87
C PRO C 60 -4.67 -45.66 -34.74
N PRO C 61 -3.34 -45.79 -34.51
CA PRO C 61 -2.52 -46.77 -35.24
C PRO C 61 -3.04 -48.22 -35.20
N GLN C 62 -3.82 -48.56 -34.16
CA GLN C 62 -4.54 -49.86 -34.03
C GLN C 62 -5.36 -50.09 -35.31
N PHE C 63 -6.05 -49.05 -35.77
CA PHE C 63 -7.02 -49.08 -36.90
C PHE C 63 -6.29 -49.40 -38.21
N TRP C 64 -5.26 -48.61 -38.55
CA TRP C 64 -4.42 -48.78 -39.77
C TRP C 64 -4.02 -50.26 -39.89
N GLN C 65 -3.35 -50.79 -38.85
CA GLN C 65 -2.67 -52.11 -38.85
C GLN C 65 -3.69 -53.25 -38.98
N ASN C 66 -4.76 -53.22 -38.18
CA ASN C 66 -5.67 -54.39 -37.97
C ASN C 66 -6.95 -54.25 -38.82
N PHE C 67 -7.68 -53.14 -38.66
CA PHE C 67 -9.10 -52.98 -39.08
C PHE C 67 -9.33 -53.53 -40.49
N GLN C 68 -10.17 -54.57 -40.59
CA GLN C 68 -10.86 -55.02 -41.82
C GLN C 68 -12.31 -54.52 -41.76
N GLY C 69 -12.85 -53.94 -42.83
CA GLY C 69 -14.21 -53.38 -42.81
C GLY C 69 -14.75 -52.98 -44.18
N LYS C 70 -15.97 -52.41 -44.18
CA LYS C 70 -16.72 -51.92 -45.37
C LYS C 70 -17.08 -50.45 -45.14
N LEU C 71 -16.79 -49.58 -46.13
CA LEU C 71 -17.09 -48.12 -46.08
C LEU C 71 -18.12 -47.77 -47.16
N TRP C 72 -19.24 -47.19 -46.75
CA TRP C 72 -20.34 -46.72 -47.64
C TRP C 72 -20.43 -45.19 -47.61
N ILE C 73 -20.68 -44.57 -48.76
CA ILE C 73 -20.96 -43.11 -48.92
C ILE C 73 -22.30 -42.97 -49.65
N GLY C 74 -23.37 -42.63 -48.92
CA GLY C 74 -24.74 -42.48 -49.44
C GLY C 74 -25.20 -41.04 -49.43
N ARG C 75 -26.43 -40.77 -49.86
CA ARG C 75 -27.03 -39.41 -49.89
C ARG C 75 -27.52 -39.06 -48.48
N ALA C 76 -27.48 -37.78 -48.13
CA ALA C 76 -27.76 -37.25 -46.77
C ALA C 76 -29.24 -37.46 -46.42
N GLY C 77 -29.54 -37.60 -45.12
CA GLY C 77 -30.88 -37.92 -44.59
C GLY C 77 -31.24 -39.38 -44.82
N SER C 78 -30.24 -40.26 -44.80
CA SER C 78 -30.36 -41.70 -45.17
C SER C 78 -29.22 -42.52 -44.54
N ASP C 79 -29.53 -43.76 -44.13
CA ASP C 79 -28.52 -44.80 -43.81
C ASP C 79 -27.90 -45.28 -45.12
N ALA C 80 -26.59 -45.08 -45.30
CA ALA C 80 -25.86 -45.31 -46.57
C ALA C 80 -25.60 -46.81 -46.80
N ARG C 81 -25.87 -47.66 -45.81
CA ARG C 81 -25.62 -49.14 -45.87
C ARG C 81 -26.76 -49.85 -46.62
N GLN C 82 -27.52 -49.13 -47.44
CA GLN C 82 -28.89 -49.54 -47.86
C GLN C 82 -29.01 -49.56 -49.38
N PRO C 83 -29.80 -50.49 -49.96
CA PRO C 83 -30.16 -50.45 -51.38
C PRO C 83 -30.77 -49.10 -51.83
N GLY C 84 -30.17 -48.49 -52.86
CA GLY C 84 -30.67 -47.27 -53.53
C GLY C 84 -30.24 -45.99 -52.84
N ASN C 85 -29.44 -46.08 -51.78
CA ASN C 85 -28.99 -44.92 -50.96
C ASN C 85 -27.57 -44.49 -51.36
N GLN C 86 -26.82 -45.35 -52.07
CA GLN C 86 -25.38 -45.14 -52.38
C GLN C 86 -25.24 -44.09 -53.49
N ILE C 87 -24.46 -43.03 -53.23
CA ILE C 87 -24.09 -41.96 -54.21
C ILE C 87 -22.73 -42.31 -54.79
N PRO C 88 -22.33 -41.73 -55.96
CA PRO C 88 -21.09 -42.11 -56.61
C PRO C 88 -19.84 -41.57 -55.89
N VAL C 89 -18.78 -42.38 -55.79
CA VAL C 89 -17.49 -42.07 -55.11
C VAL C 89 -16.34 -42.27 -56.11
N PHE C 90 -15.48 -41.26 -56.25
CA PHE C 90 -14.39 -41.18 -57.25
C PHE C 90 -13.03 -41.25 -56.53
N LEU C 91 -12.11 -42.10 -57.01
CA LEU C 91 -10.75 -42.28 -56.43
C LEU C 91 -9.73 -41.47 -57.23
N ARG C 92 -9.27 -40.35 -56.65
CA ARG C 92 -8.14 -39.53 -57.17
C ARG C 92 -6.83 -40.20 -56.75
N ASP C 93 -5.87 -40.31 -57.68
CA ASP C 93 -4.49 -40.81 -57.42
C ASP C 93 -3.50 -39.68 -57.74
N ALA C 94 -2.24 -39.83 -57.32
CA ALA C 94 -1.12 -38.93 -57.69
C ALA C 94 -0.80 -39.15 -59.17
N ASN C 95 -1.03 -38.12 -60.01
CA ASN C 95 -0.85 -38.16 -61.48
C ASN C 95 -1.93 -39.06 -62.10
N GLY C 96 -3.03 -39.27 -61.39
CA GLY C 96 -4.05 -40.30 -61.69
C GLY C 96 -5.35 -39.70 -62.16
N ASN C 97 -6.16 -40.51 -62.84
CA ASN C 97 -7.53 -40.15 -63.33
C ASN C 97 -8.51 -40.27 -62.16
N LEU C 98 -9.71 -39.70 -62.34
CA LEU C 98 -10.78 -39.65 -61.31
C LEU C 98 -11.32 -41.06 -61.02
N ALA C 99 -11.52 -41.88 -62.05
CA ALA C 99 -12.05 -43.26 -61.97
C ALA C 99 -13.32 -43.29 -61.11
N GLN C 100 -13.63 -44.46 -60.53
CA GLN C 100 -14.80 -44.68 -59.61
C GLN C 100 -14.61 -46.05 -58.94
N ILE C 101 -15.15 -46.23 -57.74
CA ILE C 101 -14.98 -47.47 -56.92
C ILE C 101 -16.36 -47.97 -56.48
N THR C 102 -16.62 -49.27 -56.68
CA THR C 102 -17.91 -49.95 -56.36
C THR C 102 -18.03 -50.10 -54.84
N GLN C 103 -19.09 -49.53 -54.26
CA GLN C 103 -19.35 -49.58 -52.80
C GLN C 103 -20.08 -50.89 -52.48
N PRO C 104 -19.84 -51.51 -51.31
CA PRO C 104 -18.99 -50.93 -50.26
C PRO C 104 -17.49 -50.90 -50.60
N ILE C 105 -16.79 -49.90 -50.07
CA ILE C 105 -15.30 -49.73 -50.20
C ILE C 105 -14.64 -50.60 -49.13
N THR C 106 -13.94 -51.65 -49.55
CA THR C 106 -13.24 -52.62 -48.68
C THR C 106 -12.04 -51.91 -48.02
N LEU C 107 -11.95 -51.98 -46.68
CA LEU C 107 -10.86 -51.36 -45.88
C LEU C 107 -9.97 -52.46 -45.28
N ASN C 108 -8.65 -52.33 -45.44
CA ASN C 108 -7.63 -53.25 -44.88
C ASN C 108 -6.27 -52.56 -44.90
N LYS C 109 -5.28 -53.15 -44.23
CA LYS C 109 -3.88 -52.65 -44.14
C LYS C 109 -3.32 -52.41 -45.54
N GLY C 110 -3.52 -53.38 -46.45
CA GLY C 110 -3.05 -53.34 -47.85
C GLY C 110 -3.59 -52.13 -48.59
N ASN C 111 -4.87 -51.80 -48.41
CA ASN C 111 -5.56 -50.66 -49.06
C ASN C 111 -5.02 -49.34 -48.50
N PHE C 112 -5.04 -49.18 -47.17
CA PHE C 112 -4.58 -47.96 -46.45
C PHE C 112 -3.14 -47.63 -46.86
N ASP C 113 -2.26 -48.64 -46.89
CA ASP C 113 -0.83 -48.51 -47.30
C ASP C 113 -0.77 -47.92 -48.71
N GLN C 114 -1.52 -48.50 -49.65
CA GLN C 114 -1.57 -48.08 -51.08
C GLN C 114 -2.18 -46.68 -51.19
N PHE C 115 -3.26 -46.41 -50.44
CA PHE C 115 -4.02 -45.12 -50.43
C PHE C 115 -3.08 -43.97 -50.03
N VAL C 116 -2.30 -44.17 -48.96
CA VAL C 116 -1.30 -43.19 -48.45
C VAL C 116 -0.17 -43.04 -49.49
N LYS C 117 0.25 -44.16 -50.10
CA LYS C 117 1.40 -44.25 -51.03
C LYS C 117 1.22 -43.28 -52.21
N ASP C 118 0.04 -43.29 -52.82
CA ASP C 118 -0.29 -42.55 -54.08
C ASP C 118 -0.88 -41.17 -53.75
N ASN C 119 -0.67 -40.67 -52.52
CA ASN C 119 -1.19 -39.35 -52.05
C ASN C 119 -2.65 -39.19 -52.49
N ALA C 120 -3.41 -40.29 -52.45
CA ALA C 120 -4.75 -40.44 -53.07
C ALA C 120 -5.80 -39.69 -52.24
N ALA C 121 -7.02 -39.59 -52.77
CA ALA C 121 -8.21 -38.99 -52.11
C ALA C 121 -9.49 -39.57 -52.73
N LEU C 122 -10.57 -39.61 -51.95
CA LEU C 122 -11.91 -40.03 -52.39
C LEU C 122 -12.78 -38.78 -52.56
N ILE C 123 -13.31 -38.56 -53.77
CA ILE C 123 -14.08 -37.34 -54.17
C ILE C 123 -15.57 -37.69 -54.19
N ALA C 124 -16.41 -36.87 -53.55
CA ALA C 124 -17.88 -37.04 -53.46
C ALA C 124 -18.53 -35.73 -53.00
N ASN C 125 -19.86 -35.72 -52.93
CA ASN C 125 -20.68 -34.55 -52.46
C ASN C 125 -20.40 -34.34 -50.97
N PRO C 126 -19.89 -33.16 -50.55
CA PRO C 126 -19.60 -32.91 -49.13
C PRO C 126 -20.78 -33.22 -48.20
N SER C 127 -22.00 -32.91 -48.62
CA SER C 127 -23.27 -33.31 -47.95
C SER C 127 -23.61 -34.75 -48.36
N HIS C 128 -23.25 -35.72 -47.51
CA HIS C 128 -23.43 -37.18 -47.77
C HIS C 128 -23.69 -37.92 -46.46
N ALA C 129 -24.33 -39.10 -46.56
CA ALA C 129 -24.39 -40.13 -45.51
C ALA C 129 -23.11 -40.97 -45.58
N MET C 130 -22.67 -41.51 -44.44
CA MET C 130 -21.49 -42.41 -44.35
C MET C 130 -21.69 -43.38 -43.18
N ALA C 131 -21.41 -44.67 -43.41
CA ALA C 131 -21.50 -45.76 -42.41
C ALA C 131 -20.31 -46.71 -42.57
N LEU C 132 -19.79 -47.22 -41.45
CA LEU C 132 -18.58 -48.08 -41.40
C LEU C 132 -18.90 -49.39 -40.66
N GLU C 133 -18.78 -50.52 -41.36
CA GLU C 133 -18.84 -51.90 -40.78
C GLU C 133 -17.43 -52.46 -40.72
N ASP C 134 -17.24 -53.63 -40.08
CA ASP C 134 -15.91 -54.21 -39.76
C ASP C 134 -15.87 -55.71 -40.10
N SER C 135 -16.16 -56.09 -41.35
CA SER C 135 -16.10 -57.48 -41.87
C SER C 135 -17.11 -58.37 -41.15
N ASN C 136 -17.06 -58.39 -39.81
CA ASN C 136 -18.01 -59.10 -38.91
C ASN C 136 -19.44 -58.62 -39.18
N GLY C 137 -19.61 -57.35 -39.56
CA GLY C 137 -20.91 -56.73 -39.89
C GLY C 137 -21.43 -55.88 -38.75
N GLN C 138 -20.55 -55.47 -37.82
CA GLN C 138 -20.87 -54.54 -36.70
C GLN C 138 -21.05 -53.13 -37.27
N THR C 139 -21.38 -52.16 -36.41
CA THR C 139 -21.46 -50.72 -36.74
C THR C 139 -20.41 -49.96 -35.90
N VAL C 140 -19.49 -49.27 -36.55
CA VAL C 140 -18.48 -48.37 -35.91
C VAL C 140 -19.12 -46.99 -35.80
N PHE C 141 -19.64 -46.47 -36.90
CA PHE C 141 -20.46 -45.23 -36.97
C PHE C 141 -21.50 -45.36 -38.10
N ASN C 142 -22.71 -44.85 -37.85
CA ASN C 142 -23.84 -44.78 -38.83
C ASN C 142 -24.42 -43.36 -38.78
N ILE C 143 -24.08 -42.53 -39.78
CA ILE C 143 -24.43 -41.08 -39.83
C ILE C 143 -25.31 -40.81 -41.03
N PRO C 144 -26.59 -40.39 -40.84
CA PRO C 144 -27.47 -40.04 -41.95
C PRO C 144 -26.97 -38.82 -42.73
N ASP C 145 -26.52 -37.77 -42.03
CA ASP C 145 -25.91 -36.56 -42.63
C ASP C 145 -24.69 -36.15 -41.79
N VAL C 146 -23.54 -35.99 -42.44
CA VAL C 146 -22.26 -35.56 -41.80
C VAL C 146 -22.26 -34.04 -41.60
N SER C 147 -23.38 -33.37 -41.90
CA SER C 147 -23.52 -31.90 -41.93
C SER C 147 -23.81 -31.33 -40.54
N GLN C 148 -24.47 -32.11 -39.66
CA GLN C 148 -24.79 -31.70 -38.26
C GLN C 148 -24.92 -32.93 -37.37
N PRO C 149 -24.73 -32.78 -36.03
CA PRO C 149 -24.73 -33.93 -35.12
C PRO C 149 -26.10 -34.61 -35.00
N ILE C 167 -10.48 -42.45 -31.45
CA ILE C 167 -11.04 -41.06 -31.54
C ILE C 167 -10.14 -40.24 -32.49
N GLY C 168 -8.82 -40.22 -32.24
CA GLY C 168 -7.80 -39.69 -33.16
C GLY C 168 -6.86 -38.71 -32.49
N GLU C 169 -5.57 -38.79 -32.82
CA GLU C 169 -4.49 -37.88 -32.34
C GLU C 169 -3.73 -37.34 -33.56
N ILE C 170 -3.47 -36.02 -33.59
CA ILE C 170 -2.81 -35.30 -34.72
C ILE C 170 -1.60 -34.54 -34.17
N PRO C 171 -0.41 -34.69 -34.79
CA PRO C 171 0.83 -34.15 -34.21
C PRO C 171 1.00 -32.62 -34.29
N SER C 172 0.47 -31.97 -35.33
CA SER C 172 0.76 -30.55 -35.67
C SER C 172 -0.49 -29.82 -36.17
N VAL C 173 -0.47 -28.48 -36.07
CA VAL C 173 -1.48 -27.55 -36.65
C VAL C 173 -1.42 -27.63 -38.17
N ASP C 174 -0.22 -27.81 -38.74
CA ASP C 174 0.02 -28.01 -40.19
C ASP C 174 -0.81 -29.21 -40.67
N ASP C 175 -0.76 -30.32 -39.94
CA ASP C 175 -1.49 -31.57 -40.23
C ASP C 175 -2.99 -31.39 -39.93
N LEU C 176 -3.32 -30.63 -38.88
CA LEU C 176 -4.71 -30.35 -38.45
C LEU C 176 -5.43 -29.55 -39.55
N ARG C 177 -4.76 -28.56 -40.13
CA ARG C 177 -5.30 -27.69 -41.22
C ARG C 177 -5.41 -28.48 -42.52
N LYS C 178 -4.82 -29.67 -42.61
CA LYS C 178 -4.83 -30.55 -43.81
C LYS C 178 -5.80 -31.72 -43.61
N THR C 179 -6.14 -32.07 -42.37
CA THR C 179 -7.10 -33.15 -42.02
C THR C 179 -8.53 -32.61 -42.15
N ARG C 180 -9.35 -33.22 -43.02
CA ARG C 180 -10.80 -32.93 -43.15
C ARG C 180 -11.55 -33.78 -42.10
N PRO C 181 -12.48 -33.20 -41.31
CA PRO C 181 -13.25 -33.98 -40.35
C PRO C 181 -14.10 -35.05 -41.06
N LEU C 182 -14.28 -36.21 -40.43
CA LEU C 182 -15.18 -37.29 -40.93
C LEU C 182 -16.62 -36.79 -40.96
N PHE C 183 -17.02 -36.04 -39.93
CA PHE C 183 -18.40 -35.49 -39.75
C PHE C 183 -18.36 -34.26 -38.84
N GLU C 184 -19.46 -33.49 -38.85
CA GLU C 184 -19.68 -32.31 -37.96
C GLU C 184 -19.74 -32.81 -36.51
N GLY C 185 -18.77 -32.41 -35.70
CA GLY C 185 -18.67 -32.78 -34.27
C GLY C 185 -17.70 -33.93 -34.02
N ALA C 186 -16.90 -34.31 -35.03
CA ALA C 186 -15.82 -35.31 -34.91
C ALA C 186 -14.71 -34.73 -34.01
N LYS C 187 -14.30 -35.49 -32.98
CA LYS C 187 -13.31 -35.06 -31.97
C LYS C 187 -11.93 -35.61 -32.35
N ILE C 188 -10.87 -34.81 -32.15
CA ILE C 188 -9.44 -35.23 -32.29
C ILE C 188 -8.62 -34.56 -31.19
N LYS C 189 -7.46 -35.15 -30.86
CA LYS C 189 -6.43 -34.56 -29.97
C LYS C 189 -5.35 -33.89 -30.82
N LEU C 190 -4.99 -32.65 -30.52
CA LEU C 190 -3.76 -32.01 -31.04
C LEU C 190 -2.64 -32.22 -30.02
N LYS C 191 -1.65 -33.05 -30.37
CA LYS C 191 -0.47 -33.39 -29.53
C LYS C 191 0.23 -32.11 -29.09
N SER C 192 0.45 -31.20 -30.04
CA SER C 192 1.18 -29.91 -29.86
C SER C 192 0.88 -28.99 -31.05
N TRP C 193 0.95 -27.67 -30.84
CA TRP C 193 0.82 -26.65 -31.91
C TRP C 193 1.88 -26.94 -32.98
N HIS C 194 3.14 -26.99 -32.56
CA HIS C 194 4.33 -27.27 -33.42
C HIS C 194 4.72 -28.75 -33.29
N PRO C 195 5.26 -29.38 -34.36
CA PRO C 195 5.62 -30.79 -34.33
C PRO C 195 6.60 -31.16 -33.22
N GLY C 196 6.22 -32.15 -32.38
CA GLY C 196 7.09 -32.78 -31.37
C GLY C 196 7.59 -31.81 -30.32
N LEU C 197 6.75 -30.85 -29.89
CA LEU C 197 7.12 -29.80 -28.89
C LEU C 197 6.28 -29.92 -27.62
N GLU C 198 5.29 -30.81 -27.57
CA GLU C 198 4.60 -31.25 -26.32
C GLU C 198 3.79 -30.09 -25.73
N VAL C 199 3.56 -29.01 -26.48
CA VAL C 199 2.99 -27.73 -25.96
C VAL C 199 2.04 -27.11 -27.00
N GLY C 200 1.02 -26.40 -26.53
CA GLY C 200 0.03 -25.68 -27.37
C GLY C 200 -1.00 -26.62 -27.97
N GLY C 201 -1.15 -27.83 -27.40
CA GLY C 201 -2.10 -28.86 -27.86
C GLY C 201 -3.42 -28.77 -27.12
N GLY C 202 -4.34 -29.69 -27.42
CA GLY C 202 -5.67 -29.77 -26.80
C GLY C 202 -6.64 -30.61 -27.61
N GLU C 203 -7.92 -30.61 -27.21
CA GLU C 203 -9.03 -31.35 -27.87
C GLU C 203 -9.74 -30.40 -28.84
N PHE C 204 -10.04 -30.87 -30.06
CA PHE C 204 -10.65 -30.07 -31.16
C PHE C 204 -11.87 -30.79 -31.73
N VAL C 205 -12.97 -30.04 -31.91
CA VAL C 205 -14.26 -30.51 -32.48
C VAL C 205 -14.37 -29.98 -33.92
N GLY C 206 -14.46 -30.89 -34.90
CA GLY C 206 -14.48 -30.56 -36.35
C GLY C 206 -15.80 -29.96 -36.78
N SER C 207 -15.76 -29.14 -37.85
CA SER C 207 -16.95 -28.44 -38.43
C SER C 207 -16.72 -28.14 -39.91
N PHE C 208 -17.79 -28.20 -40.70
CA PHE C 208 -17.81 -27.86 -42.16
C PHE C 208 -18.31 -26.42 -42.34
N GLN C 209 -18.95 -25.86 -41.31
CA GLN C 209 -19.42 -24.44 -41.28
C GLN C 209 -18.23 -23.53 -41.58
N PRO C 210 -18.41 -22.39 -42.27
CA PRO C 210 -17.29 -21.51 -42.62
C PRO C 210 -16.88 -20.63 -41.43
N ALA C 211 -15.70 -20.89 -40.86
CA ALA C 211 -15.05 -20.10 -39.79
C ALA C 211 -13.61 -19.76 -40.22
N GLN C 212 -13.16 -18.54 -39.92
CA GLN C 212 -11.81 -18.04 -40.29
C GLN C 212 -10.78 -18.52 -39.26
N ASP C 213 -9.59 -18.88 -39.74
CA ASP C 213 -8.43 -19.32 -38.90
C ASP C 213 -7.95 -18.14 -38.06
N ASP C 214 -8.00 -18.28 -36.72
CA ASP C 214 -7.53 -17.25 -35.76
C ASP C 214 -6.20 -17.69 -35.11
N GLN C 215 -5.62 -18.79 -35.59
CA GLN C 215 -4.23 -19.24 -35.30
C GLN C 215 -4.10 -19.77 -33.86
N GLY C 216 -5.21 -19.95 -33.14
CA GLY C 216 -5.22 -20.33 -31.72
C GLY C 216 -6.37 -21.23 -31.35
N VAL C 217 -7.61 -20.75 -31.56
CA VAL C 217 -8.87 -21.44 -31.16
C VAL C 217 -9.48 -22.15 -32.37
N ILE C 218 -9.43 -21.54 -33.56
CA ILE C 218 -10.03 -22.05 -34.82
C ILE C 218 -8.93 -22.17 -35.88
N PHE C 219 -8.73 -23.38 -36.42
CA PHE C 219 -7.75 -23.71 -37.49
C PHE C 219 -8.51 -24.19 -38.72
N SER C 220 -8.42 -23.44 -39.83
CA SER C 220 -9.25 -23.59 -41.05
C SER C 220 -8.47 -24.27 -42.17
N GLY C 221 -9.13 -25.19 -42.87
CA GLY C 221 -8.70 -25.72 -44.18
C GLY C 221 -9.65 -25.27 -45.27
N ASP C 222 -9.75 -26.02 -46.38
CA ASP C 222 -10.64 -25.73 -47.52
C ASP C 222 -12.00 -26.43 -47.29
N GLY C 223 -13.01 -25.68 -46.88
CA GLY C 223 -14.40 -26.16 -46.68
C GLY C 223 -14.59 -26.83 -45.33
N PHE C 224 -13.66 -26.62 -44.39
CA PHE C 224 -13.70 -27.19 -43.02
C PHE C 224 -12.83 -26.35 -42.07
N HIS C 225 -13.00 -26.56 -40.77
CA HIS C 225 -12.15 -25.97 -39.69
C HIS C 225 -12.23 -26.85 -38.43
N TRP C 226 -11.31 -26.60 -37.48
CA TRP C 226 -11.23 -27.29 -36.17
C TRP C 226 -11.25 -26.24 -35.04
N ARG C 227 -12.26 -26.32 -34.17
CA ARG C 227 -12.45 -25.37 -33.03
C ARG C 227 -11.94 -26.03 -31.74
N ARG C 228 -11.09 -25.34 -30.99
CA ARG C 228 -10.50 -25.79 -29.70
C ARG C 228 -11.59 -25.81 -28.63
N VAL C 229 -11.66 -26.89 -27.84
CA VAL C 229 -12.53 -27.00 -26.64
C VAL C 229 -11.82 -26.27 -25.49
N VAL C 230 -12.41 -25.19 -24.99
CA VAL C 230 -11.83 -24.31 -23.93
C VAL C 230 -12.78 -24.29 -22.73
N ASP C 231 -12.42 -25.01 -21.67
CA ASP C 231 -13.19 -25.10 -20.39
C ASP C 231 -13.21 -23.72 -19.73
N ASP C 232 -12.07 -23.03 -19.73
CA ASP C 232 -11.89 -21.68 -19.12
C ASP C 232 -10.98 -20.86 -20.06
N TYR C 233 -11.51 -19.76 -20.61
CA TYR C 233 -10.85 -18.89 -21.61
C TYR C 233 -9.63 -18.18 -21.01
N ASN C 234 -9.56 -18.09 -19.68
CA ASN C 234 -8.49 -17.37 -18.94
C ASN C 234 -7.30 -18.30 -18.66
N ARG C 235 -7.32 -19.53 -19.20
CA ARG C 235 -6.21 -20.51 -19.09
C ARG C 235 -5.56 -20.70 -20.47
N LEU C 236 -6.01 -19.95 -21.49
CA LEU C 236 -5.34 -19.86 -22.82
C LEU C 236 -4.02 -19.09 -22.64
N SER C 237 -2.97 -19.52 -23.36
CA SER C 237 -1.64 -18.85 -23.39
C SER C 237 -1.19 -18.71 -24.86
N LEU C 238 -0.03 -18.10 -25.08
CA LEU C 238 0.57 -17.90 -26.42
C LEU C 238 1.03 -19.25 -27.00
N PHE C 239 1.24 -20.26 -26.15
CA PHE C 239 1.50 -21.67 -26.57
C PHE C 239 0.36 -22.11 -27.50
N ASP C 240 -0.88 -21.85 -27.10
CA ASP C 240 -2.12 -22.22 -27.84
C ASP C 240 -2.20 -21.47 -29.16
N PHE C 241 -1.53 -20.33 -29.28
CA PHE C 241 -1.46 -19.47 -30.50
C PHE C 241 -0.10 -19.66 -31.21
N GLY C 242 0.68 -20.67 -30.80
CA GLY C 242 1.85 -21.18 -31.55
C GLY C 242 3.15 -20.48 -31.18
N ALA C 243 3.29 -20.02 -29.93
CA ALA C 243 4.54 -19.46 -29.39
C ALA C 243 5.43 -20.60 -28.90
N ILE C 244 6.75 -20.40 -28.96
CA ILE C 244 7.78 -21.38 -28.50
C ILE C 244 8.65 -20.69 -27.44
N ALA C 245 8.69 -21.26 -26.23
CA ALA C 245 9.47 -20.74 -25.07
C ALA C 245 10.93 -21.20 -25.19
N ASP C 246 11.60 -20.82 -26.29
CA ASP C 246 13.01 -21.20 -26.60
C ASP C 246 13.89 -19.94 -26.65
N GLY C 247 13.30 -18.75 -26.58
CA GLY C 247 14.01 -17.46 -26.54
C GLY C 247 14.76 -17.17 -27.83
N LYS C 248 14.27 -17.67 -28.98
CA LYS C 248 14.87 -17.43 -30.31
C LYS C 248 13.79 -17.31 -31.38
N THR C 249 12.87 -18.28 -31.48
CA THR C 249 11.75 -18.29 -32.45
C THR C 249 10.80 -17.12 -32.17
N ASP C 250 10.53 -16.30 -33.19
CA ASP C 250 9.66 -15.09 -33.08
C ASP C 250 8.25 -15.51 -32.68
N SER C 251 7.79 -15.05 -31.51
CA SER C 251 6.44 -15.30 -30.95
C SER C 251 5.53 -14.09 -31.22
N ALA C 252 5.98 -13.14 -32.05
CA ALA C 252 5.22 -11.93 -32.44
C ALA C 252 3.96 -12.31 -33.22
N PRO C 253 4.01 -13.29 -34.15
CA PRO C 253 2.80 -13.74 -34.85
C PRO C 253 1.72 -14.26 -33.88
N ALA C 254 2.15 -14.99 -32.84
CA ALA C 254 1.27 -15.59 -31.81
C ALA C 254 0.63 -14.49 -30.95
N ILE C 255 1.41 -13.49 -30.55
CA ILE C 255 0.95 -12.32 -29.73
C ILE C 255 -0.11 -11.56 -30.53
N LYS C 256 0.19 -11.20 -31.78
CA LYS C 256 -0.73 -10.50 -32.71
C LYS C 256 -2.02 -11.32 -32.87
N ALA C 257 -1.90 -12.64 -33.03
CA ALA C 257 -3.01 -13.59 -33.22
C ALA C 257 -3.89 -13.63 -31.96
N MET C 258 -3.28 -13.69 -30.78
CA MET C 258 -4.00 -13.80 -29.48
C MET C 258 -4.69 -12.47 -29.16
N TYR C 259 -4.07 -11.34 -29.52
CA TYR C 259 -4.66 -9.98 -29.38
C TYR C 259 -5.92 -9.88 -30.24
N GLN C 260 -5.77 -10.15 -31.55
CA GLN C 260 -6.88 -10.08 -32.53
CA GLN C 260 -6.87 -10.09 -32.55
C GLN C 260 -8.05 -10.93 -32.03
N TRP C 261 -7.77 -12.16 -31.57
CA TRP C 261 -8.77 -13.10 -31.01
C TRP C 261 -9.53 -12.43 -29.86
N SER C 262 -8.79 -11.98 -28.83
CA SER C 262 -9.32 -11.40 -27.57
C SER C 262 -10.19 -10.15 -27.87
N GLN C 263 -9.79 -9.36 -28.87
CA GLN C 263 -10.54 -8.15 -29.33
C GLN C 263 -11.87 -8.58 -29.96
N GLN C 264 -11.81 -9.49 -30.94
CA GLN C 264 -12.97 -9.96 -31.73
C GLN C 264 -13.96 -10.72 -30.83
N SER C 265 -13.45 -11.62 -29.98
CA SER C 265 -14.26 -12.47 -29.06
C SER C 265 -14.60 -11.71 -27.76
N ASP C 266 -14.05 -10.51 -27.58
CA ASP C 266 -14.25 -9.64 -26.39
C ASP C 266 -13.96 -10.46 -25.12
N GLN C 267 -12.78 -11.08 -25.05
CA GLN C 267 -12.28 -11.81 -23.85
C GLN C 267 -11.22 -10.94 -23.18
N PRO C 268 -11.33 -10.67 -21.86
CA PRO C 268 -10.51 -9.65 -21.21
C PRO C 268 -9.04 -10.04 -20.96
N ILE C 269 -8.71 -11.34 -21.02
CA ILE C 269 -7.32 -11.84 -20.74
C ILE C 269 -6.35 -11.25 -21.76
N CYS C 270 -6.83 -10.94 -22.96
CA CYS C 270 -6.08 -10.21 -24.02
C CYS C 270 -4.87 -11.07 -24.45
N VAL C 271 -3.67 -10.76 -23.96
CA VAL C 271 -2.42 -11.51 -24.30
C VAL C 271 -1.79 -12.02 -23.00
N GLN C 272 -1.55 -13.34 -22.91
CA GLN C 272 -1.07 -14.05 -21.70
C GLN C 272 0.11 -14.96 -22.08
N PHE C 273 1.32 -14.62 -21.62
CA PHE C 273 2.55 -15.43 -21.80
C PHE C 273 2.54 -16.59 -20.79
N PRO C 274 2.99 -17.79 -21.20
CA PRO C 274 3.37 -18.83 -20.24
C PRO C 274 4.76 -18.53 -19.68
N ALA C 275 5.24 -19.33 -18.71
CA ALA C 275 6.58 -19.20 -18.11
C ALA C 275 7.65 -19.55 -19.15
N GLY C 276 8.76 -18.81 -19.15
CA GLY C 276 9.91 -19.04 -20.06
C GLY C 276 10.35 -17.76 -20.77
N THR C 277 11.35 -17.88 -21.65
CA THR C 277 11.93 -16.76 -22.45
C THR C 277 11.33 -16.80 -23.86
N PHE C 278 10.93 -15.64 -24.39
CA PHE C 278 10.25 -15.48 -25.70
C PHE C 278 10.90 -14.35 -26.50
N PHE C 279 11.42 -14.67 -27.69
CA PHE C 279 11.90 -13.68 -28.70
C PHE C 279 10.66 -13.05 -29.35
N VAL C 280 10.57 -11.72 -29.29
CA VAL C 280 9.41 -10.92 -29.82
C VAL C 280 9.96 -9.78 -30.67
N THR C 281 9.70 -9.81 -31.98
CA THR C 281 9.88 -8.66 -32.91
C THR C 281 8.75 -7.65 -32.62
N GLY C 282 9.03 -6.36 -32.83
CA GLY C 282 8.07 -5.26 -32.56
C GLY C 282 6.67 -5.61 -33.04
N CYS C 283 5.69 -5.58 -32.13
CA CYS C 283 4.24 -5.75 -32.40
C CYS C 283 3.57 -4.38 -32.45
N ASP C 284 3.25 -3.89 -33.65
CA ASP C 284 2.54 -2.60 -33.88
C ASP C 284 1.05 -2.90 -34.05
N PHE C 285 0.24 -2.61 -33.02
CA PHE C 285 -1.20 -2.93 -32.95
C PHE C 285 -2.00 -1.77 -33.57
N GLY C 286 -1.65 -1.41 -34.81
CA GLY C 286 -2.22 -0.28 -35.56
C GLY C 286 -2.16 1.01 -34.78
N GLU C 287 -2.95 2.00 -35.18
CA GLU C 287 -3.09 3.32 -34.51
C GLU C 287 -4.54 3.53 -34.03
N GLU C 288 -5.49 2.74 -34.54
CA GLU C 288 -6.94 2.86 -34.18
C GLU C 288 -7.11 2.60 -32.69
N GLN C 289 -7.88 3.46 -32.02
CA GLN C 289 -8.08 3.48 -30.53
C GLN C 289 -8.92 2.28 -30.11
N ARG C 290 -8.37 1.43 -29.23
CA ARG C 290 -9.07 0.27 -28.62
C ARG C 290 -9.49 0.65 -27.20
N ARG C 291 -10.28 -0.19 -26.55
CA ARG C 291 -10.73 0.03 -25.15
C ARG C 291 -9.67 -0.50 -24.18
N PHE C 292 -9.24 -1.76 -24.36
CA PHE C 292 -8.30 -2.47 -23.47
C PHE C 292 -7.05 -2.93 -24.23
N PHE C 293 -5.92 -2.95 -23.54
CA PHE C 293 -4.72 -3.76 -23.87
C PHE C 293 -4.12 -4.33 -22.58
N ARG C 294 -4.33 -5.62 -22.33
CA ARG C 294 -3.73 -6.36 -21.19
C ARG C 294 -2.62 -7.27 -21.74
N ILE C 295 -1.42 -7.18 -21.16
CA ILE C 295 -0.28 -8.11 -21.42
C ILE C 295 0.22 -8.60 -20.05
N SER C 296 0.38 -9.91 -19.88
CA SER C 296 0.74 -10.54 -18.59
C SER C 296 1.67 -11.74 -18.81
N GLY C 297 2.70 -11.87 -17.97
CA GLY C 297 3.55 -13.06 -17.87
C GLY C 297 2.94 -14.10 -16.95
N ALA C 298 3.64 -15.21 -16.73
CA ALA C 298 3.19 -16.35 -15.89
C ALA C 298 2.63 -15.83 -14.57
N MET C 299 1.33 -16.05 -14.34
CA MET C 299 0.58 -15.59 -13.13
C MET C 299 0.93 -16.50 -11.94
N VAL C 300 2.10 -16.30 -11.34
CA VAL C 300 2.57 -16.98 -10.09
C VAL C 300 3.12 -15.90 -9.15
N ASN C 301 2.65 -15.86 -7.90
CA ASN C 301 3.00 -14.81 -6.90
C ASN C 301 4.51 -14.87 -6.63
N PHE C 302 5.26 -13.94 -7.24
CA PHE C 302 6.72 -13.76 -7.02
C PHE C 302 6.98 -12.34 -6.49
N GLY C 303 6.90 -11.34 -7.36
CA GLY C 303 7.15 -9.93 -7.01
C GLY C 303 8.60 -9.54 -7.28
N TYR C 304 9.53 -10.49 -7.18
CA TYR C 304 10.98 -10.29 -7.45
C TYR C 304 11.27 -10.61 -8.91
N PHE C 305 11.29 -11.89 -9.29
CA PHE C 305 11.64 -12.37 -10.64
C PHE C 305 10.43 -13.04 -11.27
N PRO C 306 9.71 -12.34 -12.19
CA PRO C 306 8.70 -12.97 -13.03
C PRO C 306 9.23 -14.22 -13.75
N ALA C 307 8.36 -15.21 -13.96
CA ALA C 307 8.70 -16.49 -14.62
C ALA C 307 8.66 -16.35 -16.15
N THR C 308 8.46 -15.14 -16.67
CA THR C 308 8.45 -14.82 -18.12
C THR C 308 9.46 -13.70 -18.42
N THR C 309 10.40 -13.96 -19.33
CA THR C 309 11.36 -12.97 -19.90
C THR C 309 11.01 -12.73 -21.37
N ILE C 310 11.09 -11.47 -21.83
CA ILE C 310 11.01 -11.08 -23.26
C ILE C 310 12.40 -10.63 -23.72
N VAL C 311 12.84 -11.13 -24.88
CA VAL C 311 14.03 -10.64 -25.63
C VAL C 311 13.55 -10.22 -27.03
N SER C 312 14.36 -9.43 -27.74
CA SER C 312 14.00 -8.84 -29.06
C SER C 312 15.29 -8.48 -29.82
N ASP C 313 15.15 -7.95 -31.04
CA ASP C 313 16.27 -7.66 -31.97
C ASP C 313 16.67 -6.18 -31.87
N GLY C 314 15.91 -5.37 -31.14
CA GLY C 314 16.23 -3.96 -30.86
C GLY C 314 15.97 -3.05 -32.05
N GLN C 315 15.09 -3.45 -32.97
CA GLN C 315 14.89 -2.79 -34.29
C GLN C 315 13.69 -1.85 -34.23
N SER C 316 12.59 -2.28 -33.62
CA SER C 316 11.39 -1.44 -33.37
C SER C 316 11.71 -0.44 -32.26
N PRO C 317 11.07 0.75 -32.22
CA PRO C 317 11.25 1.69 -31.12
C PRO C 317 10.70 1.14 -29.79
N PHE C 318 9.62 0.35 -29.87
CA PHE C 318 9.01 -0.38 -28.73
C PHE C 318 8.62 -1.80 -29.17
N VAL C 319 8.69 -2.76 -28.24
CA VAL C 319 8.25 -4.16 -28.46
C VAL C 319 6.74 -4.18 -28.68
N PHE C 320 6.00 -3.32 -27.96
CA PHE C 320 4.52 -3.20 -28.03
C PHE C 320 4.12 -1.74 -28.29
N GLU C 321 3.67 -1.44 -29.51
CA GLU C 321 3.04 -0.15 -29.90
C GLU C 321 1.52 -0.30 -29.77
N VAL C 322 0.93 0.26 -28.71
CA VAL C 322 -0.51 0.08 -28.37
C VAL C 322 -1.22 1.44 -28.44
N SER C 323 -2.56 1.40 -28.55
CA SER C 323 -3.46 2.57 -28.49
C SER C 323 -4.76 2.15 -27.79
N ALA C 324 -4.80 2.25 -26.47
CA ALA C 324 -5.93 1.82 -25.61
C ALA C 324 -6.14 2.81 -24.46
N ARG C 325 -7.38 2.93 -23.99
CA ARG C 325 -7.77 3.81 -22.84
C ARG C 325 -7.26 3.18 -21.53
N TRP C 326 -7.41 1.86 -21.39
CA TRP C 326 -7.00 1.07 -20.21
C TRP C 326 -5.89 0.09 -20.62
N VAL C 327 -4.72 0.17 -19.96
CA VAL C 327 -3.53 -0.70 -20.25
C VAL C 327 -3.09 -1.38 -18.95
N GLU C 328 -2.77 -2.68 -19.03
CA GLU C 328 -2.22 -3.50 -17.92
C GLU C 328 -1.00 -4.27 -18.43
N ILE C 329 0.18 -4.02 -17.84
CA ILE C 329 1.39 -4.88 -17.97
C ILE C 329 1.70 -5.44 -16.57
N SER C 330 2.04 -6.72 -16.47
CA SER C 330 2.43 -7.36 -15.19
C SER C 330 3.25 -8.64 -15.43
N ASN C 331 4.11 -8.97 -14.47
CA ASN C 331 4.86 -10.25 -14.37
C ASN C 331 5.70 -10.45 -15.63
N LEU C 332 6.48 -9.45 -16.04
CA LEU C 332 7.39 -9.54 -17.22
C LEU C 332 8.78 -9.03 -16.85
N ILE C 333 9.81 -9.73 -17.32
CA ILE C 333 11.21 -9.21 -17.44
C ILE C 333 11.43 -8.90 -18.93
N PHE C 334 11.82 -7.67 -19.26
CA PHE C 334 12.28 -7.27 -20.62
C PHE C 334 13.79 -7.03 -20.57
N ASN C 335 14.55 -7.85 -21.28
CA ASN C 335 16.02 -7.73 -21.45
C ASN C 335 16.31 -7.14 -22.83
N GLY C 336 16.64 -5.85 -22.89
CA GLY C 336 16.82 -5.08 -24.14
C GLY C 336 18.12 -5.39 -24.87
N ASN C 337 19.12 -5.91 -24.15
CA ASN C 337 20.42 -6.37 -24.70
C ASN C 337 21.19 -5.20 -25.33
N THR C 338 21.19 -4.02 -24.71
CA THR C 338 21.98 -2.83 -25.15
C THR C 338 23.42 -2.95 -24.69
N ASP C 339 23.67 -3.67 -23.60
CA ASP C 339 25.03 -3.89 -23.01
C ASP C 339 25.92 -4.58 -24.05
N THR C 340 25.35 -5.43 -24.90
CA THR C 340 26.06 -6.21 -25.95
C THR C 340 25.72 -5.70 -27.35
N LYS C 341 24.44 -5.36 -27.60
CA LYS C 341 23.92 -4.92 -28.93
C LYS C 341 23.19 -3.59 -28.75
N PRO C 342 23.92 -2.46 -28.57
CA PRO C 342 23.28 -1.15 -28.32
C PRO C 342 22.13 -0.85 -29.29
N ASN C 343 21.04 -0.28 -28.77
CA ASN C 343 19.76 -0.10 -29.48
C ASN C 343 18.89 0.93 -28.72
N ARG C 344 17.68 1.19 -29.22
CA ARG C 344 16.73 2.19 -28.66
C ARG C 344 15.33 1.57 -28.53
N GLN C 345 15.25 0.26 -28.25
CA GLN C 345 13.97 -0.49 -28.16
C GLN C 345 13.45 -0.43 -26.71
N GLY C 346 12.24 0.10 -26.53
CA GLY C 346 11.50 0.09 -25.25
C GLY C 346 10.64 -1.16 -25.14
N LEU C 347 9.83 -1.28 -24.08
CA LEU C 347 8.89 -2.40 -23.89
C LEU C 347 7.52 -2.04 -24.48
N LEU C 348 6.85 -1.02 -23.93
CA LEU C 348 5.50 -0.59 -24.37
C LEU C 348 5.41 0.93 -24.46
N ARG C 349 4.84 1.43 -25.56
CA ARG C 349 4.34 2.82 -25.70
C ARG C 349 2.83 2.78 -25.95
N ASN C 350 2.08 3.60 -25.20
CA ASN C 350 0.62 3.83 -25.40
C ASN C 350 0.44 5.27 -25.87
N THR C 351 -0.11 5.46 -27.08
CA THR C 351 -0.29 6.78 -27.73
C THR C 351 -1.77 7.09 -27.95
N CYS C 352 -2.68 6.36 -27.27
CA CYS C 352 -4.14 6.63 -27.29
C CYS C 352 -4.41 8.01 -26.68
N PRO C 353 -4.96 8.97 -27.45
CA PRO C 353 -5.18 10.33 -26.96
C PRO C 353 -6.53 10.54 -26.27
N GLY C 354 -6.62 11.57 -25.43
CA GLY C 354 -7.85 11.98 -24.73
C GLY C 354 -8.09 11.19 -23.45
N GLY C 355 -7.02 10.78 -22.77
CA GLY C 355 -7.07 10.06 -21.48
C GLY C 355 -6.52 8.65 -21.60
N GLN C 356 -5.63 8.27 -20.69
CA GLN C 356 -5.06 6.89 -20.56
C GLN C 356 -5.10 6.44 -19.10
N PHE C 357 -5.31 5.13 -18.89
CA PHE C 357 -5.19 4.44 -17.59
C PHE C 357 -4.10 3.37 -17.72
N PHE C 358 -3.15 3.34 -16.78
CA PHE C 358 -2.03 2.37 -16.76
C PHE C 358 -1.97 1.63 -15.41
N ARG C 359 -1.62 0.34 -15.47
CA ARG C 359 -1.39 -0.55 -14.30
C ARG C 359 -0.15 -1.41 -14.57
N GLY C 360 0.95 -1.13 -13.86
CA GLY C 360 2.21 -1.91 -13.90
C GLY C 360 2.45 -2.60 -12.56
N ALA C 361 2.81 -3.89 -12.59
CA ALA C 361 3.05 -4.70 -11.37
C ALA C 361 4.05 -5.83 -11.67
N CYS C 362 5.12 -5.92 -10.87
CA CYS C 362 6.16 -6.98 -10.97
C CYS C 362 6.83 -6.90 -12.35
N LEU C 363 7.55 -5.82 -12.61
CA LEU C 363 8.24 -5.55 -13.91
C LEU C 363 9.74 -5.39 -13.66
N ARG C 364 10.58 -6.05 -14.46
CA ARG C 364 12.06 -5.88 -14.46
C ARG C 364 12.49 -5.36 -15.83
N PHE C 365 13.27 -4.27 -15.85
CA PHE C 365 13.90 -3.70 -17.07
C PHE C 365 15.42 -3.85 -16.95
N ASN C 366 15.99 -4.81 -17.71
CA ASN C 366 17.45 -5.08 -17.78
C ASN C 366 17.97 -4.67 -19.15
N ASN C 367 18.94 -3.76 -19.21
CA ASN C 367 19.70 -3.42 -20.44
C ASN C 367 18.75 -2.88 -21.52
N VAL C 368 17.80 -2.03 -21.13
CA VAL C 368 16.85 -1.36 -22.06
C VAL C 368 17.49 -0.06 -22.54
N GLY C 369 17.64 0.11 -23.86
CA GLY C 369 18.28 1.28 -24.49
C GLY C 369 17.27 2.36 -24.85
N GLY C 370 16.05 1.95 -25.19
CA GLY C 370 14.92 2.87 -25.44
C GLY C 370 14.22 3.27 -24.15
N THR C 371 13.12 3.99 -24.29
CA THR C 371 12.17 4.33 -23.18
C THR C 371 11.39 3.05 -22.83
N ALA C 372 11.56 2.54 -21.61
CA ALA C 372 10.93 1.28 -21.14
C ALA C 372 9.41 1.40 -21.22
N LEU C 373 8.84 2.47 -20.66
CA LEU C 373 7.38 2.76 -20.68
C LEU C 373 7.16 4.21 -21.11
N SER C 374 6.37 4.42 -22.17
CA SER C 374 5.95 5.74 -22.71
C SER C 374 4.42 5.85 -22.63
N LEU C 375 3.91 6.80 -21.84
CA LEU C 375 2.45 7.04 -21.63
C LEU C 375 2.11 8.46 -22.08
N LEU C 376 0.84 8.70 -22.44
CA LEU C 376 0.33 9.98 -23.00
C LEU C 376 -1.02 10.32 -22.39
N ASP C 377 -1.21 11.57 -21.96
CA ASP C 377 -2.48 12.10 -21.39
C ASP C 377 -2.98 11.15 -20.30
N THR C 378 -2.14 10.86 -19.31
CA THR C 378 -2.41 9.90 -18.21
C THR C 378 -3.46 10.50 -17.26
N LEU C 379 -4.56 9.77 -17.03
CA LEU C 379 -5.61 10.11 -16.04
C LEU C 379 -5.33 9.40 -14.71
N ASP C 380 -4.66 8.24 -14.77
CA ASP C 380 -4.35 7.38 -13.59
C ASP C 380 -3.28 6.35 -14.01
N CYS C 381 -2.13 6.36 -13.33
CA CYS C 381 -1.00 5.44 -13.57
C CYS C 381 -0.48 4.89 -12.24
N LYS C 382 -0.61 3.58 -12.02
CA LYS C 382 -0.07 2.85 -10.84
C LYS C 382 0.99 1.86 -11.33
N ILE C 383 2.24 2.04 -10.92
CA ILE C 383 3.39 1.13 -11.23
C ILE C 383 4.03 0.72 -9.90
N ASP C 384 3.71 -0.50 -9.44
CA ASP C 384 4.18 -1.07 -8.15
C ASP C 384 5.12 -2.25 -8.44
N GLN C 385 6.14 -2.46 -7.60
CA GLN C 385 7.11 -3.58 -7.70
C GLN C 385 7.74 -3.60 -9.09
N TRP C 386 8.51 -2.57 -9.45
CA TRP C 386 9.23 -2.49 -10.75
C TRP C 386 10.71 -2.19 -10.50
N TYR C 387 11.59 -2.85 -11.26
CA TYR C 387 13.06 -2.82 -11.11
C TYR C 387 13.71 -2.52 -12.45
N ALA C 388 14.73 -1.66 -12.46
CA ALA C 388 15.51 -1.25 -13.65
C ALA C 388 17.00 -1.37 -13.34
N SER C 389 17.74 -2.13 -14.15
CA SER C 389 19.21 -2.33 -14.01
C SER C 389 19.89 -2.15 -15.37
N ALA C 390 20.90 -1.27 -15.44
CA ALA C 390 21.79 -1.05 -16.60
C ALA C 390 20.99 -0.57 -17.82
N CYS C 391 19.94 0.23 -17.61
CA CYS C 391 19.09 0.83 -18.67
C CYS C 391 19.68 2.19 -19.08
N THR C 392 20.01 2.35 -20.37
CA THR C 392 20.69 3.56 -20.92
C THR C 392 19.66 4.58 -21.43
N GLY C 393 18.40 4.16 -21.60
CA GLY C 393 17.29 5.05 -22.00
C GLY C 393 16.44 5.45 -20.80
N ASP C 394 15.42 6.29 -21.03
CA ASP C 394 14.39 6.66 -20.02
C ASP C 394 13.67 5.38 -19.58
N VAL C 395 13.22 5.32 -18.33
CA VAL C 395 12.53 4.13 -17.75
C VAL C 395 11.02 4.42 -17.69
N ILE C 396 10.58 5.28 -16.76
CA ILE C 396 9.15 5.69 -16.63
C ILE C 396 8.98 7.07 -17.27
N GLN C 397 8.38 7.11 -18.47
CA GLN C 397 8.16 8.35 -19.26
C GLN C 397 6.65 8.57 -19.46
N ALA C 398 6.18 9.79 -19.18
CA ALA C 398 4.76 10.20 -19.35
C ALA C 398 4.70 11.63 -19.89
N GLY C 399 4.03 11.82 -21.03
CA GLY C 399 3.88 13.11 -21.71
C GLY C 399 2.41 13.48 -21.91
N TRP C 400 2.14 14.53 -22.69
CA TRP C 400 0.77 15.07 -22.95
C TRP C 400 0.64 15.50 -24.41
N SER C 401 -0.60 15.56 -24.92
CA SER C 401 -0.96 15.84 -26.34
C SER C 401 -1.06 17.36 -26.57
N GLY C 402 -1.77 18.05 -25.68
CA GLY C 402 -2.05 19.51 -25.78
C GLY C 402 -0.79 20.31 -26.05
N GLN C 403 -0.67 20.83 -27.27
CA GLN C 403 0.50 21.61 -27.75
C GLN C 403 0.51 22.98 -27.05
N LYS C 404 -0.65 23.41 -26.56
CA LYS C 404 -0.81 24.61 -25.70
C LYS C 404 -1.52 24.20 -24.41
N LYS C 405 -1.43 25.07 -23.39
CA LYS C 405 -2.05 24.82 -22.06
C LYS C 405 -3.57 25.00 -22.14
N GLY C 406 -4.29 24.37 -21.22
CA GLY C 406 -5.75 24.51 -21.06
C GLY C 406 -6.41 23.18 -20.77
N ASN C 407 -6.13 22.16 -21.60
CA ASN C 407 -6.92 20.91 -21.65
C ASN C 407 -6.01 19.70 -21.35
N TRP C 408 -5.22 19.25 -22.33
CA TRP C 408 -4.35 18.04 -22.22
C TRP C 408 -2.88 18.48 -22.15
N ASP C 409 -2.51 19.16 -21.06
CA ASP C 409 -1.19 19.84 -20.90
C ASP C 409 -0.45 19.28 -19.67
N HIS C 410 -0.85 18.10 -19.15
CA HIS C 410 -0.26 17.50 -17.93
C HIS C 410 -0.69 16.03 -17.75
N SER C 411 -0.07 15.35 -16.79
CA SER C 411 -0.41 13.99 -16.31
C SER C 411 -1.07 14.08 -14.92
N THR C 412 -1.91 13.11 -14.58
CA THR C 412 -2.71 13.07 -13.32
C THR C 412 -2.63 11.69 -12.68
N ALA C 413 -2.48 11.65 -11.35
CA ALA C 413 -2.60 10.45 -10.49
C ALA C 413 -1.54 9.40 -10.87
N ILE C 414 -0.27 9.81 -10.92
CA ILE C 414 0.90 8.88 -11.06
C ILE C 414 1.28 8.38 -9.66
N GLU C 415 1.17 7.08 -9.42
CA GLU C 415 1.57 6.44 -8.14
C GLU C 415 2.67 5.39 -8.41
N LEU C 416 3.91 5.73 -8.06
CA LEU C 416 5.08 4.81 -8.14
C LEU C 416 5.39 4.32 -6.72
N SER C 417 5.49 3.00 -6.53
CA SER C 417 5.72 2.36 -5.20
C SER C 417 6.61 1.13 -5.33
N ASN C 418 7.44 0.89 -4.31
CA ASN C 418 8.21 -0.37 -4.15
C ASN C 418 9.01 -0.64 -5.43
N PHE C 419 9.91 0.26 -5.78
CA PHE C 419 10.75 0.16 -7.00
C PHE C 419 12.23 0.34 -6.66
N ASN C 420 13.09 -0.08 -7.58
CA ASN C 420 14.58 0.02 -7.47
C ASN C 420 15.18 0.18 -8.86
N ALA C 421 15.65 1.39 -9.18
CA ALA C 421 16.45 1.70 -10.39
C ALA C 421 17.93 1.72 -10.00
N GLN C 422 18.76 0.96 -10.72
CA GLN C 422 20.18 0.67 -10.37
C GLN C 422 21.03 0.75 -11.64
N HIS C 423 22.11 1.55 -11.62
CA HIS C 423 23.16 1.59 -12.68
C HIS C 423 22.56 2.02 -14.02
N CYS C 424 21.62 2.98 -14.01
CA CYS C 424 20.95 3.53 -15.22
C CYS C 424 21.66 4.82 -15.66
N LYS C 425 22.34 4.77 -16.81
CA LYS C 425 23.27 5.82 -17.30
C LYS C 425 22.84 6.31 -18.68
N GLY C 426 22.65 7.62 -18.84
CA GLY C 426 22.30 8.28 -20.11
C GLY C 426 20.90 8.86 -20.09
N GLY C 427 19.91 8.03 -19.74
CA GLY C 427 18.48 8.40 -19.74
C GLY C 427 18.00 8.82 -18.35
N LYS C 428 16.78 9.33 -18.28
CA LYS C 428 16.07 9.74 -17.03
C LYS C 428 15.26 8.55 -16.50
N VAL C 429 15.52 8.13 -15.26
CA VAL C 429 14.78 7.02 -14.59
C VAL C 429 13.31 7.42 -14.50
N LEU C 430 13.02 8.67 -14.13
CA LEU C 430 11.65 9.25 -14.07
C LEU C 430 11.58 10.46 -14.99
N ASN C 431 11.00 10.30 -16.19
CA ASN C 431 10.68 11.40 -17.12
C ASN C 431 9.20 11.75 -16.95
N LEU C 432 8.87 12.50 -15.89
CA LEU C 432 7.48 12.73 -15.41
C LEU C 432 7.27 14.20 -15.07
N PRO C 433 7.44 15.14 -16.03
CA PRO C 433 7.09 16.54 -15.81
C PRO C 433 5.57 16.73 -15.74
N ARG C 434 5.12 17.75 -14.99
CA ARG C 434 3.70 18.16 -14.84
C ARG C 434 2.84 16.95 -14.45
N CYS C 435 3.18 16.28 -13.35
CA CYS C 435 2.38 15.17 -12.75
C CYS C 435 1.67 15.69 -11.50
N SER C 436 0.35 15.92 -11.60
CA SER C 436 -0.52 16.44 -10.52
C SER C 436 -1.11 15.27 -9.72
N GLN C 437 -1.48 15.51 -8.46
CA GLN C 437 -2.10 14.52 -7.54
C GLN C 437 -1.34 13.20 -7.61
N SER C 438 0.00 13.25 -7.58
CA SER C 438 0.90 12.08 -7.77
C SER C 438 1.57 11.70 -6.44
N LEU C 439 2.10 10.47 -6.36
CA LEU C 439 2.67 9.87 -5.13
C LEU C 439 3.89 8.99 -5.48
N ILE C 440 4.93 9.06 -4.64
CA ILE C 440 6.07 8.09 -4.59
C ILE C 440 6.11 7.49 -3.19
N HIS C 441 6.18 6.15 -3.08
CA HIS C 441 6.19 5.39 -1.80
C HIS C 441 7.26 4.29 -1.85
N ASN C 442 8.31 4.43 -1.04
CA ASN C 442 9.35 3.38 -0.84
C ASN C 442 10.03 3.10 -2.19
N GLY C 443 10.83 4.05 -2.67
CA GLY C 443 11.58 3.96 -3.94
C GLY C 443 13.07 4.14 -3.72
N TRP C 444 13.90 3.42 -4.47
CA TRP C 444 15.39 3.46 -4.41
C TRP C 444 15.96 3.68 -5.80
N ILE C 445 16.68 4.80 -6.00
CA ILE C 445 17.49 5.06 -7.23
C ILE C 445 18.96 5.16 -6.81
N GLU C 446 19.78 4.21 -7.25
CA GLU C 446 21.20 4.06 -6.85
C GLU C 446 22.09 3.97 -8.09
N HIS C 447 23.23 4.68 -8.09
CA HIS C 447 24.27 4.62 -9.15
C HIS C 447 23.67 4.97 -10.51
N CYS C 448 22.74 5.93 -10.54
CA CYS C 448 22.05 6.41 -11.78
C CYS C 448 22.51 7.83 -12.10
N ASP C 449 22.85 8.09 -13.37
CA ASP C 449 23.26 9.43 -13.87
C ASP C 449 22.15 10.44 -13.60
N ASN C 450 20.91 10.13 -14.02
CA ASN C 450 19.75 11.05 -13.99
C ASN C 450 18.57 10.36 -13.32
N PRO C 451 18.37 10.55 -11.99
CA PRO C 451 17.11 10.17 -11.33
C PRO C 451 15.88 10.65 -12.11
N GLY C 452 15.99 11.81 -12.76
CA GLY C 452 15.07 12.25 -13.83
C GLY C 452 14.44 13.59 -13.54
N ASP C 453 13.22 13.80 -14.06
CA ASP C 453 12.49 15.09 -14.10
C ASP C 453 11.09 14.89 -13.51
N ILE C 454 10.80 15.57 -12.40
CA ILE C 454 9.43 15.66 -11.80
C ILE C 454 9.08 17.14 -11.61
N SER C 455 9.59 18.01 -12.48
CA SER C 455 9.40 19.48 -12.45
C SER C 455 7.92 19.81 -12.73
N ASN C 456 7.43 20.92 -12.15
CA ASN C 456 6.05 21.45 -12.33
C ASN C 456 5.03 20.40 -11.89
N GLY C 457 5.38 19.57 -10.91
CA GLY C 457 4.56 18.44 -10.42
C GLY C 457 3.86 18.76 -9.11
N GLN C 458 3.10 17.79 -8.60
CA GLN C 458 2.47 17.80 -7.25
C GLN C 458 2.59 16.38 -6.68
N TRP C 459 3.56 16.18 -5.77
CA TRP C 459 4.06 14.84 -5.37
C TRP C 459 4.04 14.69 -3.84
N ILE C 460 3.32 13.69 -3.33
CA ILE C 460 3.61 13.07 -2.00
C ILE C 460 4.79 12.12 -2.23
N ILE C 461 5.90 12.32 -1.52
CA ILE C 461 7.12 11.46 -1.63
C ILE C 461 7.48 10.91 -0.25
N ASP C 462 7.11 9.66 0.02
CA ASP C 462 7.46 8.91 1.26
C ASP C 462 8.59 7.95 0.96
N ALA C 463 9.70 8.03 1.72
CA ALA C 463 10.79 7.05 1.74
C ALA C 463 11.39 6.85 0.35
N LEU C 464 11.74 7.96 -0.33
CA LEU C 464 12.55 7.94 -1.57
C LEU C 464 14.03 7.97 -1.17
N SER C 465 14.82 7.04 -1.71
CA SER C 465 16.30 6.96 -1.52
C SER C 465 17.00 7.29 -2.84
N LEU C 466 17.95 8.25 -2.80
CA LEU C 466 18.92 8.53 -3.89
C LEU C 466 20.33 8.34 -3.33
N GLU C 467 21.07 7.33 -3.82
CA GLU C 467 22.46 7.03 -3.40
C GLU C 467 23.37 7.05 -4.63
N ASP C 468 24.45 7.85 -4.57
CA ASP C 468 25.53 7.90 -5.60
C ASP C 468 24.90 8.17 -6.97
N CYS C 469 24.07 9.19 -7.06
CA CYS C 469 23.48 9.70 -8.34
C CYS C 469 24.28 10.92 -8.78
N LYS C 470 24.79 10.90 -10.02
CA LYS C 470 25.69 11.94 -10.59
C LYS C 470 25.00 13.30 -10.53
N ASN C 471 23.78 13.40 -11.07
CA ASN C 471 23.01 14.66 -11.21
C ASN C 471 21.79 14.60 -10.31
N PRO C 472 21.25 15.77 -9.87
CA PRO C 472 20.07 15.79 -9.00
C PRO C 472 18.79 15.32 -9.71
N LEU C 473 17.81 14.85 -8.93
CA LEU C 473 16.40 14.71 -9.37
C LEU C 473 15.87 16.12 -9.63
N ILE C 474 15.60 16.44 -10.89
CA ILE C 474 15.10 17.79 -11.31
C ILE C 474 13.63 17.89 -10.87
N ALA C 475 13.34 18.82 -9.96
CA ALA C 475 12.00 19.07 -9.38
C ALA C 475 11.70 20.57 -9.40
N TRP C 476 12.02 21.26 -10.51
CA TRP C 476 11.83 22.72 -10.69
C TRP C 476 10.34 23.06 -10.64
N HIS C 477 9.95 23.98 -9.75
CA HIS C 477 8.57 24.51 -9.58
C HIS C 477 7.61 23.38 -9.16
N SER C 478 8.14 22.29 -8.60
CA SER C 478 7.35 21.08 -8.22
C SER C 478 6.85 21.22 -6.77
N ARG C 479 5.57 20.95 -6.56
CA ARG C 479 4.86 21.09 -5.26
C ARG C 479 5.07 19.80 -4.44
N LEU C 480 6.22 19.68 -3.75
CA LEU C 480 6.64 18.45 -3.03
C LEU C 480 6.08 18.44 -1.61
N ASN C 481 5.67 17.26 -1.14
CA ASN C 481 5.16 16.99 0.23
C ASN C 481 5.80 15.69 0.71
N THR C 482 6.98 15.79 1.35
CA THR C 482 7.95 14.65 1.49
C THR C 482 8.10 14.22 2.96
N ARG C 483 8.52 12.97 3.15
CA ARG C 483 8.93 12.39 4.46
C ARG C 483 10.05 11.36 4.25
N GLN C 484 11.10 11.44 5.07
CA GLN C 484 12.19 10.43 5.17
C GLN C 484 12.84 10.26 3.79
N THR C 485 13.34 11.36 3.21
CA THR C 485 14.16 11.36 1.97
C THR C 485 15.60 11.00 2.35
N ASN C 486 16.12 9.90 1.80
CA ASN C 486 17.49 9.38 2.06
C ASN C 486 18.41 9.82 0.91
N LEU C 487 19.28 10.81 1.17
CA LEU C 487 20.27 11.35 0.19
C LEU C 487 21.67 10.95 0.66
N GLN C 488 22.36 10.10 -0.13
CA GLN C 488 23.72 9.57 0.17
C GLN C 488 24.63 9.80 -1.04
N SER C 489 25.94 9.96 -0.78
CA SER C 489 27.03 10.00 -1.79
C SER C 489 26.79 11.11 -2.81
N GLY C 490 26.49 12.32 -2.35
CA GLY C 490 26.39 13.54 -3.17
C GLY C 490 25.12 13.61 -4.00
N SER C 491 24.13 12.74 -3.75
CA SER C 491 22.78 12.78 -4.38
C SER C 491 21.96 13.89 -3.73
N TRP C 492 21.08 14.53 -4.49
CA TRP C 492 20.17 15.60 -3.99
C TRP C 492 18.99 15.81 -4.93
N ILE C 493 17.95 16.51 -4.45
CA ILE C 493 16.74 16.93 -5.22
C ILE C 493 16.83 18.44 -5.47
N ASP C 494 16.80 18.85 -6.75
CA ASP C 494 16.79 20.27 -7.18
C ASP C 494 15.32 20.73 -7.23
N ASN C 495 14.85 21.38 -6.18
CA ASN C 495 13.47 21.91 -6.03
C ASN C 495 13.48 23.43 -6.22
N SER C 496 14.40 23.95 -7.04
CA SER C 496 14.62 25.39 -7.30
C SER C 496 13.59 25.91 -8.32
N GLU C 497 13.73 27.17 -8.76
CA GLU C 497 12.78 27.84 -9.68
C GLU C 497 13.47 28.15 -11.02
N GLN C 498 14.24 27.20 -11.54
CA GLN C 498 14.86 27.28 -12.89
C GLN C 498 13.83 26.82 -13.94
N GLY C 499 13.97 27.31 -15.18
CA GLY C 499 13.11 26.92 -16.31
C GLY C 499 11.70 27.48 -16.19
N ASP C 500 10.79 26.99 -17.03
CA ASP C 500 9.39 27.49 -17.18
C ASP C 500 8.55 27.02 -15.99
N ARG C 501 7.80 27.92 -15.37
CA ARG C 501 6.74 27.60 -14.38
C ARG C 501 5.44 27.31 -15.14
N TRP C 502 4.85 26.13 -14.92
CA TRP C 502 3.60 25.70 -15.60
C TRP C 502 2.40 26.42 -15.00
N LEU C 503 2.26 26.37 -13.67
CA LEU C 503 1.13 26.97 -12.91
C LEU C 503 1.50 28.39 -12.48
N SER C 504 0.62 29.07 -11.75
CA SER C 504 0.82 30.45 -11.22
C SER C 504 1.85 30.41 -10.08
N ALA C 505 2.40 31.58 -9.74
CA ALA C 505 3.39 31.77 -8.65
C ALA C 505 2.76 31.44 -7.30
N TRP C 506 1.43 31.55 -7.20
CA TRP C 506 0.64 31.34 -5.95
C TRP C 506 0.52 29.85 -5.62
N GLU C 507 0.82 28.97 -6.56
CA GLU C 507 0.71 27.49 -6.39
C GLU C 507 2.04 26.91 -5.90
N MET C 508 3.14 27.67 -6.02
CA MET C 508 4.52 27.20 -5.74
C MET C 508 4.69 26.96 -4.24
N GLY C 509 5.70 26.15 -3.88
CA GLY C 509 6.05 25.80 -2.49
C GLY C 509 6.11 24.28 -2.30
N SER C 510 7.04 23.83 -1.45
CA SER C 510 7.18 22.43 -0.98
C SER C 510 7.22 22.40 0.54
N THR C 511 6.89 21.25 1.15
CA THR C 511 6.96 20.99 2.61
C THR C 511 7.69 19.67 2.83
N ARG C 512 8.83 19.71 3.52
CA ARG C 512 9.68 18.52 3.84
C ARG C 512 9.60 18.25 5.34
N VAL C 513 8.93 17.15 5.73
CA VAL C 513 8.81 16.67 7.14
C VAL C 513 9.85 15.57 7.35
N GLU C 514 10.95 15.90 8.04
CA GLU C 514 12.04 14.94 8.39
C GLU C 514 12.03 14.71 9.90
N SER C 515 12.58 13.56 10.34
CA SER C 515 12.79 13.20 11.76
C SER C 515 13.59 14.31 12.46
N TYR C 516 14.54 14.93 11.76
CA TYR C 516 15.51 15.92 12.30
C TYR C 516 14.98 17.36 12.16
N GLY C 517 13.83 17.57 11.50
CA GLY C 517 13.22 18.90 11.38
C GLY C 517 12.21 19.02 10.24
N VAL C 518 11.49 20.15 10.21
CA VAL C 518 10.42 20.46 9.22
C VAL C 518 10.79 21.76 8.49
N ALA C 519 10.81 21.74 7.16
CA ALA C 519 11.10 22.89 6.28
C ALA C 519 9.88 23.20 5.43
N ILE C 520 9.25 24.36 5.66
CA ILE C 520 7.97 24.78 4.99
C ILE C 520 8.28 25.95 4.05
N ASP C 521 8.34 25.68 2.74
CA ASP C 521 8.47 26.74 1.70
C ASP C 521 7.08 27.35 1.48
N GLY C 522 6.53 28.01 2.50
CA GLY C 522 5.14 28.49 2.54
C GLY C 522 4.70 28.88 3.94
N SER C 523 3.39 29.01 4.14
CA SER C 523 2.77 29.56 5.38
C SER C 523 2.77 28.50 6.48
N LEU C 524 2.79 28.96 7.74
CA LEU C 524 2.50 28.13 8.95
C LEU C 524 1.47 28.87 9.81
N LYS C 525 0.55 28.12 10.43
CA LYS C 525 -0.41 28.63 11.44
C LYS C 525 -0.68 27.51 12.46
N TYR C 526 -0.89 27.87 13.72
CA TYR C 526 -1.16 26.93 14.84
C TYR C 526 -2.04 27.63 15.89
N ASN C 527 -2.81 26.82 16.65
CA ASN C 527 -3.66 27.30 17.76
C ASN C 527 -2.80 28.07 18.77
N TYR C 528 -1.71 27.45 19.23
CA TYR C 528 -0.76 28.04 20.22
C TYR C 528 0.59 27.34 20.14
N LEU C 529 1.66 28.10 20.39
CA LEU C 529 3.06 27.59 20.49
C LEU C 529 3.36 27.27 21.96
N THR C 530 3.72 26.02 22.24
CA THR C 530 4.17 25.55 23.58
C THR C 530 5.65 25.15 23.45
N SER C 531 6.19 24.46 24.47
CA SER C 531 7.59 23.97 24.49
C SER C 531 7.62 22.48 24.84
N ARG C 532 8.63 21.78 24.32
CA ARG C 532 8.98 20.38 24.65
C ARG C 532 9.49 20.31 26.09
N TRP C 533 9.92 21.44 26.65
CA TRP C 533 10.59 21.56 27.98
C TRP C 533 9.84 22.58 28.83
N LEU C 534 9.04 22.10 29.79
CA LEU C 534 8.35 22.92 30.82
C LEU C 534 9.06 22.73 32.16
N LEU C 535 9.62 23.81 32.72
CA LEU C 535 10.34 23.81 34.02
C LEU C 535 9.43 24.38 35.11
N GLU C 536 9.44 23.76 36.30
CA GLU C 536 8.59 24.14 37.45
C GLU C 536 9.49 24.37 38.68
N ASN C 537 9.19 25.42 39.45
CA ASN C 537 9.78 25.70 40.79
C ASN C 537 8.65 26.07 41.75
N ASN C 538 8.03 25.05 42.38
CA ASN C 538 6.98 25.22 43.42
C ASN C 538 7.64 25.24 44.80
N THR C 539 8.74 25.99 44.93
CA THR C 539 9.40 26.34 46.21
C THR C 539 9.53 27.87 46.29
N SER C 540 9.86 28.39 47.47
CA SER C 540 10.15 29.82 47.71
C SER C 540 11.57 30.15 47.23
N GLN C 541 12.48 29.17 47.25
CA GLN C 541 13.93 29.35 46.98
C GLN C 541 14.22 29.18 45.50
N PRO C 542 15.07 30.03 44.89
CA PRO C 542 15.53 29.83 43.51
C PRO C 542 16.33 28.53 43.35
N VAL C 543 16.24 27.90 42.18
CA VAL C 543 16.93 26.62 41.83
C VAL C 543 17.75 26.85 40.55
N TRP C 544 18.99 26.34 40.53
CA TRP C 544 19.89 26.34 39.35
C TRP C 544 19.59 25.11 38.48
N TYR C 545 19.01 25.33 37.30
CA TYR C 545 18.84 24.31 36.22
C TYR C 545 19.91 24.53 35.16
N GLU C 546 20.41 23.44 34.57
CA GLU C 546 21.12 23.47 33.26
C GLU C 546 20.08 23.26 32.16
N LEU C 547 19.86 24.27 31.31
CA LEU C 547 18.87 24.20 30.21
C LEU C 547 19.33 23.17 29.17
N ALA C 548 20.41 23.47 28.45
CA ALA C 548 20.92 22.63 27.35
C ALA C 548 22.38 22.98 27.03
N ASN C 549 23.05 22.11 26.26
CA ASN C 549 24.33 22.40 25.56
C ASN C 549 24.00 22.79 24.12
N LEU C 550 24.46 23.96 23.69
CA LEU C 550 24.29 24.47 22.29
C LEU C 550 25.54 24.12 21.49
N TYR C 551 25.36 23.45 20.34
CA TYR C 551 26.44 23.22 19.34
C TYR C 551 26.31 24.25 18.23
N SER C 552 27.31 25.15 18.12
CA SER C 552 27.39 26.22 17.09
C SER C 552 28.42 25.83 16.04
N PRO C 553 28.01 25.26 14.88
CA PRO C 553 28.96 24.74 13.90
C PRO C 553 29.81 25.78 13.14
N THR C 554 29.44 27.06 13.19
CA THR C 554 30.17 28.18 12.52
C THR C 554 30.39 29.33 13.51
N VAL C 555 31.56 29.98 13.43
CA VAL C 555 31.91 31.18 14.25
C VAL C 555 30.93 32.31 13.89
N GLY C 556 30.26 32.88 14.90
CA GLY C 556 29.30 34.00 14.73
C GLY C 556 27.86 33.56 14.92
N ASP C 557 27.60 32.25 14.92
CA ASP C 557 26.24 31.66 15.10
C ASP C 557 25.62 32.22 16.38
N SER C 558 24.41 32.78 16.28
CA SER C 558 23.65 33.41 17.39
C SER C 558 22.49 32.49 17.81
N TRP C 559 22.31 32.32 19.11
CA TRP C 559 21.13 31.67 19.74
C TRP C 559 20.40 32.70 20.60
N GLU C 560 19.07 32.59 20.68
CA GLU C 560 18.22 33.33 21.65
C GLU C 560 17.26 32.34 22.32
N ILE C 561 17.45 32.08 23.61
CA ILE C 561 16.59 31.19 24.44
C ILE C 561 15.56 32.06 25.18
N GLU C 562 14.32 32.04 24.69
CA GLU C 562 13.15 32.67 25.36
C GLU C 562 12.64 31.74 26.46
N VAL C 563 12.84 32.10 27.72
CA VAL C 563 12.22 31.42 28.90
C VAL C 563 10.85 32.06 29.11
N PHE C 564 9.85 31.62 28.34
CA PHE C 564 8.45 32.11 28.39
C PHE C 564 7.81 31.64 29.71
N GLY C 565 6.95 32.48 30.29
CA GLY C 565 6.32 32.27 31.60
C GLY C 565 6.86 33.25 32.63
N GLN C 566 6.27 33.28 33.83
CA GLN C 566 6.58 34.27 34.89
C GLN C 566 6.73 33.58 36.25
N SER C 567 7.37 34.26 37.19
CA SER C 567 7.39 33.92 38.64
C SER C 567 6.15 34.55 39.30
N GLN C 568 5.65 33.94 40.37
CA GLN C 568 4.41 34.32 41.10
C GLN C 568 3.18 33.84 40.32
N PHE C 569 2.15 33.38 41.04
CA PHE C 569 0.84 32.97 40.49
C PHE C 569 -0.28 33.27 41.50
N ASN C 570 -0.09 34.29 42.34
CA ASN C 570 -1.08 34.72 43.36
C ASN C 570 -1.97 35.81 42.76
N ASN C 571 -3.25 35.83 43.18
CA ASN C 571 -4.30 36.75 42.66
C ASN C 571 -4.00 38.19 43.09
N GLY C 572 -4.78 39.15 42.58
CA GLY C 572 -4.71 40.58 42.94
C GLY C 572 -3.60 41.32 42.21
N THR C 573 -3.25 40.89 40.99
CA THR C 573 -2.28 41.60 40.10
C THR C 573 -2.96 42.85 39.51
N ASP C 574 -4.29 42.84 39.42
CA ASP C 574 -5.12 43.96 38.90
C ASP C 574 -5.99 44.52 40.04
N SER C 575 -5.50 44.43 41.28
CA SER C 575 -6.14 45.02 42.50
C SER C 575 -5.41 46.32 42.90
N GLU C 576 -4.20 46.55 42.38
CA GLU C 576 -3.43 47.80 42.59
C GLU C 576 -2.72 48.17 41.29
N PRO C 577 -2.39 49.47 41.07
CA PRO C 577 -1.63 49.88 39.89
C PRO C 577 -0.16 49.43 39.99
N LEU C 578 0.47 49.12 38.86
CA LEU C 578 1.90 48.74 38.78
C LEU C 578 2.76 50.00 38.98
N MET C 579 3.59 50.01 40.03
CA MET C 579 4.48 51.14 40.40
C MET C 579 5.94 50.71 40.22
N ASN C 580 6.29 49.50 40.65
CA ASN C 580 7.63 48.87 40.47
C ASN C 580 7.56 47.93 39.27
N LEU C 581 8.20 48.30 38.15
CA LEU C 581 8.06 47.61 36.84
C LEU C 581 8.72 46.21 36.89
N ILE C 582 9.66 46.00 37.82
CA ILE C 582 10.42 44.71 37.95
C ILE C 582 9.70 43.78 38.94
N ASP C 583 9.54 44.23 40.20
CA ASP C 583 9.11 43.38 41.35
C ASP C 583 7.64 43.62 41.68
N GLY C 584 6.90 44.34 40.84
CA GLY C 584 5.47 44.67 41.06
C GLY C 584 4.58 43.45 40.86
N ARG C 585 3.35 43.51 41.38
CA ARG C 585 2.30 42.48 41.15
C ARG C 585 1.87 42.54 39.69
N ASN C 586 2.50 41.71 38.84
CA ASN C 586 2.36 41.76 37.36
C ASN C 586 1.80 40.42 36.86
N THR C 587 1.11 40.46 35.72
CA THR C 587 0.70 39.27 34.93
C THR C 587 1.42 39.32 33.58
N GLY C 588 2.01 38.20 33.17
CA GLY C 588 2.89 38.10 31.99
C GLY C 588 4.35 38.25 32.40
N GLY C 589 5.27 37.73 31.58
CA GLY C 589 6.72 37.80 31.84
C GLY C 589 7.50 36.81 30.98
N ARG C 590 8.81 37.02 30.88
CA ARG C 590 9.76 36.15 30.15
C ARG C 590 11.19 36.60 30.46
N ALA C 591 12.16 35.71 30.23
CA ALA C 591 13.61 36.00 30.17
C ALA C 591 14.12 35.65 28.77
N VAL C 592 15.02 36.47 28.22
CA VAL C 592 15.56 36.30 26.84
C VAL C 592 17.09 36.20 26.94
N ILE C 593 17.62 34.98 26.88
CA ILE C 593 19.08 34.67 26.97
C ILE C 593 19.66 34.70 25.55
N HIS C 594 20.61 35.60 25.31
CA HIS C 594 21.36 35.71 24.03
C HIS C 594 22.70 34.95 24.18
N VAL C 595 23.00 34.07 23.23
CA VAL C 595 24.29 33.31 23.14
C VAL C 595 24.80 33.44 21.69
N GLN C 596 26.02 33.92 21.51
CA GLN C 596 26.71 33.91 20.19
C GLN C 596 28.08 33.23 20.36
N ARG C 597 28.43 32.36 19.42
CA ARG C 597 29.81 31.81 19.27
C ARG C 597 30.69 32.90 18.68
N LYS C 598 31.69 33.36 19.45
CA LYS C 598 32.66 34.42 19.04
C LYS C 598 33.85 33.74 18.37
N LYS C 599 34.89 34.50 18.02
CA LYS C 599 36.14 33.99 17.40
C LYS C 599 36.66 32.81 18.24
N ASP C 600 36.73 32.99 19.56
CA ASP C 600 37.06 31.94 20.56
C ASP C 600 35.83 31.69 21.43
N HIS C 601 35.38 30.43 21.50
CA HIS C 601 34.31 29.97 22.45
C HIS C 601 33.02 30.76 22.17
N ALA C 602 32.21 31.00 23.20
CA ALA C 602 30.96 31.79 23.13
C ALA C 602 30.88 32.75 24.32
N GLU C 603 30.13 33.85 24.16
CA GLU C 603 29.78 34.81 25.23
C GLU C 603 28.26 34.96 25.24
N ALA C 604 27.68 35.44 26.34
CA ALA C 604 26.22 35.53 26.56
C ALA C 604 25.85 36.84 27.24
N SER C 605 24.57 37.18 27.20
CA SER C 605 23.90 38.29 27.93
C SER C 605 22.39 38.01 27.90
N TRP C 606 21.61 38.64 28.77
CA TRP C 606 20.15 38.34 28.88
C TRP C 606 19.37 39.53 29.44
N SER C 607 18.10 39.63 29.01
CA SER C 607 17.09 40.62 29.49
C SER C 607 15.87 39.87 30.04
N ALA C 608 14.88 40.59 30.55
CA ALA C 608 13.62 40.04 31.08
C ALA C 608 12.45 40.97 30.73
N GLU C 609 11.22 40.51 31.01
CA GLU C 609 9.97 41.31 30.89
C GLU C 609 9.05 40.97 32.07
N GLY C 610 8.26 41.95 32.53
CA GLY C 610 7.29 41.79 33.62
C GLY C 610 7.89 41.07 34.81
N SER C 611 7.17 40.09 35.38
CA SER C 611 7.60 39.26 36.53
C SER C 611 8.50 38.12 36.01
N SER C 612 9.81 38.35 35.93
CA SER C 612 10.81 37.46 35.29
C SER C 612 10.79 36.08 35.94
N PRO C 613 10.84 34.97 35.14
CA PRO C 613 10.99 33.63 35.70
C PRO C 613 12.44 33.28 36.06
N VAL C 614 13.39 34.12 35.64
CA VAL C 614 14.86 33.89 35.80
C VAL C 614 15.47 35.07 36.57
N LEU C 615 16.29 34.78 37.60
CA LEU C 615 17.01 35.78 38.43
C LEU C 615 18.43 35.97 37.90
N ASP C 616 19.06 34.91 37.38
CA ASP C 616 20.50 34.90 36.99
C ASP C 616 20.74 33.90 35.85
N VAL C 617 21.73 34.18 35.01
CA VAL C 617 22.20 33.28 33.90
C VAL C 617 23.73 33.20 33.97
N ARG C 618 24.26 31.98 34.04
CA ARG C 618 25.70 31.67 33.87
C ARG C 618 25.85 30.68 32.72
N TYR C 619 27.01 30.65 32.07
CA TYR C 619 27.31 29.77 30.91
C TYR C 619 28.71 29.16 31.05
N VAL C 620 28.88 27.92 30.57
CA VAL C 620 30.18 27.21 30.46
C VAL C 620 30.46 26.98 28.97
N ALA C 621 31.51 27.61 28.43
CA ALA C 621 31.96 27.52 27.03
C ALA C 621 33.44 27.14 27.00
N LYS C 622 33.74 25.84 27.04
CA LYS C 622 35.13 25.29 27.11
C LYS C 622 35.53 24.72 25.75
N THR C 623 34.68 24.85 24.74
CA THR C 623 34.94 24.47 23.33
C THR C 623 34.52 25.63 22.43
N ASP C 624 35.12 25.73 21.23
CA ASP C 624 34.73 26.73 20.20
C ASP C 624 33.26 26.50 19.80
N THR C 625 32.80 25.25 19.82
CA THR C 625 31.50 24.80 19.24
C THR C 625 30.43 24.63 20.33
N ASP C 626 30.82 24.29 21.56
CA ASP C 626 29.89 23.86 22.65
C ASP C 626 29.73 24.99 23.68
N THR C 627 28.50 25.19 24.16
CA THR C 627 28.12 26.19 25.21
C THR C 627 27.00 25.63 26.07
N GLN C 628 27.27 25.34 27.35
CA GLN C 628 26.25 24.95 28.37
C GLN C 628 25.65 26.24 28.95
N VAL C 629 24.32 26.32 29.00
CA VAL C 629 23.55 27.50 29.50
C VAL C 629 22.80 27.07 30.77
N PHE C 630 23.04 27.76 31.90
CA PHE C 630 22.39 27.54 33.21
C PHE C 630 21.52 28.76 33.55
N ILE C 631 20.34 28.52 34.14
CA ILE C 631 19.40 29.59 34.60
C ILE C 631 19.10 29.37 36.09
N ARG C 632 19.08 30.45 36.87
CA ARG C 632 18.59 30.46 38.27
C ARG C 632 17.08 30.72 38.24
N LEU C 633 16.30 29.66 38.21
CA LEU C 633 14.81 29.71 38.08
C LEU C 633 14.24 30.32 39.35
N ALA C 634 13.53 31.44 39.23
CA ALA C 634 12.99 32.25 40.35
C ALA C 634 12.03 31.39 41.20
N GLY C 635 11.90 31.73 42.48
CA GLY C 635 10.93 31.11 43.41
C GLY C 635 9.51 31.30 42.91
N TRP C 636 8.66 30.28 43.10
CA TRP C 636 7.23 30.27 42.69
C TRP C 636 7.10 30.56 41.20
N THR C 637 7.88 29.85 40.36
CA THR C 637 7.72 29.80 38.89
C THR C 637 7.00 28.50 38.55
N PRO C 638 5.67 28.53 38.33
CA PRO C 638 4.86 27.31 38.26
C PRO C 638 5.01 26.54 36.94
N SER C 639 5.43 27.21 35.88
CA SER C 639 5.62 26.64 34.52
C SER C 639 6.36 27.65 33.63
N ALA C 640 7.56 27.28 33.15
CA ALA C 640 8.40 28.09 32.24
C ALA C 640 8.70 27.28 30.98
N ALA C 641 8.27 27.78 29.82
CA ALA C 641 8.43 27.13 28.49
C ALA C 641 9.71 27.63 27.82
N ILE C 642 10.55 26.73 27.33
CA ILE C 642 11.83 27.03 26.62
C ILE C 642 11.56 27.02 25.10
N MET C 643 11.66 28.19 24.47
CA MET C 643 11.47 28.39 23.01
C MET C 643 12.71 29.08 22.46
N ILE C 644 13.36 28.49 21.46
CA ILE C 644 14.71 28.92 20.97
C ILE C 644 14.61 29.39 19.52
N LYS C 645 15.34 30.47 19.20
CA LYS C 645 15.65 30.91 17.82
C LYS C 645 17.15 30.72 17.57
N SER C 646 17.56 30.47 16.33
CA SER C 646 18.99 30.23 15.96
C SER C 646 19.25 30.65 14.51
N THR C 647 20.42 31.26 14.28
CA THR C 647 20.97 31.57 12.93
C THR C 647 21.82 30.38 12.44
N ALA C 648 22.04 29.38 13.30
CA ALA C 648 22.93 28.23 13.06
C ALA C 648 22.32 27.29 12.00
N LYS C 649 23.17 26.66 11.19
CA LYS C 649 22.79 25.76 10.07
C LYS C 649 22.19 24.46 10.65
N ASP C 650 21.01 24.07 10.15
CA ASP C 650 20.28 22.85 10.60
C ASP C 650 20.70 21.67 9.72
N ARG C 651 20.07 20.51 9.91
CA ARG C 651 20.47 19.21 9.30
C ARG C 651 20.17 19.21 7.80
N PHE C 652 19.22 20.05 7.34
CA PHE C 652 18.88 20.21 5.90
C PHE C 652 20.06 20.82 5.14
N VAL C 653 20.90 21.61 5.82
CA VAL C 653 22.04 22.39 5.23
C VAL C 653 23.31 21.54 5.28
N THR C 654 23.66 20.99 6.46
CA THR C 654 24.96 20.31 6.72
C THR C 654 24.75 19.11 7.66
N GLY C 655 25.69 18.16 7.64
CA GLY C 655 25.70 16.97 8.51
C GLY C 655 26.16 17.31 9.92
N ARG C 656 27.22 18.12 10.04
CA ARG C 656 27.73 18.67 11.32
C ARG C 656 26.92 19.94 11.62
N CYS C 657 25.64 19.77 11.96
CA CYS C 657 24.62 20.87 12.08
C CYS C 657 24.50 21.34 13.53
N ALA C 658 23.68 22.37 13.74
CA ALA C 658 23.31 22.93 15.06
C ALA C 658 22.56 21.86 15.87
N ARG C 659 22.78 21.83 17.19
CA ARG C 659 22.06 20.95 18.14
C ARG C 659 21.66 21.74 19.38
N VAL C 660 20.52 21.39 19.98
CA VAL C 660 20.15 21.73 21.39
C VAL C 660 20.11 20.41 22.16
N ASP C 661 21.18 20.11 22.89
CA ASP C 661 21.29 18.91 23.78
C ASP C 661 20.60 19.25 25.11
N ALA C 662 19.28 19.10 25.14
CA ALA C 662 18.42 19.43 26.30
C ALA C 662 18.80 18.55 27.50
N LYS C 663 19.19 19.19 28.61
CA LYS C 663 19.40 18.53 29.92
C LYS C 663 18.17 18.81 30.80
N MET C 664 17.81 20.09 30.96
CA MET C 664 16.64 20.56 31.74
C MET C 664 16.67 19.88 33.13
N ALA C 665 17.86 19.81 33.74
CA ALA C 665 18.12 19.11 35.02
C ALA C 665 18.68 20.11 36.04
N LYS C 666 18.32 19.93 37.31
CA LYS C 666 18.83 20.74 38.46
C LYS C 666 20.35 20.52 38.55
N ALA C 667 21.14 21.59 38.42
CA ALA C 667 22.62 21.56 38.40
C ALA C 667 23.18 22.97 38.61
N THR C 668 23.98 23.16 39.66
CA THR C 668 24.67 24.43 39.97
C THR C 668 25.82 24.65 38.98
N PRO C 669 25.99 25.86 38.41
CA PRO C 669 27.11 26.15 37.52
C PRO C 669 28.46 25.81 38.19
N ASP C 670 29.35 25.17 37.45
CA ASP C 670 30.54 24.44 38.00
C ASP C 670 31.75 25.39 38.09
N SER C 671 31.66 26.41 38.96
CA SER C 671 32.77 27.31 39.35
C SER C 671 33.31 28.09 38.15
N GLY C 672 33.87 27.38 37.15
CA GLY C 672 34.48 27.96 35.94
C GLY C 672 33.48 28.65 35.03
N SER C 673 32.18 28.47 35.28
CA SER C 673 31.06 29.15 34.56
C SER C 673 31.22 30.67 34.63
N HIS C 674 30.94 31.37 33.53
CA HIS C 674 30.98 32.85 33.42
C HIS C 674 29.57 33.42 33.54
N ALA C 675 29.38 34.45 34.38
CA ALA C 675 28.10 35.16 34.57
C ALA C 675 27.71 35.88 33.28
N ALA C 676 26.48 35.66 32.81
CA ALA C 676 25.89 36.37 31.65
C ALA C 676 25.39 37.74 32.11
N PRO C 677 25.95 38.86 31.60
CA PRO C 677 25.53 40.20 32.01
C PRO C 677 24.03 40.46 31.80
N GLN C 678 23.38 41.08 32.79
CA GLN C 678 21.96 41.51 32.72
C GLN C 678 21.89 42.81 31.92
N ARG C 679 21.46 42.73 30.66
CA ARG C 679 21.37 43.90 29.72
C ARG C 679 20.16 43.74 28.80
N PHE C 680 19.55 44.86 28.40
CA PHE C 680 18.63 44.97 27.24
C PHE C 680 18.97 46.25 26.47
N SER C 681 18.50 46.35 25.22
CA SER C 681 18.91 47.41 24.26
C SER C 681 17.86 47.50 23.13
N LEU C 682 16.90 48.41 23.27
CA LEU C 682 15.81 48.68 22.29
C LEU C 682 16.05 50.07 21.67
N HIS C 683 16.33 50.14 20.38
CA HIS C 683 16.70 51.38 19.64
C HIS C 683 16.24 51.32 18.18
N ASN C 684 16.50 52.38 17.42
CA ASN C 684 16.26 52.46 15.95
C ASN C 684 17.57 52.66 15.20
N GLY C 685 18.71 52.67 15.91
CA GLY C 685 20.06 52.87 15.34
C GLY C 685 20.58 54.27 15.56
N LYS C 686 19.75 55.17 16.12
CA LYS C 686 20.10 56.59 16.42
C LYS C 686 19.85 56.88 17.91
N ALA C 687 18.62 56.68 18.36
CA ALA C 687 18.16 56.88 19.75
C ALA C 687 17.56 55.57 20.29
N GLY C 688 17.44 55.44 21.61
CA GLY C 688 16.79 54.27 22.25
C GLY C 688 16.91 54.27 23.75
N VAL C 689 16.57 53.13 24.37
CA VAL C 689 16.58 52.88 25.84
C VAL C 689 17.21 51.50 26.08
N GLY C 690 17.82 51.29 27.24
CA GLY C 690 18.46 50.01 27.63
C GLY C 690 18.70 49.94 29.13
N ALA C 691 19.38 48.87 29.58
CA ALA C 691 19.87 48.67 30.95
C ALA C 691 21.23 47.96 30.89
N ASN C 692 22.05 48.10 31.94
CA ASN C 692 23.37 47.44 32.05
C ASN C 692 23.44 46.64 33.35
N GLU C 693 24.47 45.79 33.48
CA GLU C 693 24.63 44.81 34.59
C GLU C 693 24.86 45.53 35.93
N GLN C 694 25.35 46.78 35.89
CA GLN C 694 25.57 47.63 37.10
C GLN C 694 24.22 48.01 37.72
N GLY C 695 23.17 48.08 36.91
CA GLY C 695 21.80 48.41 37.33
C GLY C 695 21.41 49.84 37.00
N ASP C 696 21.91 50.36 35.87
CA ASP C 696 21.63 51.73 35.37
C ASP C 696 20.76 51.64 34.11
N LEU C 697 19.70 52.45 34.03
CA LEU C 697 18.95 52.74 32.79
C LEU C 697 19.91 53.42 31.80
N LEU C 698 19.90 52.99 30.55
CA LEU C 698 20.68 53.62 29.43
C LEU C 698 19.71 54.43 28.57
N LEU C 699 20.11 55.64 28.17
CA LEU C 699 19.36 56.51 27.22
C LEU C 699 20.29 56.97 26.11
N ALA C 700 19.80 56.95 24.87
CA ALA C 700 20.50 57.46 23.67
C ALA C 700 19.56 58.42 22.93
N SER C 701 20.04 59.62 22.62
CA SER C 701 19.30 60.69 21.91
C SER C 701 20.28 61.78 21.45
N ARG C 702 19.83 62.73 20.63
CA ARG C 702 20.66 63.85 20.12
C ARG C 702 21.13 64.72 21.29
N ALA C 703 22.45 64.94 21.39
CA ALA C 703 23.08 65.85 22.37
C ALA C 703 22.71 67.30 22.04
N LEU C 704 22.40 68.10 23.06
CA LEU C 704 22.04 69.54 22.92
C LEU C 704 23.15 70.42 23.51
N SER C 705 23.43 71.56 22.87
CA SER C 705 24.28 72.65 23.40
C SER C 705 23.49 73.46 24.42
N ALA C 706 24.09 73.76 25.57
CA ALA C 706 23.51 74.60 26.65
C ALA C 706 23.10 75.96 26.10
N ASP C 707 23.79 76.43 25.05
CA ASP C 707 23.54 77.72 24.34
C ASP C 707 22.11 77.77 23.80
N ASN C 708 21.60 76.65 23.28
CA ASN C 708 20.30 76.55 22.56
C ASN C 708 19.15 76.27 23.53
N VAL C 709 19.43 76.17 24.84
CA VAL C 709 18.43 75.81 25.89
C VAL C 709 18.19 77.02 26.81
N ASP C 710 16.93 77.33 27.08
CA ASP C 710 16.49 78.28 28.14
C ASP C 710 16.80 77.63 29.50
N THR C 711 17.99 77.88 30.03
CA THR C 711 18.65 77.08 31.10
C THR C 711 18.14 77.43 32.50
N ARG C 712 17.56 78.64 32.68
CA ARG C 712 17.34 79.23 34.03
C ARG C 712 16.14 78.59 34.74
N LYS C 713 15.18 77.99 34.02
CA LYS C 713 13.94 77.44 34.61
C LYS C 713 13.39 76.30 33.75
N PRO C 714 12.90 75.19 34.37
CA PRO C 714 12.20 74.14 33.61
C PRO C 714 10.89 74.65 33.00
N GLU C 715 10.65 74.33 31.72
CA GLU C 715 9.43 74.73 30.96
C GLU C 715 8.19 74.08 31.58
N GLY C 716 8.28 72.78 31.88
CA GLY C 716 7.18 71.99 32.47
C GLY C 716 7.66 70.65 33.01
N PHE C 717 6.73 69.82 33.48
CA PHE C 717 6.99 68.49 34.08
C PHE C 717 5.99 67.46 33.55
N VAL C 718 6.29 66.17 33.71
CA VAL C 718 5.39 65.02 33.38
C VAL C 718 5.44 64.03 34.54
N SER C 719 4.30 63.40 34.86
CA SER C 719 4.12 62.43 35.98
C SER C 719 4.80 61.10 35.63
N VAL C 720 5.96 60.82 36.23
CA VAL C 720 6.76 59.58 36.03
C VAL C 720 6.91 58.87 37.38
N VAL C 721 6.71 57.54 37.40
CA VAL C 721 6.94 56.69 38.59
C VAL C 721 8.39 56.16 38.52
N ILE C 722 9.33 56.89 39.12
CA ILE C 722 10.78 56.53 39.18
C ILE C 722 10.99 55.60 40.38
N ASN C 723 11.65 54.46 40.16
CA ASN C 723 11.79 53.35 41.13
C ASN C 723 10.39 52.91 41.58
N GLY C 724 9.91 53.42 42.72
CA GLY C 724 8.62 53.04 43.32
C GLY C 724 7.63 54.19 43.44
N LYS C 725 8.12 55.45 43.42
CA LYS C 725 7.33 56.65 43.78
C LYS C 725 6.93 57.43 42.52
N THR C 726 5.67 57.87 42.46
CA THR C 726 5.15 58.84 41.45
C THR C 726 5.83 60.19 41.69
N VAL C 727 6.34 60.82 40.64
CA VAL C 727 7.34 61.92 40.70
C VAL C 727 7.21 62.80 39.44
N ALA C 728 7.67 64.05 39.51
CA ALA C 728 7.65 65.03 38.40
C ALA C 728 9.00 65.03 37.68
N LEU C 729 9.00 64.70 36.38
CA LEU C 729 10.21 64.69 35.50
C LEU C 729 10.29 66.03 34.77
N PRO C 730 11.38 66.81 34.94
CA PRO C 730 11.49 68.14 34.33
C PRO C 730 12.02 68.11 32.89
N TYR C 731 11.76 69.19 32.15
CA TYR C 731 12.35 69.48 30.82
C TYR C 731 12.45 70.99 30.62
N PHE C 732 13.58 71.44 30.08
CA PHE C 732 13.87 72.88 29.77
C PHE C 732 13.56 73.12 28.29
N ALA C 733 13.19 74.36 27.96
CA ALA C 733 12.80 74.79 26.60
C ALA C 733 14.04 74.92 25.71
N ILE C 734 13.84 74.81 24.39
CA ILE C 734 14.87 75.06 23.34
C ILE C 734 14.47 76.33 22.58
N LYS C 735 15.40 77.26 22.37
CA LYS C 735 15.15 78.55 21.67
C LYS C 735 15.79 78.53 20.28
#